data_2EEC
#
_entry.id   2EEC
#
_entity_poly.entity_id   1
_entity_poly.type   'polypeptide(L)'
_entity_poly.pdbx_seq_one_letter_code
;GSSGSSGFKVRVGEPGQAGNPALVSAYGTGLEGGTTGIQSEFFINTTRAGPGTLSVTIEGPSKVKMDCQETPEGYKVMYT
PMAPGNYLISVKYGGPNHIVGSPFKAKVTGQRLVSPGSANETSSI
;
_entity_poly.pdbx_strand_id   A
#
# COMPACT_ATOMS: atom_id res chain seq x y z
N GLY A 1 -36.63 -46.99 -6.75
CA GLY A 1 -36.12 -45.67 -6.42
C GLY A 1 -35.75 -44.87 -7.65
N SER A 2 -35.68 -43.55 -7.49
CA SER A 2 -35.34 -42.66 -8.60
C SER A 2 -35.04 -41.25 -8.09
N SER A 3 -34.49 -40.43 -8.97
CA SER A 3 -34.15 -39.06 -8.62
C SER A 3 -34.20 -38.14 -9.84
N GLY A 4 -34.11 -36.84 -9.61
CA GLY A 4 -34.15 -35.88 -10.70
C GLY A 4 -32.79 -35.29 -11.00
N SER A 5 -32.70 -34.48 -12.05
CA SER A 5 -31.45 -33.85 -12.43
C SER A 5 -31.54 -32.34 -12.27
N SER A 6 -30.37 -31.69 -12.25
CA SER A 6 -30.31 -30.24 -12.09
C SER A 6 -28.97 -29.69 -12.57
N GLY A 7 -29.02 -28.82 -13.57
CA GLY A 7 -27.80 -28.24 -14.12
C GLY A 7 -27.89 -26.72 -14.25
N PHE A 8 -26.91 -26.15 -14.94
CA PHE A 8 -26.88 -24.70 -15.14
C PHE A 8 -26.28 -24.35 -16.51
N LYS A 9 -27.09 -23.70 -17.34
CA LYS A 9 -26.64 -23.32 -18.68
C LYS A 9 -26.78 -21.82 -18.88
N VAL A 10 -25.67 -21.10 -18.69
CA VAL A 10 -25.67 -19.64 -18.85
C VAL A 10 -24.50 -19.19 -19.71
N ARG A 11 -24.73 -18.19 -20.55
CA ARG A 11 -23.68 -17.66 -21.42
C ARG A 11 -23.00 -16.47 -20.78
N VAL A 12 -21.73 -16.27 -21.11
CA VAL A 12 -20.96 -15.17 -20.56
C VAL A 12 -21.44 -13.83 -21.12
N GLY A 13 -22.31 -13.15 -20.36
CA GLY A 13 -22.83 -11.88 -20.79
C GLY A 13 -21.99 -10.71 -20.31
N GLU A 14 -20.77 -11.00 -19.89
CA GLU A 14 -19.86 -9.96 -19.41
C GLU A 14 -18.53 -10.00 -20.16
N PRO A 15 -17.84 -8.85 -20.20
CA PRO A 15 -16.55 -8.73 -20.89
C PRO A 15 -15.44 -9.47 -20.17
N GLY A 16 -15.68 -9.83 -18.91
CA GLY A 16 -14.69 -10.55 -18.13
C GLY A 16 -13.77 -9.63 -17.36
N GLN A 17 -12.86 -8.97 -18.08
CA GLN A 17 -11.92 -8.06 -17.45
C GLN A 17 -12.15 -6.62 -17.93
N ALA A 18 -12.02 -5.67 -17.02
CA ALA A 18 -12.21 -4.26 -17.35
C ALA A 18 -11.60 -3.36 -16.29
N GLY A 19 -10.81 -2.39 -16.73
CA GLY A 19 -10.17 -1.47 -15.81
C GLY A 19 -11.08 -1.09 -14.65
N ASN A 20 -10.90 -1.75 -13.51
CA ASN A 20 -11.71 -1.47 -12.33
C ASN A 20 -10.83 -1.19 -11.12
N PRO A 21 -10.72 0.09 -10.76
CA PRO A 21 -9.92 0.53 -9.61
C PRO A 21 -10.52 0.10 -8.28
N ALA A 22 -11.84 -0.04 -8.25
CA ALA A 22 -12.54 -0.45 -7.05
C ALA A 22 -12.13 -1.86 -6.62
N LEU A 23 -12.04 -2.76 -7.59
CA LEU A 23 -11.66 -4.14 -7.31
C LEU A 23 -10.37 -4.20 -6.50
N VAL A 24 -9.49 -3.23 -6.73
CA VAL A 24 -8.22 -3.17 -6.02
C VAL A 24 -8.44 -3.17 -4.51
N SER A 25 -7.76 -4.07 -3.81
CA SER A 25 -7.89 -4.18 -2.37
C SER A 25 -6.51 -4.10 -1.69
N ALA A 26 -6.51 -3.64 -0.44
CA ALA A 26 -5.26 -3.51 0.31
C ALA A 26 -5.44 -3.95 1.76
N TYR A 27 -4.51 -4.76 2.24
CA TYR A 27 -4.58 -5.26 3.61
C TYR A 27 -3.19 -5.67 4.10
N GLY A 28 -3.04 -5.72 5.43
CA GLY A 28 -1.76 -6.10 6.00
C GLY A 28 -1.65 -5.71 7.46
N THR A 29 -0.43 -5.42 7.90
CA THR A 29 -0.19 -5.03 9.29
C THR A 29 0.19 -3.56 9.39
N GLY A 30 0.62 -2.98 8.28
CA GLY A 30 1.01 -1.58 8.27
C GLY A 30 -0.19 -0.65 8.38
N LEU A 31 -1.33 -1.09 7.84
CA LEU A 31 -2.54 -0.28 7.89
C LEU A 31 -3.18 -0.33 9.27
N GLU A 32 -2.85 -1.36 10.04
CA GLU A 32 -3.39 -1.52 11.39
C GLU A 32 -3.05 -0.30 12.24
N GLY A 33 -1.81 0.17 12.14
CA GLY A 33 -1.39 1.32 12.91
C GLY A 33 0.01 1.79 12.55
N GLY A 34 0.49 2.80 13.25
CA GLY A 34 1.81 3.33 12.99
C GLY A 34 2.81 2.97 14.07
N THR A 35 3.70 2.03 13.78
CA THR A 35 4.71 1.60 14.74
C THR A 35 6.07 2.22 14.44
N THR A 36 6.44 3.21 15.23
CA THR A 36 7.72 3.89 15.05
C THR A 36 8.87 3.02 15.51
N GLY A 37 9.64 2.51 14.55
CA GLY A 37 10.77 1.66 14.88
C GLY A 37 10.66 0.27 14.28
N ILE A 38 9.45 -0.08 13.85
CA ILE A 38 9.21 -1.39 13.25
C ILE A 38 8.87 -1.26 11.77
N GLN A 39 9.31 -2.24 10.98
CA GLN A 39 9.04 -2.23 9.54
C GLN A 39 7.77 -3.00 9.22
N SER A 40 6.74 -2.28 8.77
CA SER A 40 5.46 -2.90 8.44
C SER A 40 5.33 -3.09 6.93
N GLU A 41 4.50 -4.03 6.52
CA GLU A 41 4.28 -4.31 5.10
C GLU A 41 2.84 -4.74 4.86
N PHE A 42 2.34 -4.45 3.65
CA PHE A 42 0.98 -4.80 3.28
C PHE A 42 0.91 -5.24 1.83
N PHE A 43 0.12 -6.29 1.56
CA PHE A 43 -0.03 -6.80 0.22
C PHE A 43 -1.10 -6.02 -0.56
N ILE A 44 -0.93 -5.95 -1.88
CA ILE A 44 -1.87 -5.23 -2.72
C ILE A 44 -2.58 -6.17 -3.68
N ASN A 45 -3.85 -6.45 -3.39
CA ASN A 45 -4.65 -7.34 -4.23
C ASN A 45 -4.89 -6.72 -5.60
N THR A 46 -4.17 -7.21 -6.60
CA THR A 46 -4.30 -6.72 -7.97
C THR A 46 -4.51 -7.85 -8.96
N THR A 47 -5.08 -8.96 -8.47
CA THR A 47 -5.33 -10.12 -9.31
C THR A 47 -6.64 -9.96 -10.09
N ARG A 48 -7.65 -9.41 -9.42
CA ARG A 48 -8.96 -9.21 -10.04
C ARG A 48 -8.94 -8.00 -10.96
N ALA A 49 -8.17 -6.98 -10.57
CA ALA A 49 -8.07 -5.76 -11.35
C ALA A 49 -7.28 -6.00 -12.65
N GLY A 50 -6.04 -6.46 -12.49
CA GLY A 50 -5.20 -6.71 -13.66
C GLY A 50 -3.78 -6.26 -13.45
N PRO A 51 -2.89 -6.65 -14.37
CA PRO A 51 -1.47 -6.28 -14.31
C PRO A 51 -1.24 -4.79 -14.58
N GLY A 52 -2.33 -4.07 -14.79
CA GLY A 52 -2.23 -2.64 -15.06
C GLY A 52 -1.23 -1.95 -14.14
N THR A 53 -0.89 -0.71 -14.47
CA THR A 53 0.06 0.06 -13.67
C THR A 53 -0.57 0.50 -12.34
N LEU A 54 0.27 0.77 -11.36
CA LEU A 54 -0.19 1.20 -10.04
C LEU A 54 0.72 2.27 -9.47
N SER A 55 0.24 2.96 -8.43
CA SER A 55 1.00 4.02 -7.79
C SER A 55 0.76 4.02 -6.28
N VAL A 56 1.79 4.40 -5.53
CA VAL A 56 1.69 4.45 -4.07
C VAL A 56 2.47 5.63 -3.51
N THR A 57 1.77 6.48 -2.75
CA THR A 57 2.39 7.66 -2.16
C THR A 57 2.08 7.74 -0.66
N ILE A 58 3.07 8.16 0.12
CA ILE A 58 2.90 8.28 1.56
C ILE A 58 3.27 9.69 2.04
N GLU A 59 2.39 10.29 2.82
CA GLU A 59 2.62 11.63 3.35
C GLU A 59 2.77 11.60 4.86
N GLY A 60 3.09 12.76 5.44
CA GLY A 60 3.26 12.85 6.87
C GLY A 60 4.29 13.90 7.27
N PRO A 61 4.38 14.17 8.58
CA PRO A 61 5.33 15.15 9.12
C PRO A 61 6.78 14.70 8.99
N SER A 62 6.98 13.40 8.80
CA SER A 62 8.31 12.84 8.67
C SER A 62 8.37 11.81 7.55
N LYS A 63 9.16 12.10 6.52
CA LYS A 63 9.30 11.21 5.38
C LYS A 63 9.62 9.79 5.83
N VAL A 64 9.50 8.83 4.93
CA VAL A 64 9.78 7.43 5.23
C VAL A 64 10.34 6.70 4.02
N LYS A 65 11.32 5.84 4.26
CA LYS A 65 11.94 5.08 3.19
C LYS A 65 10.97 4.08 2.59
N MET A 66 10.31 4.47 1.50
CA MET A 66 9.34 3.60 0.83
C MET A 66 10.05 2.60 -0.08
N ASP A 67 9.59 1.35 -0.04
CA ASP A 67 10.18 0.31 -0.88
C ASP A 67 9.11 -0.37 -1.73
N CYS A 68 9.51 -0.84 -2.91
CA CYS A 68 8.59 -1.51 -3.81
C CYS A 68 9.27 -2.67 -4.52
N GLN A 69 8.65 -3.84 -4.46
CA GLN A 69 9.20 -5.04 -5.10
C GLN A 69 8.18 -5.68 -6.02
N GLU A 70 8.66 -6.37 -7.05
CA GLU A 70 7.79 -7.04 -8.00
C GLU A 70 7.35 -8.40 -7.48
N THR A 71 6.05 -8.52 -7.17
CA THR A 71 5.50 -9.77 -6.67
C THR A 71 4.50 -10.37 -7.64
N PRO A 72 4.36 -11.71 -7.60
CA PRO A 72 3.43 -12.43 -8.48
C PRO A 72 1.97 -12.16 -8.12
N GLU A 73 1.75 -11.63 -6.92
CA GLU A 73 0.40 -11.33 -6.46
C GLU A 73 0.03 -9.88 -6.72
N GLY A 74 1.07 -9.04 -6.88
CA GLY A 74 0.84 -7.63 -7.13
C GLY A 74 2.07 -6.79 -6.86
N TYR A 75 2.06 -6.07 -5.74
CA TYR A 75 3.18 -5.22 -5.37
C TYR A 75 3.28 -5.07 -3.85
N LYS A 76 4.45 -5.35 -3.31
CA LYS A 76 4.68 -5.24 -1.87
C LYS A 76 5.19 -3.86 -1.51
N VAL A 77 4.66 -3.29 -0.43
CA VAL A 77 5.07 -1.97 0.03
C VAL A 77 5.52 -2.01 1.48
N MET A 78 6.77 -1.62 1.72
CA MET A 78 7.33 -1.62 3.07
C MET A 78 7.75 -0.21 3.48
N TYR A 79 7.25 0.26 4.61
CA TYR A 79 7.58 1.58 5.10
C TYR A 79 7.72 1.58 6.63
N THR A 80 8.82 2.15 7.12
CA THR A 80 9.07 2.21 8.54
C THR A 80 9.21 3.65 9.02
N PRO A 81 8.20 4.13 9.76
CA PRO A 81 8.18 5.50 10.28
C PRO A 81 9.21 5.71 11.38
N MET A 82 9.71 6.93 11.49
CA MET A 82 10.71 7.26 12.50
C MET A 82 10.14 8.24 13.52
N ALA A 83 9.18 9.05 13.09
CA ALA A 83 8.56 10.03 13.97
C ALA A 83 7.04 9.88 13.98
N PRO A 84 6.42 10.11 15.14
CA PRO A 84 4.97 9.99 15.31
C PRO A 84 4.22 11.11 14.58
N GLY A 85 2.90 10.95 14.47
CA GLY A 85 2.08 11.94 13.80
C GLY A 85 1.05 11.32 12.88
N ASN A 86 0.42 12.14 12.06
CA ASN A 86 -0.61 11.67 11.14
C ASN A 86 0.00 11.37 9.77
N TYR A 87 -0.22 10.15 9.29
CA TYR A 87 0.30 9.73 7.99
C TYR A 87 -0.83 9.40 7.02
N LEU A 88 -0.59 9.61 5.74
CA LEU A 88 -1.59 9.34 4.71
C LEU A 88 -1.00 8.48 3.60
N ILE A 89 -1.73 7.43 3.21
CA ILE A 89 -1.28 6.54 2.16
C ILE A 89 -2.27 6.51 0.99
N SER A 90 -1.86 7.06 -0.14
CA SER A 90 -2.71 7.10 -1.32
C SER A 90 -2.42 5.91 -2.25
N VAL A 91 -3.46 5.40 -2.89
CA VAL A 91 -3.31 4.27 -3.80
C VAL A 91 -4.09 4.50 -5.08
N LYS A 92 -3.37 4.81 -6.16
CA LYS A 92 -4.00 5.05 -7.45
C LYS A 92 -3.75 3.89 -8.41
N TYR A 93 -4.71 3.66 -9.31
CA TYR A 93 -4.60 2.57 -10.27
C TYR A 93 -5.39 2.88 -11.54
N GLY A 94 -4.72 2.82 -12.68
CA GLY A 94 -5.38 3.10 -13.95
C GLY A 94 -5.45 4.58 -14.25
N GLY A 95 -5.80 5.37 -13.25
CA GLY A 95 -5.90 6.82 -13.44
C GLY A 95 -5.88 7.57 -12.13
N PRO A 96 -6.39 8.81 -12.16
CA PRO A 96 -6.45 9.68 -10.96
C PRO A 96 -7.45 9.17 -9.93
N ASN A 97 -8.31 8.25 -10.36
CA ASN A 97 -9.32 7.69 -9.46
C ASN A 97 -8.68 6.78 -8.41
N HIS A 98 -8.96 7.07 -7.15
CA HIS A 98 -8.41 6.28 -6.04
C HIS A 98 -9.20 4.99 -5.86
N ILE A 99 -8.59 4.01 -5.19
CA ILE A 99 -9.24 2.73 -4.94
C ILE A 99 -10.12 2.79 -3.71
N VAL A 100 -10.98 1.80 -3.55
CA VAL A 100 -11.88 1.73 -2.41
C VAL A 100 -11.11 1.62 -1.10
N GLY A 101 -11.62 2.28 -0.07
CA GLY A 101 -10.96 2.24 1.23
C GLY A 101 -10.05 3.43 1.45
N SER A 102 -9.43 3.91 0.37
CA SER A 102 -8.52 5.04 0.46
C SER A 102 -9.27 6.36 0.38
N PRO A 103 -8.63 7.44 0.83
CA PRO A 103 -7.27 7.39 1.38
C PRO A 103 -7.22 6.67 2.72
N PHE A 104 -6.02 6.25 3.11
CA PHE A 104 -5.83 5.55 4.38
C PHE A 104 -5.22 6.47 5.42
N LYS A 105 -5.93 6.67 6.53
CA LYS A 105 -5.46 7.53 7.61
C LYS A 105 -5.00 6.70 8.80
N ALA A 106 -3.70 6.47 8.90
CA ALA A 106 -3.14 5.70 10.00
C ALA A 106 -2.50 6.61 11.05
N LYS A 107 -2.68 6.26 12.32
CA LYS A 107 -2.11 7.05 13.41
C LYS A 107 -0.87 6.38 13.98
N VAL A 108 0.24 7.12 14.00
CA VAL A 108 1.50 6.60 14.52
C VAL A 108 1.76 7.12 15.92
N THR A 109 2.12 6.21 16.83
CA THR A 109 2.40 6.57 18.20
C THR A 109 3.82 6.18 18.60
N GLY A 110 4.15 6.39 19.87
CA GLY A 110 5.49 6.04 20.34
C GLY A 110 6.51 7.10 19.98
N GLN A 111 6.88 7.93 20.96
CA GLN A 111 7.86 8.99 20.73
C GLN A 111 8.98 8.50 19.82
N ARG A 112 9.56 9.43 19.06
CA ARG A 112 10.64 9.10 18.13
C ARG A 112 11.65 8.17 18.79
N LEU A 113 12.47 7.52 17.97
CA LEU A 113 13.48 6.60 18.47
C LEU A 113 14.68 7.36 19.03
N VAL A 114 15.55 6.63 19.73
CA VAL A 114 16.73 7.24 20.33
C VAL A 114 18.01 6.68 19.71
N SER A 115 18.84 7.57 19.17
CA SER A 115 20.10 7.17 18.54
C SER A 115 21.06 8.34 18.46
N PRO A 116 22.37 8.04 18.61
CA PRO A 116 23.42 9.05 18.55
C PRO A 116 23.61 9.62 17.15
N GLY A 117 23.28 10.89 16.98
CA GLY A 117 23.41 11.53 15.68
C GLY A 117 23.23 13.04 15.75
N SER A 118 22.42 13.57 14.85
CA SER A 118 22.16 15.02 14.81
C SER A 118 23.46 15.79 14.64
N ALA A 119 24.33 15.29 13.76
CA ALA A 119 25.61 15.94 13.51
C ALA A 119 25.53 16.84 12.27
N ASN A 120 25.94 18.09 12.43
CA ASN A 120 25.92 19.04 11.32
C ASN A 120 27.20 18.97 10.51
N GLU A 121 27.06 18.89 9.19
CA GLU A 121 28.22 18.82 8.30
C GLU A 121 28.90 20.18 8.18
N THR A 122 30.18 20.16 7.80
CA THR A 122 30.94 21.39 7.66
C THR A 122 30.45 22.21 6.47
N SER A 123 30.80 23.50 6.46
CA SER A 123 30.38 24.39 5.38
C SER A 123 28.88 24.29 5.14
N SER A 124 28.12 24.25 6.24
CA SER A 124 26.67 24.15 6.15
C SER A 124 26.11 25.16 5.15
N ILE A 125 26.47 26.42 5.33
CA ILE A 125 26.02 27.49 4.44
C ILE A 125 26.02 27.02 2.99
N GLY A 1 -19.24 13.94 -44.44
CA GLY A 1 -20.42 13.20 -44.07
C GLY A 1 -20.99 13.62 -42.74
N SER A 2 -22.15 13.07 -42.37
CA SER A 2 -22.79 13.40 -41.11
C SER A 2 -23.76 12.30 -40.69
N SER A 3 -24.32 12.43 -39.50
CA SER A 3 -25.26 11.45 -38.97
C SER A 3 -25.89 11.94 -37.67
N GLY A 4 -27.16 11.61 -37.47
CA GLY A 4 -27.86 12.02 -36.27
C GLY A 4 -27.32 11.33 -35.03
N SER A 5 -27.47 11.99 -33.88
CA SER A 5 -26.98 11.44 -32.62
C SER A 5 -27.44 12.30 -31.45
N SER A 6 -28.40 11.78 -30.68
CA SER A 6 -28.92 12.50 -29.52
C SER A 6 -27.86 12.65 -28.44
N GLY A 7 -28.10 13.56 -27.50
CA GLY A 7 -27.16 13.78 -26.43
C GLY A 7 -27.28 12.75 -25.32
N PHE A 8 -27.21 11.47 -25.69
CA PHE A 8 -27.32 10.39 -24.72
C PHE A 8 -26.43 9.22 -25.13
N LYS A 9 -25.41 8.95 -24.32
CA LYS A 9 -24.48 7.86 -24.60
C LYS A 9 -24.90 6.60 -23.84
N VAL A 10 -24.34 5.46 -24.25
CA VAL A 10 -24.65 4.19 -23.60
C VAL A 10 -23.38 3.49 -23.12
N ARG A 11 -23.43 2.95 -21.91
CA ARG A 11 -22.27 2.26 -21.35
C ARG A 11 -22.45 0.75 -21.45
N VAL A 12 -21.43 0.07 -21.97
CA VAL A 12 -21.48 -1.38 -22.12
C VAL A 12 -20.07 -1.97 -22.21
N GLY A 13 -19.99 -3.30 -22.12
CA GLY A 13 -18.70 -3.95 -22.19
C GLY A 13 -17.67 -3.32 -21.27
N GLU A 14 -16.41 -3.72 -21.44
CA GLU A 14 -15.33 -3.19 -20.62
C GLU A 14 -14.24 -2.55 -21.49
N PRO A 15 -13.53 -1.56 -20.93
CA PRO A 15 -12.46 -0.87 -21.64
C PRO A 15 -11.24 -1.75 -21.86
N GLY A 16 -10.32 -1.28 -22.69
CA GLY A 16 -9.10 -2.04 -22.97
C GLY A 16 -8.17 -2.09 -21.79
N GLN A 17 -7.38 -1.04 -21.62
CA GLN A 17 -6.42 -0.98 -20.52
C GLN A 17 -7.04 -1.50 -19.22
N ALA A 18 -6.33 -2.42 -18.57
CA ALA A 18 -6.82 -3.00 -17.32
C ALA A 18 -6.32 -2.21 -16.12
N GLY A 19 -7.24 -1.88 -15.22
CA GLY A 19 -6.87 -1.13 -14.02
C GLY A 19 -8.08 -0.66 -13.24
N ASN A 20 -8.96 -1.60 -12.91
CA ASN A 20 -10.17 -1.27 -12.15
C ASN A 20 -9.89 -1.26 -10.66
N PRO A 21 -10.10 -0.10 -10.02
CA PRO A 21 -9.87 0.06 -8.58
C PRO A 21 -10.89 -0.69 -7.74
N ALA A 22 -12.09 -0.87 -8.30
CA ALA A 22 -13.16 -1.58 -7.61
C ALA A 22 -12.68 -2.94 -7.10
N LEU A 23 -12.02 -3.69 -7.97
CA LEU A 23 -11.52 -5.01 -7.61
C LEU A 23 -10.28 -4.90 -6.73
N VAL A 24 -9.41 -3.94 -7.04
CA VAL A 24 -8.20 -3.71 -6.27
C VAL A 24 -8.49 -3.68 -4.78
N SER A 25 -7.58 -4.23 -3.99
CA SER A 25 -7.74 -4.25 -2.55
C SER A 25 -6.38 -4.13 -1.84
N ALA A 26 -6.41 -3.60 -0.62
CA ALA A 26 -5.18 -3.43 0.16
C ALA A 26 -5.37 -3.89 1.59
N TYR A 27 -4.37 -4.58 2.13
CA TYR A 27 -4.43 -5.08 3.49
C TYR A 27 -3.04 -5.44 4.01
N GLY A 28 -2.93 -5.66 5.31
CA GLY A 28 -1.65 -6.01 5.90
C GLY A 28 -1.52 -5.52 7.33
N THR A 29 -0.31 -5.13 7.71
CA THR A 29 -0.05 -4.64 9.07
C THR A 29 0.39 -3.18 9.04
N GLY A 30 0.62 -2.65 7.83
CA GLY A 30 1.04 -1.27 7.70
C GLY A 30 -0.12 -0.29 7.83
N LEU A 31 -1.28 -0.70 7.33
CA LEU A 31 -2.47 0.15 7.39
C LEU A 31 -3.08 0.14 8.79
N GLU A 32 -2.89 -0.96 9.51
CA GLU A 32 -3.42 -1.10 10.85
C GLU A 32 -3.04 0.11 11.71
N GLY A 33 -1.79 0.55 11.59
CA GLY A 33 -1.33 1.68 12.37
C GLY A 33 0.14 1.98 12.13
N GLY A 34 0.62 3.10 12.68
CA GLY A 34 2.00 3.47 12.50
C GLY A 34 2.86 3.07 13.69
N THR A 35 3.66 2.02 13.50
CA THR A 35 4.53 1.53 14.56
C THR A 35 5.95 2.03 14.39
N THR A 36 6.35 2.98 15.23
CA THR A 36 7.68 3.55 15.17
C THR A 36 8.72 2.60 15.76
N GLY A 37 9.59 2.08 14.91
CA GLY A 37 10.62 1.16 15.37
C GLY A 37 10.48 -0.22 14.75
N ILE A 38 9.28 -0.55 14.32
CA ILE A 38 9.02 -1.85 13.70
C ILE A 38 8.79 -1.71 12.20
N GLN A 39 8.97 -2.81 11.47
CA GLN A 39 8.78 -2.82 10.02
C GLN A 39 7.49 -3.53 9.64
N SER A 40 6.67 -2.88 8.83
CA SER A 40 5.40 -3.45 8.39
C SER A 40 5.32 -3.52 6.88
N GLU A 41 4.39 -4.33 6.37
CA GLU A 41 4.23 -4.48 4.93
C GLU A 41 2.78 -4.84 4.59
N PHE A 42 2.25 -4.20 3.55
CA PHE A 42 0.88 -4.45 3.12
C PHE A 42 0.83 -4.88 1.66
N PHE A 43 0.07 -5.92 1.37
CA PHE A 43 -0.06 -6.43 0.01
C PHE A 43 -1.26 -5.82 -0.69
N ILE A 44 -1.24 -5.81 -2.01
CA ILE A 44 -2.34 -5.26 -2.79
C ILE A 44 -2.90 -6.29 -3.77
N ASN A 45 -4.05 -6.86 -3.42
CA ASN A 45 -4.69 -7.86 -4.26
C ASN A 45 -5.09 -7.27 -5.60
N THR A 46 -4.16 -7.30 -6.55
CA THR A 46 -4.41 -6.76 -7.89
C THR A 46 -4.34 -7.86 -8.94
N THR A 47 -4.74 -9.07 -8.56
CA THR A 47 -4.72 -10.20 -9.48
C THR A 47 -5.98 -10.24 -10.34
N ARG A 48 -6.99 -9.48 -9.93
CA ARG A 48 -8.25 -9.43 -10.67
C ARG A 48 -8.28 -8.21 -11.59
N ALA A 49 -7.60 -7.15 -11.17
CA ALA A 49 -7.55 -5.92 -11.96
C ALA A 49 -6.59 -6.06 -13.14
N GLY A 50 -5.37 -6.48 -12.85
CA GLY A 50 -4.37 -6.65 -13.89
C GLY A 50 -3.22 -5.69 -13.75
N PRO A 51 -2.02 -6.12 -14.16
CA PRO A 51 -0.81 -5.30 -14.09
C PRO A 51 -0.83 -4.13 -15.07
N GLY A 52 -0.54 -2.93 -14.59
CA GLY A 52 -0.53 -1.77 -15.44
C GLY A 52 0.10 -0.57 -14.78
N THR A 53 -0.64 0.53 -14.68
CA THR A 53 -0.14 1.75 -14.07
C THR A 53 -0.10 1.63 -12.55
N LEU A 54 1.06 1.89 -11.97
CA LEU A 54 1.23 1.81 -10.52
C LEU A 54 1.45 3.20 -9.91
N SER A 55 0.47 3.66 -9.15
CA SER A 55 0.55 4.98 -8.52
C SER A 55 0.46 4.85 -7.00
N VAL A 56 1.52 5.28 -6.32
CA VAL A 56 1.57 5.22 -4.86
C VAL A 56 2.26 6.45 -4.29
N THR A 57 1.73 6.96 -3.17
CA THR A 57 2.30 8.13 -2.52
C THR A 57 2.05 8.10 -1.01
N ILE A 58 2.96 8.69 -0.26
CA ILE A 58 2.84 8.73 1.19
C ILE A 58 3.23 10.10 1.74
N GLU A 59 2.53 10.54 2.78
CA GLU A 59 2.81 11.84 3.40
C GLU A 59 2.98 11.69 4.91
N GLY A 60 3.56 12.71 5.53
CA GLY A 60 3.77 12.67 6.97
C GLY A 60 4.76 13.72 7.44
N PRO A 61 4.95 13.82 8.76
CA PRO A 61 5.88 14.78 9.36
C PRO A 61 7.34 14.45 9.07
N SER A 62 7.64 13.15 8.99
CA SER A 62 8.99 12.70 8.72
C SER A 62 9.03 11.80 7.49
N LYS A 63 9.57 12.32 6.40
CA LYS A 63 9.66 11.57 5.15
C LYS A 63 10.15 10.15 5.41
N VAL A 64 9.35 9.16 5.00
CA VAL A 64 9.70 7.76 5.18
C VAL A 64 10.28 7.16 3.91
N LYS A 65 11.49 6.62 4.01
CA LYS A 65 12.14 6.01 2.87
C LYS A 65 11.71 4.56 2.69
N MET A 66 10.79 4.33 1.76
CA MET A 66 10.29 2.98 1.49
C MET A 66 10.52 2.60 0.04
N ASP A 67 10.14 1.37 -0.31
CA ASP A 67 10.30 0.87 -1.67
C ASP A 67 9.09 0.06 -2.11
N CYS A 68 9.14 -0.46 -3.33
CA CYS A 68 8.04 -1.26 -3.86
C CYS A 68 8.56 -2.59 -4.38
N GLN A 69 8.64 -3.58 -3.50
CA GLN A 69 9.11 -4.92 -3.87
C GLN A 69 8.11 -5.61 -4.78
N GLU A 70 8.61 -6.48 -5.65
CA GLU A 70 7.76 -7.22 -6.58
C GLU A 70 7.35 -8.56 -5.99
N THR A 71 6.09 -8.93 -6.20
CA THR A 71 5.56 -10.19 -5.69
C THR A 71 4.66 -10.87 -6.71
N PRO A 72 4.62 -12.21 -6.67
CA PRO A 72 3.81 -13.01 -7.59
C PRO A 72 2.32 -12.85 -7.33
N GLU A 73 1.99 -12.08 -6.29
CA GLU A 73 0.59 -11.86 -5.94
C GLU A 73 0.16 -10.42 -6.28
N GLY A 74 1.07 -9.48 -6.04
CA GLY A 74 0.77 -8.08 -6.32
C GLY A 74 1.96 -7.18 -6.10
N TYR A 75 1.78 -6.14 -5.30
CA TYR A 75 2.85 -5.20 -5.00
C TYR A 75 3.01 -4.99 -3.50
N LYS A 76 4.18 -5.35 -2.99
CA LYS A 76 4.46 -5.20 -1.56
C LYS A 76 5.21 -3.90 -1.28
N VAL A 77 4.79 -3.19 -0.24
CA VAL A 77 5.42 -1.94 0.13
C VAL A 77 5.84 -1.95 1.60
N MET A 78 7.14 -1.91 1.84
CA MET A 78 7.67 -1.91 3.20
C MET A 78 8.14 -0.52 3.60
N TYR A 79 7.65 -0.05 4.74
CA TYR A 79 8.03 1.27 5.23
C TYR A 79 8.01 1.31 6.76
N THR A 80 9.01 1.97 7.34
CA THR A 80 9.12 2.07 8.79
C THR A 80 9.29 3.52 9.22
N PRO A 81 8.31 4.04 9.98
CA PRO A 81 8.32 5.41 10.48
C PRO A 81 9.39 5.63 11.54
N MET A 82 10.01 6.81 11.52
CA MET A 82 11.05 7.14 12.49
C MET A 82 10.49 8.05 13.59
N ALA A 83 9.44 8.79 13.28
CA ALA A 83 8.82 9.68 14.24
C ALA A 83 7.30 9.54 14.22
N PRO A 84 6.67 9.71 15.40
CA PRO A 84 5.22 9.60 15.54
C PRO A 84 4.48 10.76 14.88
N GLY A 85 3.19 10.59 14.70
CA GLY A 85 2.38 11.64 14.06
C GLY A 85 1.25 11.08 13.23
N ASN A 86 0.94 11.75 12.14
CA ASN A 86 -0.14 11.32 11.25
C ASN A 86 0.34 11.24 9.81
N TYR A 87 0.19 10.06 9.21
CA TYR A 87 0.62 9.85 7.82
C TYR A 87 -0.58 9.55 6.93
N LEU A 88 -0.41 9.79 5.63
CA LEU A 88 -1.48 9.55 4.66
C LEU A 88 -0.97 8.71 3.50
N ILE A 89 -1.73 7.67 3.16
CA ILE A 89 -1.36 6.78 2.07
C ILE A 89 -2.41 6.81 0.96
N SER A 90 -2.02 7.29 -0.21
CA SER A 90 -2.93 7.38 -1.35
C SER A 90 -2.68 6.23 -2.33
N VAL A 91 -3.72 5.84 -3.04
CA VAL A 91 -3.61 4.76 -4.02
C VAL A 91 -4.67 4.91 -5.12
N LYS A 92 -4.19 5.01 -6.36
CA LYS A 92 -5.08 5.16 -7.50
C LYS A 92 -4.91 3.99 -8.48
N TYR A 93 -5.92 3.78 -9.31
CA TYR A 93 -5.89 2.69 -10.28
C TYR A 93 -6.79 3.01 -11.48
N GLY A 94 -6.18 3.05 -12.67
CA GLY A 94 -6.94 3.34 -13.87
C GLY A 94 -7.66 4.69 -13.79
N GLY A 95 -6.88 5.77 -13.75
CA GLY A 95 -7.47 7.09 -13.68
C GLY A 95 -7.31 7.72 -12.31
N PRO A 96 -7.73 8.99 -12.18
CA PRO A 96 -7.64 9.73 -10.93
C PRO A 96 -8.60 9.21 -9.87
N ASN A 97 -9.37 8.18 -10.23
CA ASN A 97 -10.33 7.58 -9.32
C ASN A 97 -9.62 6.68 -8.30
N HIS A 98 -9.67 7.08 -7.03
CA HIS A 98 -9.05 6.30 -5.96
C HIS A 98 -9.81 5.00 -5.71
N ILE A 99 -9.17 4.08 -5.00
CA ILE A 99 -9.79 2.79 -4.69
C ILE A 99 -10.70 2.91 -3.48
N VAL A 100 -11.50 1.87 -3.26
CA VAL A 100 -12.43 1.85 -2.13
C VAL A 100 -11.68 1.88 -0.80
N GLY A 101 -12.23 2.60 0.17
CA GLY A 101 -11.59 2.69 1.47
C GLY A 101 -10.69 3.90 1.60
N SER A 102 -9.89 4.15 0.57
CA SER A 102 -8.97 5.29 0.57
C SER A 102 -9.74 6.60 0.48
N PRO A 103 -9.08 7.69 0.89
CA PRO A 103 -7.70 7.65 1.38
C PRO A 103 -7.60 6.97 2.74
N PHE A 104 -6.43 6.40 3.02
CA PHE A 104 -6.20 5.70 4.29
C PHE A 104 -5.50 6.62 5.28
N LYS A 105 -6.07 6.74 6.47
CA LYS A 105 -5.50 7.59 7.52
C LYS A 105 -4.93 6.74 8.64
N ALA A 106 -3.60 6.66 8.69
CA ALA A 106 -2.92 5.88 9.73
C ALA A 106 -2.32 6.79 10.80
N LYS A 107 -2.46 6.39 12.05
CA LYS A 107 -1.93 7.18 13.17
C LYS A 107 -0.71 6.48 13.79
N VAL A 108 0.42 7.17 13.79
CA VAL A 108 1.64 6.63 14.36
C VAL A 108 1.77 6.97 15.84
N THR A 109 2.07 5.97 16.65
CA THR A 109 2.22 6.16 18.09
C THR A 109 3.50 5.51 18.60
N GLY A 110 4.16 6.19 19.54
CA GLY A 110 5.40 5.66 20.09
C GLY A 110 6.47 6.72 20.22
N GLN A 111 6.90 6.97 21.45
CA GLN A 111 7.94 7.98 21.70
C GLN A 111 8.97 7.98 20.58
N ARG A 112 9.54 9.16 20.32
CA ARG A 112 10.55 9.30 19.27
C ARG A 112 11.75 8.39 19.55
N LEU A 113 12.12 7.60 18.55
CA LEU A 113 13.25 6.69 18.68
C LEU A 113 14.57 7.46 18.71
N VAL A 114 15.16 7.57 19.90
CA VAL A 114 16.43 8.27 20.06
C VAL A 114 17.57 7.53 19.39
N SER A 115 17.84 6.32 19.87
CA SER A 115 18.91 5.50 19.31
C SER A 115 18.39 4.62 18.17
N PRO A 116 19.22 4.46 17.13
CA PRO A 116 18.86 3.65 15.96
C PRO A 116 18.82 2.16 16.27
N GLY A 117 19.41 1.79 17.40
CA GLY A 117 19.44 0.39 17.80
C GLY A 117 20.64 -0.35 17.26
N SER A 118 20.81 -1.60 17.69
CA SER A 118 21.93 -2.42 17.24
C SER A 118 22.20 -2.21 15.75
N ALA A 119 23.43 -1.82 15.43
CA ALA A 119 23.82 -1.59 14.04
C ALA A 119 25.02 -2.44 13.66
N ASN A 120 25.04 -2.90 12.42
CA ASN A 120 26.13 -3.73 11.92
C ASN A 120 26.35 -3.52 10.43
N GLU A 121 27.47 -4.02 9.92
CA GLU A 121 27.79 -3.89 8.51
C GLU A 121 28.10 -5.25 7.89
N THR A 122 27.27 -5.68 6.96
CA THR A 122 27.45 -6.97 6.29
C THR A 122 28.29 -6.82 5.03
N SER A 123 29.60 -7.02 5.17
CA SER A 123 30.51 -6.90 4.04
C SER A 123 30.62 -8.23 3.29
N SER A 124 30.54 -8.16 1.97
CA SER A 124 30.62 -9.35 1.13
C SER A 124 31.94 -9.39 0.36
N ILE A 125 32.64 -10.52 0.43
CA ILE A 125 33.90 -10.68 -0.25
C ILE A 125 33.85 -10.10 -1.66
N GLY A 1 -32.58 -0.24 -49.78
CA GLY A 1 -32.71 -1.22 -48.71
C GLY A 1 -31.49 -2.10 -48.56
N SER A 2 -31.59 -3.10 -47.69
CA SER A 2 -30.48 -4.02 -47.46
C SER A 2 -30.93 -5.23 -46.64
N SER A 3 -30.02 -6.18 -46.46
CA SER A 3 -30.34 -7.38 -45.69
C SER A 3 -29.29 -7.62 -44.61
N GLY A 4 -29.72 -8.19 -43.50
CA GLY A 4 -28.81 -8.46 -42.39
C GLY A 4 -28.74 -9.93 -42.04
N SER A 5 -27.56 -10.53 -42.24
CA SER A 5 -27.37 -11.94 -41.95
C SER A 5 -26.24 -12.14 -40.94
N SER A 6 -26.59 -12.62 -39.75
CA SER A 6 -25.61 -12.85 -38.70
C SER A 6 -24.91 -14.19 -38.90
N GLY A 7 -23.61 -14.22 -38.65
CA GLY A 7 -22.84 -15.45 -38.80
C GLY A 7 -22.02 -15.78 -37.57
N PHE A 8 -22.27 -16.96 -37.00
CA PHE A 8 -21.55 -17.40 -35.81
C PHE A 8 -20.05 -17.28 -36.01
N LYS A 9 -19.47 -16.20 -35.51
CA LYS A 9 -18.04 -15.97 -35.63
C LYS A 9 -17.52 -15.10 -34.49
N VAL A 10 -16.30 -15.37 -34.05
CA VAL A 10 -15.69 -14.62 -32.95
C VAL A 10 -14.94 -13.40 -33.48
N ARG A 11 -15.06 -12.28 -32.77
CA ARG A 11 -14.39 -11.05 -33.16
C ARG A 11 -13.22 -10.74 -32.24
N VAL A 12 -12.06 -10.47 -32.84
CA VAL A 12 -10.86 -10.17 -32.07
C VAL A 12 -10.85 -8.71 -31.62
N GLY A 13 -10.98 -8.51 -30.30
CA GLY A 13 -11.00 -7.17 -29.76
C GLY A 13 -10.84 -7.15 -28.25
N GLU A 14 -10.33 -6.05 -27.72
CA GLU A 14 -10.13 -5.92 -26.29
C GLU A 14 -11.42 -5.49 -25.59
N PRO A 15 -11.57 -5.88 -24.32
CA PRO A 15 -12.76 -5.55 -23.52
C PRO A 15 -12.82 -4.07 -23.16
N GLY A 16 -14.01 -3.49 -23.29
CA GLY A 16 -14.18 -2.08 -22.98
C GLY A 16 -13.46 -1.68 -21.71
N GLN A 17 -13.98 -2.13 -20.57
CA GLN A 17 -13.38 -1.80 -19.29
C GLN A 17 -12.03 -2.50 -19.12
N ALA A 18 -10.96 -1.70 -19.09
CA ALA A 18 -9.61 -2.24 -18.93
C ALA A 18 -8.89 -1.59 -17.76
N GLY A 19 -9.24 -2.02 -16.54
CA GLY A 19 -8.61 -1.46 -15.36
C GLY A 19 -9.62 -0.87 -14.40
N ASN A 20 -9.81 -1.55 -13.26
CA ASN A 20 -10.76 -1.07 -12.26
C ASN A 20 -10.11 -1.03 -10.88
N PRO A 21 -10.05 0.17 -10.29
CA PRO A 21 -9.46 0.38 -8.96
C PRO A 21 -10.30 -0.24 -7.85
N ALA A 22 -11.61 -0.16 -8.00
CA ALA A 22 -12.53 -0.71 -7.00
C ALA A 22 -12.17 -2.15 -6.67
N LEU A 23 -11.89 -2.94 -7.71
CA LEU A 23 -11.55 -4.35 -7.53
C LEU A 23 -10.30 -4.49 -6.66
N VAL A 24 -9.30 -3.67 -6.93
CA VAL A 24 -8.05 -3.70 -6.16
C VAL A 24 -8.33 -3.62 -4.66
N SER A 25 -7.63 -4.46 -3.89
CA SER A 25 -7.80 -4.49 -2.45
C SER A 25 -6.48 -4.26 -1.74
N ALA A 26 -6.52 -3.47 -0.67
CA ALA A 26 -5.32 -3.17 0.10
C ALA A 26 -5.45 -3.65 1.55
N TYR A 27 -4.45 -4.38 2.01
CA TYR A 27 -4.45 -4.90 3.37
C TYR A 27 -3.05 -5.28 3.83
N GLY A 28 -2.86 -5.39 5.14
CA GLY A 28 -1.57 -5.74 5.68
C GLY A 28 -1.37 -5.23 7.10
N THR A 29 -0.16 -5.42 7.62
CA THR A 29 0.16 -4.96 8.97
C THR A 29 0.39 -3.46 9.02
N GLY A 30 1.06 -2.94 7.98
CA GLY A 30 1.34 -1.52 7.92
C GLY A 30 0.08 -0.68 7.99
N LEU A 31 -1.01 -1.20 7.45
CA LEU A 31 -2.28 -0.50 7.44
C LEU A 31 -2.93 -0.52 8.83
N GLU A 32 -2.70 -1.60 9.57
CA GLU A 32 -3.25 -1.75 10.90
C GLU A 32 -3.03 -0.47 11.71
N GLY A 33 -1.86 0.13 11.56
CA GLY A 33 -1.54 1.34 12.29
C GLY A 33 -0.15 1.85 12.00
N GLY A 34 0.33 2.80 12.81
CA GLY A 34 1.65 3.35 12.62
C GLY A 34 2.62 2.93 13.70
N THR A 35 3.51 2.00 13.37
CA THR A 35 4.49 1.49 14.33
C THR A 35 5.84 2.18 14.12
N THR A 36 6.23 3.00 15.10
CA THR A 36 7.49 3.72 15.03
C THR A 36 8.65 2.84 15.49
N GLY A 37 9.57 2.55 14.57
CA GLY A 37 10.71 1.71 14.90
C GLY A 37 10.62 0.33 14.29
N ILE A 38 9.40 -0.13 14.04
CA ILE A 38 9.18 -1.44 13.44
C ILE A 38 8.93 -1.32 11.95
N GLN A 39 9.22 -2.40 11.22
CA GLN A 39 9.03 -2.42 9.77
C GLN A 39 7.79 -3.23 9.41
N SER A 40 6.82 -2.56 8.81
CA SER A 40 5.57 -3.22 8.41
C SER A 40 5.53 -3.42 6.90
N GLU A 41 4.70 -4.35 6.46
CA GLU A 41 4.56 -4.65 5.04
C GLU A 41 3.12 -5.01 4.68
N PHE A 42 2.57 -4.35 3.67
CA PHE A 42 1.20 -4.60 3.24
C PHE A 42 1.16 -4.96 1.75
N PHE A 43 0.30 -5.91 1.41
CA PHE A 43 0.16 -6.35 0.03
C PHE A 43 -1.14 -5.81 -0.59
N ILE A 44 -1.24 -5.91 -1.90
CA ILE A 44 -2.43 -5.43 -2.61
C ILE A 44 -2.94 -6.48 -3.59
N ASN A 45 -4.22 -6.81 -3.50
CA ASN A 45 -4.82 -7.79 -4.38
C ASN A 45 -5.20 -7.17 -5.71
N THR A 46 -4.47 -7.54 -6.76
CA THR A 46 -4.73 -7.00 -8.10
C THR A 46 -4.83 -8.13 -9.13
N THR A 47 -5.44 -9.24 -8.72
CA THR A 47 -5.61 -10.39 -9.59
C THR A 47 -6.96 -10.34 -10.31
N ARG A 48 -7.83 -9.45 -9.85
CA ARG A 48 -9.15 -9.29 -10.46
C ARG A 48 -9.26 -7.96 -11.20
N ALA A 49 -8.55 -6.96 -10.70
CA ALA A 49 -8.57 -5.64 -11.32
C ALA A 49 -8.27 -5.72 -12.82
N GLY A 50 -7.19 -6.44 -13.15
CA GLY A 50 -6.81 -6.58 -14.54
C GLY A 50 -5.37 -6.17 -14.79
N PRO A 51 -5.16 -4.88 -15.07
CA PRO A 51 -3.83 -4.32 -15.34
C PRO A 51 -2.95 -4.29 -14.09
N GLY A 52 -1.68 -3.98 -14.28
CA GLY A 52 -0.76 -3.92 -13.16
C GLY A 52 -0.18 -2.53 -12.95
N THR A 53 -0.99 -1.64 -12.39
CA THR A 53 -0.56 -0.27 -12.14
C THR A 53 -0.01 -0.11 -10.72
N LEU A 54 1.25 0.29 -10.62
CA LEU A 54 1.90 0.48 -9.32
C LEU A 54 1.93 1.95 -8.94
N SER A 55 1.45 2.26 -7.74
CA SER A 55 1.42 3.64 -7.25
C SER A 55 1.60 3.68 -5.74
N VAL A 56 2.51 4.55 -5.28
CA VAL A 56 2.78 4.69 -3.86
C VAL A 56 2.90 6.17 -3.47
N THR A 57 2.11 6.58 -2.49
CA THR A 57 2.13 7.95 -2.02
C THR A 57 1.86 8.03 -0.52
N ILE A 58 2.85 8.54 0.23
CA ILE A 58 2.73 8.67 1.67
C ILE A 58 2.98 10.11 2.12
N GLU A 59 2.12 10.61 3.01
CA GLU A 59 2.26 11.96 3.51
C GLU A 59 2.29 11.98 5.04
N GLY A 60 3.00 12.95 5.60
CA GLY A 60 3.10 13.06 7.05
C GLY A 60 4.09 14.11 7.49
N PRO A 61 4.30 14.23 8.80
CA PRO A 61 5.22 15.20 9.38
C PRO A 61 6.69 14.87 9.08
N SER A 62 7.00 13.59 9.10
CA SER A 62 8.36 13.13 8.82
C SER A 62 8.42 12.30 7.55
N LYS A 63 9.62 12.13 7.01
CA LYS A 63 9.80 11.34 5.80
C LYS A 63 9.92 9.86 6.12
N VAL A 64 9.42 9.02 5.21
CA VAL A 64 9.47 7.57 5.40
C VAL A 64 10.11 6.88 4.20
N LYS A 65 10.77 5.76 4.45
CA LYS A 65 11.43 5.00 3.39
C LYS A 65 10.47 4.01 2.76
N MET A 66 10.34 4.08 1.44
CA MET A 66 9.46 3.18 0.71
C MET A 66 10.25 2.25 -0.20
N ASP A 67 9.91 0.96 -0.16
CA ASP A 67 10.60 -0.03 -0.98
C ASP A 67 9.60 -0.83 -1.81
N CYS A 68 9.53 -0.52 -3.11
CA CYS A 68 8.62 -1.21 -4.01
C CYS A 68 9.14 -2.60 -4.35
N GLN A 69 8.22 -3.54 -4.54
CA GLN A 69 8.58 -4.91 -4.88
C GLN A 69 7.58 -5.52 -5.86
N GLU A 70 8.10 -6.26 -6.82
CA GLU A 70 7.25 -6.90 -7.84
C GLU A 70 6.89 -8.32 -7.42
N THR A 71 5.62 -8.52 -7.05
CA THR A 71 5.14 -9.82 -6.62
C THR A 71 4.22 -10.44 -7.68
N PRO A 72 4.18 -11.78 -7.71
CA PRO A 72 3.34 -12.51 -8.66
C PRO A 72 1.86 -12.38 -8.36
N GLU A 73 1.54 -11.73 -7.25
CA GLU A 73 0.15 -11.52 -6.85
C GLU A 73 -0.25 -10.06 -7.02
N GLY A 74 0.63 -9.16 -6.63
CA GLY A 74 0.34 -7.74 -6.75
C GLY A 74 1.58 -6.88 -6.57
N TYR A 75 1.68 -6.21 -5.42
CA TYR A 75 2.81 -5.36 -5.13
C TYR A 75 2.96 -5.12 -3.63
N LYS A 76 4.10 -5.53 -3.08
CA LYS A 76 4.36 -5.37 -1.66
C LYS A 76 5.00 -4.01 -1.37
N VAL A 77 4.44 -3.31 -0.38
CA VAL A 77 4.96 -2.00 0.00
C VAL A 77 5.21 -1.92 1.50
N MET A 78 6.40 -1.46 1.87
CA MET A 78 6.76 -1.33 3.28
C MET A 78 7.27 0.08 3.58
N TYR A 79 7.02 0.54 4.79
CA TYR A 79 7.45 1.88 5.20
C TYR A 79 7.77 1.90 6.69
N THR A 80 8.93 2.44 7.04
CA THR A 80 9.36 2.53 8.43
C THR A 80 9.58 3.97 8.84
N PRO A 81 8.57 4.58 9.49
CA PRO A 81 8.64 5.97 9.95
C PRO A 81 9.62 6.14 11.11
N MET A 82 10.19 7.33 11.21
CA MET A 82 11.15 7.63 12.27
C MET A 82 10.51 8.52 13.35
N ALA A 83 9.41 9.18 12.98
CA ALA A 83 8.70 10.06 13.90
C ALA A 83 7.20 9.79 13.88
N PRO A 84 6.56 9.87 15.06
CA PRO A 84 5.12 9.63 15.19
C PRO A 84 4.30 10.75 14.55
N GLY A 85 2.98 10.62 14.64
CA GLY A 85 2.09 11.62 14.07
C GLY A 85 1.01 11.02 13.19
N ASN A 86 0.48 11.81 12.27
CA ASN A 86 -0.57 11.35 11.38
C ASN A 86 -0.05 11.22 9.95
N TYR A 87 -0.15 10.02 9.40
CA TYR A 87 0.32 9.76 8.03
C TYR A 87 -0.84 9.39 7.12
N LEU A 88 -0.66 9.63 5.82
CA LEU A 88 -1.70 9.31 4.84
C LEU A 88 -1.11 8.59 3.63
N ILE A 89 -1.67 7.44 3.30
CA ILE A 89 -1.21 6.66 2.16
C ILE A 89 -2.24 6.64 1.04
N SER A 90 -1.93 7.31 -0.06
CA SER A 90 -2.82 7.36 -1.20
C SER A 90 -2.40 6.38 -2.29
N VAL A 91 -3.39 5.80 -2.97
CA VAL A 91 -3.12 4.83 -4.03
C VAL A 91 -4.02 5.09 -5.24
N LYS A 92 -3.38 5.34 -6.39
CA LYS A 92 -4.11 5.59 -7.62
C LYS A 92 -4.02 4.40 -8.57
N TYR A 93 -5.10 4.13 -9.29
CA TYR A 93 -5.14 3.02 -10.23
C TYR A 93 -5.95 3.39 -11.48
N GLY A 94 -5.45 2.97 -12.63
CA GLY A 94 -6.12 3.26 -13.89
C GLY A 94 -6.69 4.66 -13.92
N GLY A 95 -5.88 5.64 -13.54
CA GLY A 95 -6.34 7.02 -13.52
C GLY A 95 -6.37 7.61 -12.13
N PRO A 96 -6.92 8.83 -12.00
CA PRO A 96 -7.02 9.53 -10.73
C PRO A 96 -8.04 8.87 -9.79
N ASN A 97 -8.71 7.84 -10.28
CA ASN A 97 -9.72 7.13 -9.49
C ASN A 97 -9.04 6.24 -8.45
N HIS A 98 -8.99 6.72 -7.21
CA HIS A 98 -8.39 5.98 -6.12
C HIS A 98 -9.13 4.66 -5.88
N ILE A 99 -8.51 3.78 -5.10
CA ILE A 99 -9.11 2.49 -4.79
C ILE A 99 -10.02 2.57 -3.57
N VAL A 100 -10.83 1.54 -3.36
CA VAL A 100 -11.74 1.51 -2.23
C VAL A 100 -11.00 1.64 -0.91
N GLY A 101 -11.55 2.42 0.01
CA GLY A 101 -10.92 2.61 1.30
C GLY A 101 -10.10 3.89 1.35
N SER A 102 -9.17 4.05 0.42
CA SER A 102 -8.32 5.22 0.36
C SER A 102 -9.16 6.49 0.28
N PRO A 103 -8.58 7.61 0.74
CA PRO A 103 -7.22 7.63 1.29
C PRO A 103 -7.13 6.92 2.64
N PHE A 104 -6.01 6.23 2.86
CA PHE A 104 -5.80 5.50 4.10
C PHE A 104 -5.25 6.43 5.20
N LYS A 105 -6.03 6.62 6.25
CA LYS A 105 -5.62 7.47 7.36
C LYS A 105 -5.14 6.63 8.54
N ALA A 106 -3.83 6.59 8.74
CA ALA A 106 -3.24 5.83 9.84
C ALA A 106 -2.64 6.77 10.89
N LYS A 107 -2.63 6.32 12.13
CA LYS A 107 -2.09 7.11 13.23
C LYS A 107 -0.84 6.44 13.81
N VAL A 108 0.28 7.17 13.78
CA VAL A 108 1.53 6.65 14.30
C VAL A 108 1.74 7.07 15.75
N THR A 109 2.03 6.10 16.61
CA THR A 109 2.24 6.38 18.03
C THR A 109 3.57 5.79 18.50
N GLY A 110 4.12 6.36 19.57
CA GLY A 110 5.38 5.89 20.10
C GLY A 110 6.37 7.01 20.32
N GLN A 111 7.04 6.99 21.48
CA GLN A 111 8.01 8.02 21.81
C GLN A 111 8.94 8.29 20.64
N ARG A 112 8.86 9.51 20.10
CA ARG A 112 9.69 9.90 18.96
C ARG A 112 11.10 9.33 19.11
N LEU A 113 11.65 8.86 17.99
CA LEU A 113 12.99 8.28 17.99
C LEU A 113 14.05 9.37 17.76
N VAL A 114 14.91 9.56 18.75
CA VAL A 114 15.97 10.55 18.66
C VAL A 114 17.32 9.91 18.40
N SER A 115 18.18 10.62 17.69
CA SER A 115 19.51 10.11 17.37
C SER A 115 20.59 11.17 17.63
N PRO A 116 21.00 11.28 18.90
CA PRO A 116 22.02 12.24 19.31
C PRO A 116 23.41 11.89 18.78
N GLY A 117 23.66 10.60 18.61
CA GLY A 117 24.95 10.15 18.12
C GLY A 117 25.74 9.39 19.16
N SER A 118 26.99 9.79 19.37
CA SER A 118 27.86 9.13 20.34
C SER A 118 28.14 10.05 21.52
N ALA A 119 28.17 9.48 22.72
CA ALA A 119 28.44 10.26 23.93
C ALA A 119 29.19 9.41 24.96
N ASN A 120 30.45 9.77 25.20
CA ASN A 120 31.27 9.05 26.16
C ASN A 120 32.33 9.96 26.75
N GLU A 121 32.35 10.07 28.08
CA GLU A 121 33.32 10.91 28.77
C GLU A 121 34.10 10.10 29.81
N THR A 122 35.29 10.58 30.15
CA THR A 122 36.14 9.91 31.12
C THR A 122 36.47 10.83 32.29
N SER A 123 36.78 10.24 33.44
CA SER A 123 37.11 11.01 34.63
C SER A 123 38.61 11.31 34.68
N SER A 124 39.42 10.31 34.35
CA SER A 124 40.86 10.47 34.35
C SER A 124 41.28 11.76 33.65
N ILE A 125 42.57 12.08 33.73
CA ILE A 125 43.09 13.30 33.11
C ILE A 125 43.02 13.20 31.58
N GLY A 1 -13.84 -38.08 -37.79
CA GLY A 1 -14.67 -37.32 -38.72
C GLY A 1 -16.09 -37.15 -38.20
N SER A 2 -16.83 -36.24 -38.81
CA SER A 2 -18.21 -35.96 -38.41
C SER A 2 -18.90 -35.04 -39.40
N SER A 3 -20.08 -35.44 -39.84
CA SER A 3 -20.85 -34.65 -40.80
C SER A 3 -21.11 -33.25 -40.26
N GLY A 4 -21.73 -32.41 -41.09
CA GLY A 4 -22.03 -31.06 -40.69
C GLY A 4 -23.22 -30.97 -39.76
N SER A 5 -23.03 -31.37 -38.51
CA SER A 5 -24.10 -31.35 -37.52
C SER A 5 -23.56 -31.04 -36.14
N SER A 6 -23.96 -29.88 -35.60
CA SER A 6 -23.50 -29.46 -34.28
C SER A 6 -23.87 -30.49 -33.23
N GLY A 7 -23.18 -30.44 -32.09
CA GLY A 7 -23.44 -31.38 -31.01
C GLY A 7 -23.04 -30.83 -29.66
N PHE A 8 -21.75 -30.66 -29.44
CA PHE A 8 -21.24 -30.15 -28.18
C PHE A 8 -21.95 -28.86 -27.79
N LYS A 9 -22.22 -28.70 -26.49
CA LYS A 9 -22.90 -27.52 -25.98
C LYS A 9 -21.89 -26.46 -25.55
N VAL A 10 -22.00 -25.27 -26.14
CA VAL A 10 -21.11 -24.17 -25.81
C VAL A 10 -21.69 -23.30 -24.71
N ARG A 11 -20.89 -23.02 -23.69
CA ARG A 11 -21.33 -22.20 -22.57
C ARG A 11 -21.28 -20.72 -22.94
N VAL A 12 -22.24 -19.95 -22.43
CA VAL A 12 -22.31 -18.52 -22.70
C VAL A 12 -21.26 -17.76 -21.91
N GLY A 13 -20.05 -17.68 -22.45
CA GLY A 13 -18.98 -16.97 -21.77
C GLY A 13 -19.30 -15.52 -21.53
N GLU A 14 -18.53 -14.87 -20.66
CA GLU A 14 -18.75 -13.47 -20.34
C GLU A 14 -18.20 -12.56 -21.44
N PRO A 15 -18.75 -11.35 -21.55
CA PRO A 15 -18.34 -10.38 -22.56
C PRO A 15 -16.94 -9.83 -22.29
N GLY A 16 -16.71 -9.39 -21.06
CA GLY A 16 -15.42 -8.84 -20.68
C GLY A 16 -15.46 -8.06 -19.39
N GLN A 17 -14.30 -7.59 -18.95
CA GLN A 17 -14.22 -6.82 -17.70
C GLN A 17 -14.03 -5.34 -18.00
N ALA A 18 -14.21 -4.51 -16.98
CA ALA A 18 -14.06 -3.07 -17.12
C ALA A 18 -13.24 -2.48 -15.99
N GLY A 19 -12.15 -1.81 -16.34
CA GLY A 19 -11.29 -1.20 -15.34
C GLY A 19 -12.06 -0.64 -14.17
N ASN A 20 -11.82 -1.19 -12.98
CA ASN A 20 -12.50 -0.74 -11.78
C ASN A 20 -11.58 -0.79 -10.57
N PRO A 21 -11.41 0.37 -9.90
CA PRO A 21 -10.56 0.48 -8.72
C PRO A 21 -11.13 -0.25 -7.51
N ALA A 22 -12.45 -0.34 -7.45
CA ALA A 22 -13.12 -1.02 -6.34
C ALA A 22 -12.65 -2.47 -6.24
N LEU A 23 -12.36 -3.08 -7.37
CA LEU A 23 -11.91 -4.47 -7.41
C LEU A 23 -10.58 -4.62 -6.67
N VAL A 24 -9.76 -3.57 -6.71
CA VAL A 24 -8.46 -3.60 -6.04
C VAL A 24 -8.63 -3.46 -4.54
N SER A 25 -7.97 -4.36 -3.79
CA SER A 25 -8.05 -4.35 -2.34
C SER A 25 -6.65 -4.22 -1.72
N ALA A 26 -6.60 -3.73 -0.49
CA ALA A 26 -5.33 -3.55 0.21
C ALA A 26 -5.45 -3.97 1.67
N TYR A 27 -4.52 -4.81 2.12
CA TYR A 27 -4.52 -5.29 3.49
C TYR A 27 -3.11 -5.61 3.96
N GLY A 28 -2.91 -5.66 5.27
CA GLY A 28 -1.61 -5.95 5.83
C GLY A 28 -1.50 -5.57 7.29
N THR A 29 -0.29 -5.18 7.71
CA THR A 29 -0.05 -4.79 9.09
C THR A 29 0.26 -3.30 9.19
N GLY A 30 0.69 -2.71 8.08
CA GLY A 30 1.02 -1.30 8.07
C GLY A 30 -0.20 -0.42 8.23
N LEU A 31 -1.34 -0.88 7.71
CA LEU A 31 -2.58 -0.13 7.81
C LEU A 31 -3.17 -0.20 9.20
N GLU A 32 -2.94 -1.32 9.88
CA GLU A 32 -3.43 -1.51 11.24
C GLU A 32 -3.12 -0.30 12.11
N GLY A 33 -1.99 0.35 11.83
CA GLY A 33 -1.59 1.51 12.60
C GLY A 33 -0.17 1.94 12.31
N GLY A 34 0.29 2.98 13.01
CA GLY A 34 1.63 3.47 12.80
C GLY A 34 2.57 3.08 13.93
N THR A 35 3.44 2.11 13.66
CA THR A 35 4.40 1.64 14.66
C THR A 35 5.78 2.25 14.43
N THR A 36 6.13 3.21 15.28
CA THR A 36 7.44 3.88 15.17
C THR A 36 8.56 2.98 15.66
N GLY A 37 9.37 2.47 14.73
CA GLY A 37 10.46 1.61 15.09
C GLY A 37 10.39 0.26 14.41
N ILE A 38 9.18 -0.14 14.03
CA ILE A 38 8.97 -1.42 13.37
C ILE A 38 8.60 -1.23 11.90
N GLN A 39 8.96 -2.20 11.07
CA GLN A 39 8.67 -2.14 9.64
C GLN A 39 7.43 -2.96 9.31
N SER A 40 6.47 -2.33 8.64
CA SER A 40 5.23 -3.00 8.26
C SER A 40 5.17 -3.20 6.76
N GLU A 41 4.28 -4.10 6.33
CA GLU A 41 4.13 -4.39 4.91
C GLU A 41 2.67 -4.73 4.58
N PHE A 42 2.19 -4.20 3.46
CA PHE A 42 0.81 -4.44 3.04
C PHE A 42 0.75 -4.76 1.54
N PHE A 43 0.23 -5.94 1.22
CA PHE A 43 0.11 -6.36 -0.17
C PHE A 43 -1.18 -5.84 -0.81
N ILE A 44 -1.08 -5.38 -2.04
CA ILE A 44 -2.23 -4.85 -2.76
C ILE A 44 -2.79 -5.87 -3.75
N ASN A 45 -4.01 -6.33 -3.50
CA ASN A 45 -4.65 -7.30 -4.38
C ASN A 45 -5.22 -6.64 -5.62
N THR A 46 -4.65 -6.96 -6.77
CA THR A 46 -5.09 -6.38 -8.04
C THR A 46 -5.22 -7.46 -9.11
N THR A 47 -5.52 -8.69 -8.68
CA THR A 47 -5.69 -9.80 -9.61
C THR A 47 -7.06 -9.81 -10.23
N ARG A 48 -7.95 -8.95 -9.72
CA ARG A 48 -9.31 -8.85 -10.22
C ARG A 48 -9.46 -7.66 -11.16
N ALA A 49 -8.68 -6.61 -10.90
CA ALA A 49 -8.73 -5.39 -11.71
C ALA A 49 -7.83 -5.52 -12.93
N GLY A 50 -6.60 -5.96 -12.71
CA GLY A 50 -5.66 -6.11 -13.82
C GLY A 50 -4.31 -5.50 -13.51
N PRO A 51 -3.23 -6.10 -14.06
CA PRO A 51 -1.87 -5.62 -13.86
C PRO A 51 -1.61 -4.30 -14.57
N GLY A 52 -1.58 -3.21 -13.79
CA GLY A 52 -1.34 -1.90 -14.38
C GLY A 52 -0.07 -1.27 -13.84
N THR A 53 0.02 0.05 -13.96
CA THR A 53 1.19 0.79 -13.49
C THR A 53 1.26 0.79 -11.96
N LEU A 54 2.48 0.76 -11.44
CA LEU A 54 2.68 0.76 -9.99
C LEU A 54 2.82 2.18 -9.47
N SER A 55 1.83 2.63 -8.71
CA SER A 55 1.85 3.98 -8.15
C SER A 55 1.56 3.95 -6.65
N VAL A 56 2.53 4.39 -5.86
CA VAL A 56 2.39 4.41 -4.41
C VAL A 56 3.02 5.67 -3.81
N THR A 57 2.30 6.29 -2.88
CA THR A 57 2.78 7.51 -2.24
C THR A 57 2.27 7.62 -0.81
N ILE A 58 3.12 8.09 0.08
CA ILE A 58 2.75 8.25 1.49
C ILE A 58 3.06 9.65 1.99
N GLU A 59 2.16 10.20 2.80
CA GLU A 59 2.34 11.54 3.35
C GLU A 59 2.45 11.50 4.87
N GLY A 60 3.15 12.48 5.43
CA GLY A 60 3.32 12.53 6.87
C GLY A 60 4.26 13.64 7.31
N PRO A 61 4.39 13.82 8.63
CA PRO A 61 5.26 14.85 9.20
C PRO A 61 6.74 14.55 8.99
N SER A 62 7.06 13.28 8.79
CA SER A 62 8.44 12.86 8.59
C SER A 62 8.53 11.85 7.44
N LYS A 63 9.01 12.30 6.29
CA LYS A 63 9.16 11.45 5.12
C LYS A 63 9.72 10.08 5.52
N VAL A 64 9.48 9.08 4.67
CA VAL A 64 9.95 7.73 4.93
C VAL A 64 10.51 7.09 3.66
N LYS A 65 11.46 6.18 3.83
CA LYS A 65 12.07 5.49 2.70
C LYS A 65 11.36 4.17 2.42
N MET A 66 10.51 4.18 1.40
CA MET A 66 9.76 2.98 1.02
C MET A 66 10.61 2.08 0.12
N ASP A 67 10.21 0.82 0.00
CA ASP A 67 10.92 -0.14 -0.84
C ASP A 67 10.01 -0.67 -1.95
N CYS A 68 10.18 -0.13 -3.15
CA CYS A 68 9.38 -0.56 -4.29
C CYS A 68 9.88 -1.89 -4.85
N GLN A 69 8.97 -2.83 -4.99
CA GLN A 69 9.32 -4.16 -5.51
C GLN A 69 8.10 -4.84 -6.10
N GLU A 70 8.15 -5.14 -7.40
CA GLU A 70 7.05 -5.80 -8.08
C GLU A 70 6.87 -7.23 -7.58
N THR A 71 5.63 -7.69 -7.52
CA THR A 71 5.33 -9.03 -7.05
C THR A 71 4.32 -9.73 -7.98
N PRO A 72 4.34 -11.06 -7.96
CA PRO A 72 3.45 -11.88 -8.80
C PRO A 72 1.99 -11.80 -8.34
N GLU A 73 1.78 -11.16 -7.18
CA GLU A 73 0.44 -11.01 -6.64
C GLU A 73 -0.08 -9.59 -6.84
N GLY A 74 0.81 -8.61 -6.71
CA GLY A 74 0.43 -7.23 -6.87
C GLY A 74 1.58 -6.27 -6.65
N TYR A 75 1.53 -5.54 -5.54
CA TYR A 75 2.57 -4.58 -5.20
C TYR A 75 2.78 -4.51 -3.69
N LYS A 76 3.92 -5.03 -3.23
CA LYS A 76 4.25 -5.02 -1.81
C LYS A 76 5.11 -3.81 -1.46
N VAL A 77 4.61 -2.99 -0.54
CA VAL A 77 5.34 -1.80 -0.11
C VAL A 77 5.70 -1.88 1.37
N MET A 78 6.86 -1.34 1.72
CA MET A 78 7.32 -1.35 3.11
C MET A 78 7.76 0.04 3.55
N TYR A 79 7.22 0.50 4.67
CA TYR A 79 7.55 1.82 5.19
C TYR A 79 7.73 1.77 6.71
N THR A 80 8.75 2.46 7.19
CA THR A 80 9.04 2.50 8.62
C THR A 80 9.19 3.93 9.12
N PRO A 81 8.14 4.46 9.75
CA PRO A 81 8.14 5.83 10.29
C PRO A 81 9.06 5.98 11.48
N MET A 82 9.76 7.12 11.55
CA MET A 82 10.68 7.39 12.65
C MET A 82 10.03 8.33 13.67
N ALA A 83 9.19 9.24 13.18
CA ALA A 83 8.53 10.19 14.06
C ALA A 83 7.02 9.95 14.07
N PRO A 84 6.40 10.13 15.24
CA PRO A 84 4.95 9.95 15.41
C PRO A 84 4.14 11.03 14.71
N GLY A 85 2.83 10.82 14.62
CA GLY A 85 1.96 11.78 13.97
C GLY A 85 0.92 11.13 13.08
N ASN A 86 0.46 11.85 12.07
CA ASN A 86 -0.53 11.33 11.14
C ASN A 86 0.08 11.04 9.78
N TYR A 87 -0.18 9.85 9.25
CA TYR A 87 0.35 9.46 7.96
C TYR A 87 -0.77 9.06 7.01
N LEU A 88 -0.55 9.28 5.72
CA LEU A 88 -1.55 8.94 4.70
C LEU A 88 -0.94 8.05 3.62
N ILE A 89 -1.69 7.05 3.20
CA ILE A 89 -1.23 6.13 2.16
C ILE A 89 -2.18 6.13 0.96
N SER A 90 -1.69 6.58 -0.17
CA SER A 90 -2.48 6.63 -1.40
C SER A 90 -2.37 5.33 -2.18
N VAL A 91 -3.48 4.89 -2.76
CA VAL A 91 -3.51 3.66 -3.54
C VAL A 91 -4.28 3.85 -4.84
N LYS A 92 -3.64 3.49 -5.95
CA LYS A 92 -4.27 3.63 -7.26
C LYS A 92 -3.85 2.48 -8.18
N TYR A 93 -4.72 2.16 -9.14
CA TYR A 93 -4.44 1.07 -10.08
C TYR A 93 -4.43 1.59 -11.52
N GLY A 94 -3.27 1.52 -12.16
CA GLY A 94 -3.15 1.98 -13.53
C GLY A 94 -4.07 3.15 -13.83
N GLY A 95 -3.98 4.19 -13.02
CA GLY A 95 -4.82 5.36 -13.22
C GLY A 95 -4.85 6.27 -12.00
N PRO A 96 -5.35 7.50 -12.19
CA PRO A 96 -5.45 8.48 -11.11
C PRO A 96 -6.50 8.10 -10.07
N ASN A 97 -7.50 7.34 -10.49
CA ASN A 97 -8.57 6.91 -9.60
C ASN A 97 -8.01 6.11 -8.44
N HIS A 98 -8.63 6.26 -7.27
CA HIS A 98 -8.19 5.56 -6.07
C HIS A 98 -9.10 4.37 -5.79
N ILE A 99 -8.66 3.48 -4.90
CA ILE A 99 -9.43 2.30 -4.54
C ILE A 99 -10.21 2.53 -3.25
N VAL A 100 -11.16 1.65 -2.96
CA VAL A 100 -11.97 1.75 -1.76
C VAL A 100 -11.11 1.69 -0.51
N GLY A 101 -11.43 2.52 0.47
CA GLY A 101 -10.68 2.54 1.72
C GLY A 101 -9.68 3.68 1.76
N SER A 102 -8.94 3.86 0.67
CA SER A 102 -7.94 4.92 0.59
C SER A 102 -8.59 6.27 0.34
N PRO A 103 -7.92 7.34 0.78
CA PRO A 103 -6.63 7.23 1.47
C PRO A 103 -6.75 6.63 2.86
N PHE A 104 -5.66 6.04 3.35
CA PHE A 104 -5.65 5.42 4.67
C PHE A 104 -5.16 6.40 5.73
N LYS A 105 -6.04 6.73 6.67
CA LYS A 105 -5.71 7.66 7.74
C LYS A 105 -5.22 6.90 8.98
N ALA A 106 -3.95 6.52 8.98
CA ALA A 106 -3.39 5.80 10.11
C ALA A 106 -2.73 6.75 11.10
N LYS A 107 -2.49 6.27 12.31
CA LYS A 107 -1.86 7.08 13.35
C LYS A 107 -0.55 6.45 13.81
N VAL A 108 0.50 7.26 13.91
CA VAL A 108 1.80 6.79 14.36
C VAL A 108 2.12 7.28 15.76
N THR A 109 2.20 6.34 16.70
CA THR A 109 2.49 6.67 18.09
C THR A 109 3.84 6.09 18.52
N GLY A 110 4.45 6.69 19.54
CA GLY A 110 5.73 6.23 20.03
C GLY A 110 6.78 7.32 20.04
N GLN A 111 7.39 7.54 21.20
CA GLN A 111 8.41 8.56 21.35
C GLN A 111 9.46 8.44 20.23
N ARG A 112 9.68 9.54 19.52
CA ARG A 112 10.65 9.56 18.44
C ARG A 112 11.84 8.67 18.76
N LEU A 113 12.39 8.03 17.73
CA LEU A 113 13.54 7.14 17.91
C LEU A 113 14.83 7.86 17.55
N VAL A 114 15.65 8.12 18.57
CA VAL A 114 16.93 8.80 18.36
C VAL A 114 18.09 7.98 18.92
N SER A 115 19.20 7.97 18.20
CA SER A 115 20.38 7.22 18.61
C SER A 115 21.36 8.12 19.35
N PRO A 116 21.99 7.55 20.40
CA PRO A 116 22.97 8.28 21.22
C PRO A 116 24.26 8.58 20.46
N GLY A 117 24.50 7.84 19.39
CA GLY A 117 25.69 8.03 18.60
C GLY A 117 26.96 7.79 19.39
N SER A 118 27.46 6.55 19.34
CA SER A 118 28.67 6.19 20.07
C SER A 118 29.78 7.21 19.83
N ALA A 119 30.82 7.16 20.65
CA ALA A 119 31.94 8.06 20.52
C ALA A 119 33.10 7.42 19.76
N ASN A 120 33.78 8.21 18.93
CA ASN A 120 34.90 7.71 18.15
C ASN A 120 36.19 8.44 18.52
N GLU A 121 37.32 7.81 18.22
CA GLU A 121 38.62 8.39 18.53
C GLU A 121 39.47 8.49 17.27
N THR A 122 39.60 9.70 16.74
CA THR A 122 40.39 9.94 15.54
C THR A 122 41.76 10.52 15.88
N SER A 123 42.80 9.96 15.29
CA SER A 123 44.16 10.42 15.54
C SER A 123 45.12 9.88 14.48
N SER A 124 45.85 10.79 13.83
CA SER A 124 46.80 10.40 12.78
C SER A 124 48.19 10.20 13.38
N ILE A 125 48.69 8.97 13.30
CA ILE A 125 50.02 8.65 13.83
C ILE A 125 51.03 9.72 13.42
N GLY A 1 -24.68 21.45 -32.76
CA GLY A 1 -24.98 22.71 -32.10
C GLY A 1 -25.74 22.52 -30.80
N SER A 2 -25.83 23.59 -30.02
CA SER A 2 -26.53 23.53 -28.74
C SER A 2 -26.68 24.93 -28.15
N SER A 3 -27.91 25.45 -28.17
CA SER A 3 -28.19 26.77 -27.64
C SER A 3 -28.55 26.70 -26.15
N GLY A 4 -27.78 27.41 -25.32
CA GLY A 4 -28.03 27.41 -23.90
C GLY A 4 -27.62 26.10 -23.24
N SER A 5 -27.94 25.97 -21.96
CA SER A 5 -27.60 24.76 -21.21
C SER A 5 -28.86 24.03 -20.77
N SER A 6 -28.91 22.72 -21.04
CA SER A 6 -30.05 21.90 -20.68
C SER A 6 -29.76 21.07 -19.43
N GLY A 7 -30.81 20.61 -18.78
CA GLY A 7 -30.66 19.81 -17.57
C GLY A 7 -30.96 18.35 -17.81
N PHE A 8 -31.33 18.01 -19.03
CA PHE A 8 -31.66 16.63 -19.38
C PHE A 8 -30.47 15.96 -20.06
N LYS A 9 -30.13 14.76 -19.59
CA LYS A 9 -29.02 13.99 -20.15
C LYS A 9 -29.51 13.03 -21.22
N VAL A 10 -28.59 12.59 -22.08
CA VAL A 10 -28.92 11.66 -23.15
C VAL A 10 -28.41 10.25 -22.84
N ARG A 11 -29.23 9.25 -23.12
CA ARG A 11 -28.87 7.86 -22.87
C ARG A 11 -27.62 7.48 -23.67
N VAL A 12 -26.82 6.58 -23.13
CA VAL A 12 -25.61 6.12 -23.78
C VAL A 12 -25.33 4.65 -23.48
N GLY A 13 -25.06 3.87 -24.53
CA GLY A 13 -24.78 2.46 -24.35
C GLY A 13 -23.38 2.09 -24.79
N GLU A 14 -22.67 1.35 -23.93
CA GLU A 14 -21.31 0.93 -24.23
C GLU A 14 -21.20 -0.59 -24.27
N PRO A 15 -20.21 -1.09 -25.01
CA PRO A 15 -19.97 -2.53 -25.14
C PRO A 15 -19.47 -3.16 -23.86
N GLY A 16 -18.58 -2.44 -23.17
CA GLY A 16 -18.03 -2.95 -21.92
C GLY A 16 -16.59 -2.51 -21.70
N GLN A 17 -16.27 -2.18 -20.46
CA GLN A 17 -14.92 -1.73 -20.11
C GLN A 17 -14.20 -2.79 -19.29
N ALA A 18 -12.87 -2.70 -19.27
CA ALA A 18 -12.06 -3.66 -18.52
C ALA A 18 -11.16 -2.93 -17.51
N GLY A 19 -10.85 -3.62 -16.42
CA GLY A 19 -10.01 -3.02 -15.39
C GLY A 19 -10.80 -2.16 -14.43
N ASN A 20 -11.15 -2.73 -13.28
CA ASN A 20 -11.91 -2.00 -12.28
C ASN A 20 -11.09 -1.77 -11.03
N PRO A 21 -10.92 -0.48 -10.64
CA PRO A 21 -10.15 -0.10 -9.46
C PRO A 21 -10.84 -0.50 -8.16
N ALA A 22 -12.11 -0.15 -8.04
CA ALA A 22 -12.89 -0.47 -6.85
C ALA A 22 -12.51 -1.86 -6.31
N LEU A 23 -12.53 -2.85 -7.20
CA LEU A 23 -12.18 -4.22 -6.81
C LEU A 23 -10.89 -4.25 -6.00
N VAL A 24 -9.89 -3.53 -6.48
CA VAL A 24 -8.59 -3.47 -5.80
C VAL A 24 -8.76 -3.24 -4.31
N SER A 25 -7.88 -3.84 -3.52
CA SER A 25 -7.94 -3.70 -2.06
C SER A 25 -6.54 -3.61 -1.47
N ALA A 26 -6.46 -3.23 -0.20
CA ALA A 26 -5.19 -3.12 0.50
C ALA A 26 -5.34 -3.40 1.99
N TYR A 27 -4.44 -4.22 2.52
CA TYR A 27 -4.47 -4.57 3.94
C TYR A 27 -3.14 -5.15 4.38
N GLY A 28 -2.91 -5.16 5.70
CA GLY A 28 -1.67 -5.70 6.23
C GLY A 28 -1.38 -5.19 7.63
N THR A 29 -0.11 -4.95 7.92
CA THR A 29 0.30 -4.47 9.24
C THR A 29 0.69 -3.00 9.17
N GLY A 30 0.87 -2.49 7.97
CA GLY A 30 1.24 -1.10 7.80
C GLY A 30 0.04 -0.18 7.69
N LEU A 31 -1.14 -0.77 7.48
CA LEU A 31 -2.37 -0.01 7.37
C LEU A 31 -3.16 -0.04 8.67
N GLU A 32 -2.93 -1.07 9.48
CA GLU A 32 -3.62 -1.23 10.75
C GLU A 32 -3.17 -0.16 11.74
N GLY A 33 -2.14 0.59 11.36
CA GLY A 33 -1.63 1.64 12.23
C GLY A 33 -0.18 1.97 11.94
N GLY A 34 0.38 2.89 12.72
CA GLY A 34 1.77 3.28 12.54
C GLY A 34 2.66 2.80 13.65
N THR A 35 3.48 1.79 13.36
CA THR A 35 4.39 1.23 14.35
C THR A 35 5.78 1.83 14.22
N THR A 36 6.15 2.68 15.17
CA THR A 36 7.46 3.33 15.15
C THR A 36 8.54 2.38 15.68
N GLY A 37 9.45 1.99 14.79
CA GLY A 37 10.52 1.10 15.18
C GLY A 37 10.40 -0.28 14.54
N ILE A 38 9.19 -0.61 14.09
CA ILE A 38 8.94 -1.89 13.46
C ILE A 38 8.60 -1.72 11.98
N GLN A 39 9.05 -2.67 11.17
CA GLN A 39 8.80 -2.63 9.73
C GLN A 39 7.49 -3.34 9.38
N SER A 40 6.55 -2.58 8.83
CA SER A 40 5.25 -3.13 8.46
C SER A 40 5.17 -3.37 6.96
N GLU A 41 4.29 -4.27 6.54
CA GLU A 41 4.11 -4.58 5.13
C GLU A 41 2.66 -4.93 4.83
N PHE A 42 2.13 -4.36 3.75
CA PHE A 42 0.75 -4.62 3.36
C PHE A 42 0.68 -5.10 1.91
N PHE A 43 -0.05 -6.18 1.68
CA PHE A 43 -0.20 -6.75 0.35
C PHE A 43 -1.40 -6.15 -0.37
N ILE A 44 -1.22 -5.81 -1.64
CA ILE A 44 -2.29 -5.23 -2.43
C ILE A 44 -2.98 -6.29 -3.29
N ASN A 45 -4.30 -6.37 -3.18
CA ASN A 45 -5.07 -7.33 -3.95
C ASN A 45 -5.42 -6.79 -5.33
N THR A 46 -4.47 -6.90 -6.25
CA THR A 46 -4.68 -6.42 -7.62
C THR A 46 -4.59 -7.56 -8.62
N THR A 47 -4.81 -8.78 -8.15
CA THR A 47 -4.75 -9.96 -9.01
C THR A 47 -6.09 -10.20 -9.70
N ARG A 48 -7.13 -9.54 -9.21
CA ARG A 48 -8.47 -9.68 -9.78
C ARG A 48 -8.79 -8.49 -10.69
N ALA A 49 -8.22 -7.34 -10.38
CA ALA A 49 -8.45 -6.12 -11.17
C ALA A 49 -7.69 -6.19 -12.49
N GLY A 50 -6.40 -6.50 -12.42
CA GLY A 50 -5.59 -6.58 -13.62
C GLY A 50 -4.27 -5.85 -13.48
N PRO A 51 -3.29 -6.23 -14.31
CA PRO A 51 -1.95 -5.63 -14.30
C PRO A 51 -1.97 -4.19 -14.80
N GLY A 52 -0.97 -3.42 -14.38
CA GLY A 52 -0.88 -2.03 -14.79
C GLY A 52 -0.08 -1.18 -13.82
N THR A 53 0.15 0.07 -14.20
CA THR A 53 0.91 0.99 -13.36
C THR A 53 0.12 1.36 -12.10
N LEU A 54 0.64 0.98 -10.94
CA LEU A 54 -0.02 1.28 -9.67
C LEU A 54 0.52 2.58 -9.07
N SER A 55 -0.38 3.37 -8.48
CA SER A 55 0.00 4.64 -7.87
C SER A 55 0.06 4.51 -6.35
N VAL A 56 1.20 4.87 -5.78
CA VAL A 56 1.37 4.80 -4.33
C VAL A 56 2.15 6.01 -3.82
N THR A 57 1.47 6.88 -3.07
CA THR A 57 2.10 8.07 -2.52
C THR A 57 1.87 8.17 -1.02
N ILE A 58 2.96 8.23 -0.26
CA ILE A 58 2.87 8.32 1.19
C ILE A 58 3.22 9.73 1.67
N GLU A 59 2.46 10.21 2.66
CA GLU A 59 2.70 11.54 3.21
C GLU A 59 2.78 11.49 4.73
N GLY A 60 3.45 12.48 5.31
CA GLY A 60 3.58 12.54 6.76
C GLY A 60 4.59 13.57 7.20
N PRO A 61 4.73 13.74 8.53
CA PRO A 61 5.66 14.71 9.11
C PRO A 61 7.12 14.31 8.92
N SER A 62 7.37 13.00 8.91
CA SER A 62 8.72 12.49 8.74
C SER A 62 8.79 11.52 7.56
N LYS A 63 9.58 11.87 6.56
CA LYS A 63 9.73 11.03 5.37
C LYS A 63 10.02 9.58 5.76
N VAL A 64 9.80 8.67 4.82
CA VAL A 64 10.04 7.25 5.07
C VAL A 64 10.54 6.55 3.81
N LYS A 65 11.37 5.53 4.00
CA LYS A 65 11.91 4.78 2.87
C LYS A 65 10.93 3.70 2.42
N MET A 66 10.60 3.72 1.13
CA MET A 66 9.67 2.74 0.57
C MET A 66 10.41 1.77 -0.34
N ASP A 67 10.30 0.48 -0.02
CA ASP A 67 10.95 -0.57 -0.80
C ASP A 67 10.27 -0.74 -2.15
N CYS A 68 8.94 -0.84 -2.13
CA CYS A 68 8.16 -1.01 -3.36
C CYS A 68 8.79 -2.08 -4.25
N GLN A 69 9.18 -3.19 -3.64
CA GLN A 69 9.79 -4.29 -4.38
C GLN A 69 8.75 -5.05 -5.20
N GLU A 70 9.14 -5.45 -6.41
CA GLU A 70 8.23 -6.18 -7.29
C GLU A 70 7.97 -7.58 -6.75
N THR A 71 6.73 -8.04 -6.88
CA THR A 71 6.34 -9.36 -6.40
C THR A 71 5.56 -10.13 -7.48
N PRO A 72 5.62 -11.46 -7.42
CA PRO A 72 4.93 -12.33 -8.37
C PRO A 72 3.41 -12.29 -8.20
N GLU A 73 2.98 -11.88 -7.02
CA GLU A 73 1.55 -11.80 -6.72
C GLU A 73 1.00 -10.41 -7.04
N GLY A 74 1.83 -9.39 -6.86
CA GLY A 74 1.41 -8.03 -7.13
C GLY A 74 2.51 -7.02 -6.86
N TYR A 75 2.33 -6.22 -5.81
CA TYR A 75 3.31 -5.20 -5.44
C TYR A 75 3.39 -5.04 -3.93
N LYS A 76 4.53 -5.41 -3.36
CA LYS A 76 4.73 -5.31 -1.93
C LYS A 76 5.33 -3.96 -1.56
N VAL A 77 4.72 -3.29 -0.58
CA VAL A 77 5.20 -1.98 -0.14
C VAL A 77 5.58 -2.01 1.34
N MET A 78 6.76 -1.51 1.65
CA MET A 78 7.26 -1.48 3.03
C MET A 78 7.64 -0.06 3.43
N TYR A 79 7.32 0.30 4.67
CA TYR A 79 7.63 1.63 5.18
C TYR A 79 7.67 1.63 6.70
N THR A 80 8.75 2.16 7.27
CA THR A 80 8.91 2.23 8.71
C THR A 80 9.06 3.67 9.18
N PRO A 81 8.07 4.16 9.94
CA PRO A 81 8.08 5.52 10.47
C PRO A 81 9.14 5.72 11.56
N MET A 82 9.83 6.85 11.51
CA MET A 82 10.86 7.16 12.49
C MET A 82 10.29 7.97 13.65
N ALA A 83 9.26 8.77 13.36
CA ALA A 83 8.63 9.60 14.36
C ALA A 83 7.11 9.45 14.32
N PRO A 84 6.47 9.57 15.49
CA PRO A 84 5.02 9.46 15.61
C PRO A 84 4.28 10.64 14.97
N GLY A 85 3.07 10.40 14.52
CA GLY A 85 2.28 11.45 13.88
C GLY A 85 1.19 10.91 12.99
N ASN A 86 0.76 11.72 12.03
CA ASN A 86 -0.29 11.31 11.10
C ASN A 86 0.25 11.22 9.68
N TYR A 87 0.07 10.06 9.06
CA TYR A 87 0.55 9.84 7.69
C TYR A 87 -0.63 9.65 6.73
N LEU A 88 -0.41 10.00 5.48
CA LEU A 88 -1.45 9.87 4.46
C LEU A 88 -1.02 8.91 3.36
N ILE A 89 -1.74 7.80 3.23
CA ILE A 89 -1.43 6.81 2.22
C ILE A 89 -2.49 6.80 1.12
N SER A 90 -2.07 7.12 -0.09
CA SER A 90 -2.98 7.14 -1.24
C SER A 90 -2.62 6.07 -2.25
N VAL A 91 -3.58 5.21 -2.58
CA VAL A 91 -3.36 4.14 -3.53
C VAL A 91 -4.44 4.13 -4.62
N LYS A 92 -4.09 4.63 -5.79
CA LYS A 92 -5.02 4.68 -6.91
C LYS A 92 -4.49 3.91 -8.11
N TYR A 93 -5.39 3.28 -8.85
CA TYR A 93 -5.00 2.51 -10.03
C TYR A 93 -5.90 2.84 -11.22
N GLY A 94 -5.31 2.86 -12.41
CA GLY A 94 -6.08 3.16 -13.61
C GLY A 94 -6.37 4.64 -13.76
N GLY A 95 -5.40 5.47 -13.40
CA GLY A 95 -5.58 6.91 -13.50
C GLY A 95 -5.69 7.57 -12.14
N PRO A 96 -6.26 8.79 -12.11
CA PRO A 96 -6.43 9.56 -10.87
C PRO A 96 -7.48 8.94 -9.96
N ASN A 97 -8.42 8.22 -10.54
CA ASN A 97 -9.48 7.57 -9.78
C ASN A 97 -8.91 6.61 -8.75
N HIS A 98 -9.01 6.97 -7.48
CA HIS A 98 -8.50 6.13 -6.40
C HIS A 98 -9.46 4.98 -6.11
N ILE A 99 -8.96 3.95 -5.45
CA ILE A 99 -9.76 2.79 -5.10
C ILE A 99 -10.61 3.07 -3.86
N VAL A 100 -11.42 2.08 -3.48
CA VAL A 100 -12.28 2.21 -2.30
C VAL A 100 -11.47 2.19 -1.02
N GLY A 101 -11.99 2.82 0.03
CA GLY A 101 -11.30 2.87 1.29
C GLY A 101 -10.27 3.98 1.36
N SER A 102 -9.61 4.24 0.23
CA SER A 102 -8.59 5.28 0.15
C SER A 102 -9.23 6.66 -0.01
N PRO A 103 -8.51 7.70 0.41
CA PRO A 103 -7.18 7.55 1.01
C PRO A 103 -7.23 6.90 2.39
N PHE A 104 -6.18 6.18 2.74
CA PHE A 104 -6.10 5.51 4.03
C PHE A 104 -5.52 6.43 5.09
N LYS A 105 -6.20 6.51 6.22
CA LYS A 105 -5.76 7.37 7.33
C LYS A 105 -5.16 6.53 8.46
N ALA A 106 -3.85 6.61 8.62
CA ALA A 106 -3.16 5.86 9.66
C ALA A 106 -2.59 6.80 10.73
N LYS A 107 -2.30 6.25 11.90
CA LYS A 107 -1.74 7.04 13.00
C LYS A 107 -0.53 6.35 13.60
N VAL A 108 0.59 7.06 13.63
CA VAL A 108 1.83 6.52 14.19
C VAL A 108 2.03 6.98 15.62
N THR A 109 2.36 6.04 16.50
CA THR A 109 2.58 6.35 17.91
C THR A 109 3.74 5.54 18.47
N GLY A 110 4.24 5.95 19.63
CA GLY A 110 5.35 5.26 20.25
C GLY A 110 6.56 6.14 20.43
N GLN A 111 7.35 5.85 21.46
CA GLN A 111 8.56 6.62 21.75
C GLN A 111 9.28 7.00 20.46
N ARG A 112 9.67 8.27 20.36
CA ARG A 112 10.37 8.76 19.18
C ARG A 112 11.72 8.05 19.01
N LEU A 113 12.14 7.88 17.77
CA LEU A 113 13.41 7.22 17.47
C LEU A 113 14.33 8.14 16.67
N VAL A 114 15.21 8.83 17.37
CA VAL A 114 16.16 9.75 16.73
C VAL A 114 17.53 9.10 16.58
N SER A 115 18.08 9.19 15.37
CA SER A 115 19.39 8.61 15.09
C SER A 115 20.42 9.69 14.82
N PRO A 116 20.91 10.33 15.90
CA PRO A 116 21.90 11.40 15.80
C PRO A 116 23.27 10.88 15.36
N GLY A 117 23.69 9.76 15.95
CA GLY A 117 24.98 9.19 15.61
C GLY A 117 25.56 8.36 16.74
N SER A 118 25.75 7.07 16.50
CA SER A 118 26.31 6.18 17.51
C SER A 118 27.31 5.21 16.88
N ALA A 119 28.06 4.53 17.73
CA ALA A 119 29.06 3.57 17.27
C ALA A 119 28.76 2.17 17.80
N ASN A 120 28.42 1.26 16.89
CA ASN A 120 28.10 -0.12 17.27
C ASN A 120 29.37 -0.97 17.29
N GLU A 121 29.47 -1.83 18.30
CA GLU A 121 30.63 -2.70 18.44
C GLU A 121 30.64 -3.77 17.35
N THR A 122 31.51 -3.58 16.36
CA THR A 122 31.62 -4.52 15.25
C THR A 122 32.55 -5.68 15.61
N SER A 123 32.21 -6.87 15.12
CA SER A 123 33.00 -8.06 15.39
C SER A 123 34.50 -7.73 15.38
N SER A 124 35.19 -8.16 16.43
CA SER A 124 36.62 -7.91 16.55
C SER A 124 37.42 -9.15 16.18
N ILE A 125 38.63 -8.94 15.67
CA ILE A 125 39.49 -10.05 15.28
C ILE A 125 39.43 -11.18 16.30
N GLY A 1 -52.70 -6.43 -20.77
CA GLY A 1 -52.97 -6.04 -19.41
C GLY A 1 -51.88 -6.44 -18.44
N SER A 2 -51.52 -5.54 -17.55
CA SER A 2 -50.47 -5.81 -16.57
C SER A 2 -50.38 -4.68 -15.55
N SER A 3 -50.09 -5.03 -14.30
CA SER A 3 -49.97 -4.05 -13.23
C SER A 3 -49.37 -4.69 -11.97
N GLY A 4 -49.07 -3.85 -10.98
CA GLY A 4 -48.50 -4.35 -9.74
C GLY A 4 -46.98 -4.30 -9.75
N SER A 5 -46.39 -3.86 -8.64
CA SER A 5 -44.96 -3.77 -8.53
C SER A 5 -44.49 -4.12 -7.12
N SER A 6 -43.49 -5.00 -7.03
CA SER A 6 -42.96 -5.43 -5.75
C SER A 6 -41.45 -5.28 -5.70
N GLY A 7 -40.91 -5.03 -4.50
CA GLY A 7 -39.48 -4.86 -4.35
C GLY A 7 -38.72 -6.16 -4.54
N PHE A 8 -38.60 -6.59 -5.79
CA PHE A 8 -37.90 -7.84 -6.11
C PHE A 8 -36.49 -7.54 -6.60
N LYS A 9 -35.73 -8.60 -6.85
CA LYS A 9 -34.35 -8.47 -7.32
C LYS A 9 -34.28 -7.47 -8.48
N VAL A 10 -33.08 -6.97 -8.74
CA VAL A 10 -32.86 -6.01 -9.82
C VAL A 10 -31.57 -6.31 -10.58
N ARG A 11 -31.59 -6.05 -11.88
CA ARG A 11 -30.42 -6.29 -12.73
C ARG A 11 -29.62 -5.01 -12.92
N VAL A 12 -28.30 -5.15 -13.00
CA VAL A 12 -27.42 -4.00 -13.18
C VAL A 12 -26.43 -4.25 -14.32
N GLY A 13 -26.18 -3.21 -15.11
CA GLY A 13 -25.24 -3.33 -16.22
C GLY A 13 -23.93 -2.63 -15.96
N GLU A 14 -22.88 -3.07 -16.63
CA GLU A 14 -21.55 -2.48 -16.47
C GLU A 14 -21.18 -1.66 -17.70
N PRO A 15 -20.28 -0.68 -17.50
CA PRO A 15 -19.81 0.20 -18.58
C PRO A 15 -18.93 -0.55 -19.58
N GLY A 16 -18.82 0.01 -20.79
CA GLY A 16 -18.00 -0.62 -21.82
C GLY A 16 -16.56 -0.78 -21.39
N GLN A 17 -15.75 0.24 -21.65
CA GLN A 17 -14.33 0.22 -21.29
C GLN A 17 -14.12 -0.53 -19.98
N ALA A 18 -13.01 -1.26 -19.88
CA ALA A 18 -12.70 -2.01 -18.68
C ALA A 18 -11.72 -1.25 -17.80
N GLY A 19 -11.36 -1.84 -16.66
CA GLY A 19 -10.44 -1.20 -15.74
C GLY A 19 -11.13 -0.70 -14.49
N ASN A 20 -11.42 -1.60 -13.57
CA ASN A 20 -12.08 -1.24 -12.32
C ASN A 20 -11.07 -1.13 -11.18
N PRO A 21 -10.74 0.11 -10.80
CA PRO A 21 -9.79 0.38 -9.72
C PRO A 21 -10.34 0.00 -8.34
N ALA A 22 -11.67 -0.01 -8.23
CA ALA A 22 -12.32 -0.36 -6.97
C ALA A 22 -11.98 -1.78 -6.55
N LEU A 23 -12.01 -2.70 -7.51
CA LEU A 23 -11.69 -4.11 -7.24
C LEU A 23 -10.38 -4.23 -6.47
N VAL A 24 -9.44 -3.34 -6.76
CA VAL A 24 -8.14 -3.34 -6.09
C VAL A 24 -8.29 -3.02 -4.62
N SER A 25 -7.63 -3.80 -3.77
CA SER A 25 -7.68 -3.59 -2.33
C SER A 25 -6.27 -3.53 -1.73
N ALA A 26 -6.18 -3.05 -0.50
CA ALA A 26 -4.90 -2.94 0.19
C ALA A 26 -5.06 -3.14 1.68
N TYR A 27 -4.17 -3.94 2.26
CA TYR A 27 -4.21 -4.22 3.70
C TYR A 27 -2.85 -4.70 4.19
N GLY A 28 -2.63 -4.60 5.50
CA GLY A 28 -1.38 -5.03 6.09
C GLY A 28 -1.22 -4.57 7.52
N THR A 29 0.00 -4.67 8.04
CA THR A 29 0.28 -4.25 9.41
C THR A 29 0.64 -2.78 9.48
N GLY A 30 0.98 -2.20 8.33
CA GLY A 30 1.35 -0.79 8.29
C GLY A 30 0.15 0.11 8.06
N LEU A 31 -0.90 -0.45 7.46
CA LEU A 31 -2.11 0.31 7.18
C LEU A 31 -3.03 0.33 8.39
N GLU A 32 -2.92 -0.69 9.24
CA GLU A 32 -3.74 -0.79 10.44
C GLU A 32 -3.24 0.16 11.52
N GLY A 33 -1.94 0.35 11.58
CA GLY A 33 -1.35 1.24 12.58
C GLY A 33 0.08 1.61 12.26
N GLY A 34 0.60 2.62 12.95
CA GLY A 34 1.97 3.05 12.72
C GLY A 34 2.91 2.62 13.83
N THR A 35 3.71 1.60 13.54
CA THR A 35 4.66 1.08 14.53
C THR A 35 6.04 1.67 14.32
N THR A 36 6.42 2.62 15.17
CA THR A 36 7.72 3.27 15.08
C THR A 36 8.83 2.34 15.54
N GLY A 37 9.79 2.09 14.67
CA GLY A 37 10.90 1.22 15.00
C GLY A 37 10.84 -0.11 14.27
N ILE A 38 9.63 -0.52 13.89
CA ILE A 38 9.43 -1.77 13.19
C ILE A 38 9.07 -1.53 11.72
N GLN A 39 9.51 -2.44 10.85
CA GLN A 39 9.23 -2.33 9.42
C GLN A 39 7.88 -2.94 9.08
N SER A 40 6.94 -2.11 8.67
CA SER A 40 5.60 -2.58 8.31
C SER A 40 5.54 -2.97 6.84
N GLU A 41 4.54 -3.78 6.49
CA GLU A 41 4.37 -4.23 5.11
C GLU A 41 2.91 -4.51 4.82
N PHE A 42 2.45 -4.03 3.66
CA PHE A 42 1.05 -4.23 3.25
C PHE A 42 0.97 -4.59 1.78
N PHE A 43 0.21 -5.65 1.47
CA PHE A 43 0.06 -6.10 0.09
C PHE A 43 -1.13 -5.39 -0.57
N ILE A 44 -1.14 -5.41 -1.90
CA ILE A 44 -2.23 -4.77 -2.66
C ILE A 44 -2.89 -5.77 -3.60
N ASN A 45 -4.10 -6.19 -3.24
CA ASN A 45 -4.85 -7.15 -4.06
C ASN A 45 -5.17 -6.56 -5.42
N THR A 46 -4.28 -6.80 -6.39
CA THR A 46 -4.48 -6.28 -7.74
C THR A 46 -4.39 -7.41 -8.77
N THR A 47 -4.87 -8.58 -8.39
CA THR A 47 -4.85 -9.74 -9.28
C THR A 47 -6.11 -9.81 -10.14
N ARG A 48 -7.23 -9.38 -9.56
CA ARG A 48 -8.50 -9.39 -10.27
C ARG A 48 -8.61 -8.19 -11.21
N ALA A 49 -7.99 -7.08 -10.81
CA ALA A 49 -8.01 -5.86 -11.62
C ALA A 49 -7.10 -5.99 -12.82
N GLY A 50 -5.80 -6.20 -12.55
CA GLY A 50 -4.84 -6.32 -13.64
C GLY A 50 -3.41 -6.17 -13.15
N PRO A 51 -2.48 -6.86 -13.83
CA PRO A 51 -1.05 -6.82 -13.48
C PRO A 51 -0.42 -5.47 -13.78
N GLY A 52 -1.20 -4.58 -14.36
CA GLY A 52 -0.70 -3.26 -14.70
C GLY A 52 0.05 -2.61 -13.56
N THR A 53 0.67 -1.47 -13.83
CA THR A 53 1.45 -0.76 -12.81
C THR A 53 0.53 0.13 -11.97
N LEU A 54 0.64 0.01 -10.65
CA LEU A 54 -0.17 0.81 -9.73
C LEU A 54 0.61 2.02 -9.24
N SER A 55 -0.11 2.97 -8.66
CA SER A 55 0.51 4.20 -8.15
C SER A 55 0.14 4.43 -6.70
N VAL A 56 1.11 4.84 -5.89
CA VAL A 56 0.88 5.10 -4.48
C VAL A 56 1.65 6.34 -4.01
N THR A 57 1.06 7.07 -3.07
CA THR A 57 1.68 8.28 -2.55
C THR A 57 1.45 8.41 -1.05
N ILE A 58 2.52 8.27 -0.27
CA ILE A 58 2.43 8.36 1.18
C ILE A 58 2.70 9.79 1.65
N GLU A 59 2.13 10.15 2.79
CA GLU A 59 2.31 11.49 3.35
C GLU A 59 2.49 11.42 4.86
N GLY A 60 3.01 12.50 5.44
CA GLY A 60 3.21 12.55 6.87
C GLY A 60 4.23 13.59 7.28
N PRO A 61 4.38 13.80 8.59
CA PRO A 61 5.33 14.78 9.14
C PRO A 61 6.77 14.37 8.94
N SER A 62 7.04 13.06 9.05
CA SER A 62 8.39 12.54 8.88
C SER A 62 8.50 11.74 7.58
N LYS A 63 9.57 11.99 6.84
CA LYS A 63 9.81 11.29 5.58
C LYS A 63 10.25 9.85 5.83
N VAL A 64 9.69 8.93 5.05
CA VAL A 64 10.03 7.51 5.19
C VAL A 64 10.78 7.00 3.95
N LYS A 65 11.53 5.93 4.13
CA LYS A 65 12.29 5.34 3.03
C LYS A 65 11.61 4.08 2.50
N MET A 66 10.31 4.20 2.24
CA MET A 66 9.54 3.07 1.72
C MET A 66 10.09 2.61 0.38
N ASP A 67 9.79 1.36 0.03
CA ASP A 67 10.25 0.80 -1.24
C ASP A 67 9.14 0.01 -1.92
N CYS A 68 9.24 -0.12 -3.24
CA CYS A 68 8.24 -0.85 -4.02
C CYS A 68 8.85 -2.10 -4.65
N GLN A 69 8.70 -3.24 -3.97
CA GLN A 69 9.24 -4.50 -4.47
C GLN A 69 8.15 -5.33 -5.15
N GLU A 70 8.36 -5.65 -6.43
CA GLU A 70 7.40 -6.43 -7.19
C GLU A 70 7.18 -7.80 -6.54
N THR A 71 5.98 -8.33 -6.70
CA THR A 71 5.65 -9.64 -6.13
C THR A 71 4.65 -10.39 -7.01
N PRO A 72 4.68 -11.72 -6.95
CA PRO A 72 3.78 -12.57 -7.73
C PRO A 72 2.34 -12.49 -7.26
N GLU A 73 2.15 -11.90 -6.08
CA GLU A 73 0.81 -11.76 -5.52
C GLU A 73 0.19 -10.42 -5.92
N GLY A 74 1.03 -9.44 -6.18
CA GLY A 74 0.55 -8.13 -6.58
C GLY A 74 1.60 -7.05 -6.39
N TYR A 75 1.62 -6.44 -5.21
CA TYR A 75 2.58 -5.38 -4.92
C TYR A 75 2.73 -5.19 -3.41
N LYS A 76 3.96 -5.27 -2.93
CA LYS A 76 4.25 -5.12 -1.51
C LYS A 76 5.11 -3.89 -1.26
N VAL A 77 4.62 -2.98 -0.42
CA VAL A 77 5.36 -1.76 -0.10
C VAL A 77 5.78 -1.74 1.36
N MET A 78 7.09 -1.84 1.60
CA MET A 78 7.62 -1.83 2.95
C MET A 78 8.12 -0.44 3.33
N TYR A 79 7.71 0.03 4.50
CA TYR A 79 8.12 1.35 4.98
C TYR A 79 8.17 1.38 6.51
N THR A 80 9.18 2.06 7.05
CA THR A 80 9.34 2.17 8.49
C THR A 80 9.37 3.63 8.93
N PRO A 81 8.35 4.03 9.72
CA PRO A 81 8.24 5.40 10.22
C PRO A 81 9.31 5.72 11.27
N MET A 82 9.87 6.93 11.17
CA MET A 82 10.90 7.36 12.12
C MET A 82 10.29 8.09 13.30
N ALA A 83 9.18 8.79 13.05
CA ALA A 83 8.50 9.53 14.11
C ALA A 83 6.99 9.32 14.03
N PRO A 84 6.31 9.47 15.18
CA PRO A 84 4.86 9.31 15.26
C PRO A 84 4.11 10.43 14.57
N GLY A 85 2.78 10.30 14.51
CA GLY A 85 1.97 11.32 13.87
C GLY A 85 0.90 10.71 12.98
N ASN A 86 0.36 11.52 12.07
CA ASN A 86 -0.69 11.08 11.16
C ASN A 86 -0.15 10.95 9.74
N TYR A 87 -0.23 9.74 9.19
CA TYR A 87 0.25 9.49 7.83
C TYR A 87 -0.90 9.17 6.89
N LEU A 88 -0.76 9.56 5.63
CA LEU A 88 -1.80 9.34 4.62
C LEU A 88 -1.26 8.49 3.48
N ILE A 89 -1.93 7.38 3.19
CA ILE A 89 -1.52 6.49 2.12
C ILE A 89 -2.65 6.32 1.09
N SER A 90 -2.40 6.78 -0.13
CA SER A 90 -3.38 6.67 -1.20
C SER A 90 -2.98 5.60 -2.21
N VAL A 91 -3.97 5.06 -2.92
CA VAL A 91 -3.72 4.03 -3.92
C VAL A 91 -4.54 4.28 -5.17
N LYS A 92 -3.87 4.34 -6.31
CA LYS A 92 -4.53 4.57 -7.59
C LYS A 92 -4.16 3.48 -8.60
N TYR A 93 -5.16 2.99 -9.33
CA TYR A 93 -4.94 1.96 -10.33
C TYR A 93 -5.03 2.52 -11.74
N GLY A 94 -3.89 2.70 -12.38
CA GLY A 94 -3.86 3.24 -13.72
C GLY A 94 -4.94 4.27 -13.95
N GLY A 95 -4.99 5.28 -13.08
CA GLY A 95 -5.99 6.33 -13.21
C GLY A 95 -5.95 7.31 -12.06
N PRO A 96 -6.41 8.56 -12.32
CA PRO A 96 -6.44 9.61 -11.31
C PRO A 96 -7.46 9.35 -10.22
N ASN A 97 -8.17 8.23 -10.33
CA ASN A 97 -9.18 7.86 -9.35
C ASN A 97 -8.61 6.90 -8.31
N HIS A 98 -8.87 7.19 -7.04
CA HIS A 98 -8.39 6.33 -5.95
C HIS A 98 -9.25 5.08 -5.80
N ILE A 99 -8.76 4.13 -5.03
CA ILE A 99 -9.48 2.88 -4.82
C ILE A 99 -10.45 3.00 -3.65
N VAL A 100 -11.17 1.92 -3.37
CA VAL A 100 -12.13 1.90 -2.27
C VAL A 100 -11.42 1.97 -0.93
N GLY A 101 -12.08 2.59 0.05
CA GLY A 101 -11.49 2.71 1.38
C GLY A 101 -10.55 3.88 1.50
N SER A 102 -9.65 4.02 0.53
CA SER A 102 -8.68 5.10 0.53
C SER A 102 -9.38 6.45 0.41
N PRO A 103 -8.67 7.52 0.80
CA PRO A 103 -7.30 7.43 1.31
C PRO A 103 -7.25 6.78 2.69
N PHE A 104 -6.18 6.04 2.95
CA PHE A 104 -6.00 5.36 4.23
C PHE A 104 -5.37 6.29 5.25
N LYS A 105 -6.01 6.41 6.41
CA LYS A 105 -5.51 7.27 7.48
C LYS A 105 -4.99 6.44 8.64
N ALA A 106 -3.69 6.16 8.64
CA ALA A 106 -3.07 5.38 9.70
C ALA A 106 -2.49 6.28 10.79
N LYS A 107 -2.55 5.82 12.03
CA LYS A 107 -2.04 6.58 13.15
C LYS A 107 -0.83 5.89 13.77
N VAL A 108 0.25 6.66 13.95
CA VAL A 108 1.48 6.12 14.53
C VAL A 108 1.56 6.43 16.03
N THR A 109 2.05 5.46 16.80
CA THR A 109 2.18 5.63 18.24
C THR A 109 3.52 6.27 18.60
N GLY A 110 3.59 6.87 19.78
CA GLY A 110 4.81 7.51 20.22
C GLY A 110 6.05 6.71 19.83
N GLN A 111 6.50 5.87 20.75
CA GLN A 111 7.69 5.04 20.51
C GLN A 111 8.68 5.78 19.61
N ARG A 112 8.90 7.05 19.90
CA ARG A 112 9.83 7.87 19.13
C ARG A 112 11.21 7.21 19.07
N LEU A 113 11.94 7.47 17.99
CA LEU A 113 13.27 6.91 17.81
C LEU A 113 14.33 7.99 17.87
N VAL A 114 14.87 8.22 19.07
CA VAL A 114 15.90 9.23 19.27
C VAL A 114 17.22 8.60 19.71
N SER A 115 18.33 9.11 19.19
CA SER A 115 19.64 8.60 19.54
C SER A 115 20.15 9.21 20.84
N PRO A 116 20.79 8.38 21.67
CA PRO A 116 21.34 8.82 22.96
C PRO A 116 22.54 9.73 22.80
N GLY A 117 23.43 9.38 21.87
CA GLY A 117 24.61 10.19 21.64
C GLY A 117 24.57 10.89 20.30
N SER A 118 23.75 11.93 20.20
CA SER A 118 23.62 12.68 18.96
C SER A 118 24.63 13.82 18.90
N ALA A 119 25.69 13.64 18.13
CA ALA A 119 26.73 14.64 18.00
C ALA A 119 27.40 14.56 16.63
N ASN A 120 27.52 15.70 15.95
CA ASN A 120 28.15 15.75 14.64
C ASN A 120 29.65 15.95 14.76
N GLU A 121 30.41 14.94 14.35
CA GLU A 121 31.88 15.00 14.41
C GLU A 121 32.49 14.76 13.04
N THR A 122 32.65 15.83 12.27
CA THR A 122 33.23 15.75 10.94
C THR A 122 34.74 15.91 10.97
N SER A 123 35.43 15.22 10.07
CA SER A 123 36.89 15.29 10.02
C SER A 123 37.36 16.73 9.93
N SER A 124 38.65 16.94 10.16
CA SER A 124 39.23 18.28 10.12
C SER A 124 40.41 18.33 9.16
N ILE A 125 41.48 17.63 9.52
CA ILE A 125 42.69 17.59 8.69
C ILE A 125 43.27 16.19 8.63
N GLY A 1 -49.49 -16.68 3.02
CA GLY A 1 -48.39 -17.63 3.12
C GLY A 1 -47.06 -16.94 3.31
N SER A 2 -46.00 -17.73 3.48
CA SER A 2 -44.66 -17.19 3.67
C SER A 2 -43.61 -18.28 3.49
N SER A 3 -42.46 -17.90 2.95
CA SER A 3 -41.37 -18.83 2.72
C SER A 3 -40.11 -18.11 2.27
N GLY A 4 -39.03 -18.86 2.07
CA GLY A 4 -37.78 -18.27 1.63
C GLY A 4 -36.77 -19.32 1.18
N SER A 5 -36.04 -19.01 0.12
CA SER A 5 -35.04 -19.93 -0.42
C SER A 5 -33.90 -19.16 -1.09
N SER A 6 -32.79 -19.84 -1.33
CA SER A 6 -31.63 -19.24 -1.97
C SER A 6 -31.74 -19.34 -3.49
N GLY A 7 -31.15 -18.37 -4.18
CA GLY A 7 -31.19 -18.36 -5.63
C GLY A 7 -30.20 -19.34 -6.24
N PHE A 8 -29.34 -18.84 -7.13
CA PHE A 8 -28.35 -19.68 -7.79
C PHE A 8 -26.99 -18.99 -7.79
N LYS A 9 -26.08 -19.48 -6.96
CA LYS A 9 -24.73 -18.91 -6.87
C LYS A 9 -24.20 -18.56 -8.25
N VAL A 10 -23.37 -17.53 -8.32
CA VAL A 10 -22.78 -17.09 -9.58
C VAL A 10 -21.29 -16.89 -9.45
N ARG A 11 -20.54 -17.33 -10.46
CA ARG A 11 -19.08 -17.19 -10.45
C ARG A 11 -18.64 -16.08 -11.40
N VAL A 12 -17.54 -15.43 -11.06
CA VAL A 12 -17.00 -14.35 -11.87
C VAL A 12 -15.76 -14.79 -12.64
N GLY A 13 -15.47 -14.12 -13.75
CA GLY A 13 -14.31 -14.46 -14.54
C GLY A 13 -14.30 -13.78 -15.90
N GLU A 14 -15.49 -13.38 -16.35
CA GLU A 14 -15.63 -12.72 -17.64
C GLU A 14 -15.40 -11.21 -17.50
N PRO A 15 -14.94 -10.58 -18.60
CA PRO A 15 -14.67 -9.14 -18.63
C PRO A 15 -15.94 -8.31 -18.56
N GLY A 16 -15.79 -7.01 -18.32
CA GLY A 16 -16.93 -6.13 -18.24
C GLY A 16 -16.55 -4.67 -18.14
N GLN A 17 -15.71 -4.35 -17.15
CA GLN A 17 -15.25 -2.98 -16.94
C GLN A 17 -13.73 -2.91 -16.90
N ALA A 18 -13.10 -2.98 -18.06
CA ALA A 18 -11.65 -2.93 -18.15
C ALA A 18 -11.09 -1.82 -17.27
N GLY A 19 -10.02 -2.14 -16.54
CA GLY A 19 -9.40 -1.16 -15.65
C GLY A 19 -10.32 -0.73 -14.53
N ASN A 20 -10.66 -1.67 -13.66
CA ASN A 20 -11.55 -1.39 -12.53
C ASN A 20 -10.74 -1.17 -11.26
N PRO A 21 -10.63 0.09 -10.83
CA PRO A 21 -9.89 0.46 -9.62
C PRO A 21 -10.59 -0.02 -8.34
N ALA A 22 -11.92 -0.03 -8.38
CA ALA A 22 -12.71 -0.47 -7.23
C ALA A 22 -12.35 -1.88 -6.82
N LEU A 23 -12.25 -2.78 -7.80
CA LEU A 23 -11.90 -4.17 -7.54
C LEU A 23 -10.62 -4.27 -6.73
N VAL A 24 -9.63 -3.46 -7.09
CA VAL A 24 -8.35 -3.45 -6.40
C VAL A 24 -8.53 -3.26 -4.90
N SER A 25 -7.77 -4.02 -4.12
CA SER A 25 -7.85 -3.94 -2.67
C SER A 25 -6.47 -3.95 -2.04
N ALA A 26 -6.38 -3.50 -0.78
CA ALA A 26 -5.11 -3.46 -0.07
C ALA A 26 -5.30 -3.86 1.39
N TYR A 27 -4.41 -4.72 1.88
CA TYR A 27 -4.48 -5.19 3.26
C TYR A 27 -3.08 -5.52 3.78
N GLY A 28 -2.95 -5.54 5.10
CA GLY A 28 -1.67 -5.85 5.72
C GLY A 28 -1.61 -5.47 7.18
N THR A 29 -0.40 -5.23 7.69
CA THR A 29 -0.22 -4.86 9.08
C THR A 29 0.07 -3.37 9.21
N GLY A 30 0.76 -2.82 8.22
CA GLY A 30 1.10 -1.41 8.24
C GLY A 30 -0.13 -0.51 8.19
N LEU A 31 -1.26 -1.09 7.80
CA LEU A 31 -2.51 -0.34 7.71
C LEU A 31 -3.22 -0.29 9.05
N GLU A 32 -2.88 -1.22 9.93
CA GLU A 32 -3.48 -1.29 11.26
C GLU A 32 -3.14 -0.04 12.07
N GLY A 33 -1.96 0.52 11.81
CA GLY A 33 -1.53 1.70 12.53
C GLY A 33 -0.10 2.09 12.22
N GLY A 34 0.40 3.10 12.92
CA GLY A 34 1.77 3.54 12.70
C GLY A 34 2.72 3.04 13.78
N THR A 35 3.52 2.04 13.43
CA THR A 35 4.47 1.46 14.38
C THR A 35 5.87 2.02 14.15
N THR A 36 6.34 2.84 15.08
CA THR A 36 7.66 3.44 14.97
C THR A 36 8.75 2.46 15.43
N GLY A 37 9.75 2.26 14.57
CA GLY A 37 10.83 1.35 14.89
C GLY A 37 10.68 0.01 14.20
N ILE A 38 9.44 -0.37 13.91
CA ILE A 38 9.17 -1.64 13.24
C ILE A 38 8.91 -1.44 11.75
N GLN A 39 9.08 -2.50 10.98
CA GLN A 39 8.86 -2.44 9.54
C GLN A 39 7.62 -3.24 9.14
N SER A 40 6.56 -2.53 8.80
CA SER A 40 5.31 -3.16 8.41
C SER A 40 5.31 -3.50 6.91
N GLU A 41 4.39 -4.36 6.50
CA GLU A 41 4.30 -4.77 5.10
C GLU A 41 2.85 -5.09 4.73
N PHE A 42 2.34 -4.43 3.70
CA PHE A 42 0.98 -4.65 3.25
C PHE A 42 0.94 -4.93 1.74
N PHE A 43 0.29 -6.03 1.38
CA PHE A 43 0.18 -6.42 -0.03
C PHE A 43 -1.03 -5.76 -0.69
N ILE A 44 -1.10 -5.85 -2.01
CA ILE A 44 -2.21 -5.27 -2.76
C ILE A 44 -2.89 -6.31 -3.62
N ASN A 45 -4.20 -6.50 -3.41
CA ASN A 45 -4.96 -7.47 -4.17
C ASN A 45 -5.17 -6.99 -5.61
N THR A 46 -4.12 -7.11 -6.42
CA THR A 46 -4.19 -6.70 -7.81
C THR A 46 -4.15 -7.90 -8.75
N THR A 47 -4.98 -8.91 -8.44
CA THR A 47 -5.04 -10.12 -9.25
C THR A 47 -6.33 -10.16 -10.05
N ARG A 48 -7.44 -9.90 -9.38
CA ARG A 48 -8.75 -9.92 -10.03
C ARG A 48 -8.96 -8.66 -10.87
N ALA A 49 -8.11 -7.66 -10.65
CA ALA A 49 -8.20 -6.40 -11.38
C ALA A 49 -7.37 -6.45 -12.66
N GLY A 50 -6.14 -6.94 -12.54
CA GLY A 50 -5.26 -7.03 -13.69
C GLY A 50 -3.93 -6.33 -13.47
N PRO A 51 -2.87 -6.88 -14.06
CA PRO A 51 -1.53 -6.32 -13.94
C PRO A 51 -1.37 -5.00 -14.69
N GLY A 52 -1.59 -3.90 -13.99
CA GLY A 52 -1.48 -2.58 -14.60
C GLY A 52 -0.51 -1.67 -13.86
N THR A 53 -0.68 -0.37 -14.04
CA THR A 53 0.18 0.61 -13.40
C THR A 53 -0.49 1.20 -12.17
N LEU A 54 0.26 1.31 -11.07
CA LEU A 54 -0.27 1.86 -9.83
C LEU A 54 0.57 3.05 -9.37
N SER A 55 0.01 3.82 -8.45
CA SER A 55 0.70 5.00 -7.92
C SER A 55 0.63 5.04 -6.40
N VAL A 56 1.78 4.96 -5.75
CA VAL A 56 1.85 4.99 -4.29
C VAL A 56 2.35 6.33 -3.79
N THR A 57 1.56 6.98 -2.94
CA THR A 57 1.93 8.28 -2.39
C THR A 57 1.66 8.34 -0.89
N ILE A 58 2.74 8.43 -0.11
CA ILE A 58 2.62 8.48 1.35
C ILE A 58 2.96 9.89 1.86
N GLU A 59 2.25 10.29 2.91
CA GLU A 59 2.47 11.61 3.50
C GLU A 59 2.87 11.48 4.97
N GLY A 60 3.05 12.63 5.62
CA GLY A 60 3.43 12.62 7.03
C GLY A 60 4.39 13.74 7.38
N PRO A 61 4.66 13.92 8.67
CA PRO A 61 5.57 14.95 9.17
C PRO A 61 7.02 14.66 8.81
N SER A 62 7.40 13.39 8.87
CA SER A 62 8.76 12.98 8.56
C SER A 62 8.80 12.10 7.31
N LYS A 63 9.91 12.16 6.59
CA LYS A 63 10.08 11.37 5.38
C LYS A 63 10.41 9.91 5.71
N VAL A 64 9.77 8.99 5.01
CA VAL A 64 10.01 7.57 5.22
C VAL A 64 10.68 6.93 4.01
N LYS A 65 11.82 6.30 4.25
CA LYS A 65 12.55 5.65 3.17
C LYS A 65 11.79 4.42 2.65
N MET A 66 10.73 4.68 1.90
CA MET A 66 9.92 3.62 1.33
C MET A 66 10.72 2.81 0.31
N ASP A 67 10.33 1.55 0.13
CA ASP A 67 11.01 0.67 -0.81
C ASP A 67 10.01 -0.18 -1.59
N CYS A 68 10.22 -0.31 -2.89
CA CYS A 68 9.34 -1.09 -3.74
C CYS A 68 9.80 -2.54 -3.82
N GLN A 69 8.84 -3.47 -3.77
CA GLN A 69 9.16 -4.89 -3.82
C GLN A 69 8.21 -5.62 -4.77
N GLU A 70 8.78 -6.31 -5.76
CA GLU A 70 7.98 -7.05 -6.73
C GLU A 70 7.53 -8.39 -6.16
N THR A 71 6.24 -8.69 -6.31
CA THR A 71 5.69 -9.94 -5.82
C THR A 71 4.80 -10.61 -6.87
N PRO A 72 4.70 -11.95 -6.79
CA PRO A 72 3.89 -12.73 -7.73
C PRO A 72 2.40 -12.51 -7.54
N GLU A 73 2.05 -11.76 -6.50
CA GLU A 73 0.65 -11.47 -6.20
C GLU A 73 0.31 -10.02 -6.51
N GLY A 74 1.35 -9.18 -6.58
CA GLY A 74 1.14 -7.77 -6.86
C GLY A 74 2.36 -6.93 -6.52
N TYR A 75 2.30 -6.22 -5.40
CA TYR A 75 3.40 -5.37 -4.98
C TYR A 75 3.34 -5.11 -3.48
N LYS A 76 4.37 -5.54 -2.76
CA LYS A 76 4.44 -5.34 -1.32
C LYS A 76 5.05 -3.99 -0.97
N VAL A 77 4.28 -3.17 -0.27
CA VAL A 77 4.75 -1.85 0.13
C VAL A 77 5.03 -1.78 1.62
N MET A 78 6.24 -1.33 1.98
CA MET A 78 6.62 -1.22 3.38
C MET A 78 7.16 0.18 3.68
N TYR A 79 6.94 0.63 4.92
CA TYR A 79 7.39 1.95 5.34
C TYR A 79 7.74 1.97 6.83
N THR A 80 8.98 2.32 7.13
CA THR A 80 9.43 2.36 8.52
C THR A 80 9.60 3.80 8.99
N PRO A 81 8.56 4.34 9.65
CA PRO A 81 8.58 5.71 10.17
C PRO A 81 9.53 5.88 11.34
N MET A 82 10.27 6.99 11.34
CA MET A 82 11.22 7.27 12.41
C MET A 82 10.57 8.11 13.51
N ALA A 83 9.60 8.91 13.13
CA ALA A 83 8.89 9.77 14.08
C ALA A 83 7.39 9.53 14.02
N PRO A 84 6.74 9.58 15.20
CA PRO A 84 5.29 9.36 15.31
C PRO A 84 4.49 10.53 14.71
N GLY A 85 3.16 10.41 14.77
CA GLY A 85 2.31 11.45 14.23
C GLY A 85 1.16 10.90 13.42
N ASN A 86 0.90 11.52 12.27
CA ASN A 86 -0.19 11.07 11.40
C ASN A 86 0.27 10.98 9.95
N TYR A 87 0.22 9.78 9.39
CA TYR A 87 0.63 9.56 8.01
C TYR A 87 -0.56 9.19 7.13
N LEU A 88 -0.37 9.27 5.82
CA LEU A 88 -1.43 8.94 4.87
C LEU A 88 -0.89 8.08 3.73
N ILE A 89 -1.75 7.23 3.18
CA ILE A 89 -1.36 6.35 2.08
C ILE A 89 -2.38 6.41 0.96
N SER A 90 -1.97 6.97 -0.18
CA SER A 90 -2.85 7.09 -1.34
C SER A 90 -2.54 6.01 -2.36
N VAL A 91 -3.59 5.34 -2.84
CA VAL A 91 -3.43 4.27 -3.83
C VAL A 91 -4.32 4.52 -5.03
N LYS A 92 -3.71 4.88 -6.15
CA LYS A 92 -4.45 5.14 -7.38
C LYS A 92 -4.20 4.02 -8.40
N TYR A 93 -5.19 3.81 -9.27
CA TYR A 93 -5.09 2.78 -10.30
C TYR A 93 -5.95 3.12 -11.50
N GLY A 94 -5.31 3.38 -12.64
CA GLY A 94 -6.04 3.72 -13.85
C GLY A 94 -6.76 5.05 -13.74
N GLY A 95 -5.99 6.14 -13.78
CA GLY A 95 -6.58 7.46 -13.69
C GLY A 95 -6.48 8.04 -12.29
N PRO A 96 -6.92 9.30 -12.14
CA PRO A 96 -6.89 9.99 -10.84
C PRO A 96 -7.90 9.42 -9.86
N ASN A 97 -8.62 8.39 -10.29
CA ASN A 97 -9.63 7.75 -9.44
C ASN A 97 -8.98 6.75 -8.48
N HIS A 98 -9.16 6.99 -7.19
CA HIS A 98 -8.59 6.11 -6.17
C HIS A 98 -9.37 4.81 -6.08
N ILE A 99 -8.92 3.91 -5.22
CA ILE A 99 -9.58 2.62 -5.03
C ILE A 99 -10.49 2.64 -3.81
N VAL A 100 -11.11 1.50 -3.52
CA VAL A 100 -12.00 1.39 -2.37
C VAL A 100 -11.22 1.41 -1.07
N GLY A 101 -11.80 2.03 -0.05
CA GLY A 101 -11.15 2.11 1.24
C GLY A 101 -10.33 3.38 1.41
N SER A 102 -9.59 3.73 0.36
CA SER A 102 -8.75 4.93 0.38
C SER A 102 -9.60 6.19 0.32
N PRO A 103 -9.01 7.32 0.73
CA PRO A 103 -7.63 7.37 1.21
C PRO A 103 -7.47 6.69 2.57
N PHE A 104 -6.27 6.18 2.83
CA PHE A 104 -5.98 5.50 4.09
C PHE A 104 -5.35 6.45 5.09
N LYS A 105 -6.02 6.65 6.22
CA LYS A 105 -5.53 7.54 7.27
C LYS A 105 -4.97 6.74 8.44
N ALA A 106 -3.65 6.75 8.60
CA ALA A 106 -3.01 6.03 9.69
C ALA A 106 -2.51 6.99 10.76
N LYS A 107 -2.32 6.48 11.97
CA LYS A 107 -1.84 7.29 13.08
C LYS A 107 -0.67 6.61 13.78
N VAL A 108 0.48 7.28 13.78
CA VAL A 108 1.68 6.75 14.42
C VAL A 108 1.77 7.19 15.88
N THR A 109 2.13 6.26 16.75
CA THR A 109 2.25 6.56 18.18
C THR A 109 3.46 5.86 18.78
N GLY A 110 4.04 6.46 19.81
CA GLY A 110 5.20 5.88 20.47
C GLY A 110 6.35 6.86 20.59
N GLN A 111 7.22 6.62 21.57
CA GLN A 111 8.37 7.49 21.80
C GLN A 111 9.14 7.72 20.50
N ARG A 112 9.66 8.93 20.34
CA ARG A 112 10.42 9.28 19.15
C ARG A 112 11.72 8.49 19.08
N LEU A 113 12.09 8.06 17.87
CA LEU A 113 13.31 7.29 17.67
C LEU A 113 14.44 8.18 17.13
N VAL A 114 15.39 8.50 18.01
CA VAL A 114 16.51 9.34 17.62
C VAL A 114 17.61 8.52 16.94
N SER A 115 18.51 9.21 16.24
CA SER A 115 19.60 8.54 15.54
C SER A 115 20.15 7.38 16.37
N PRO A 116 20.55 6.30 15.68
CA PRO A 116 21.10 5.10 16.33
C PRO A 116 22.48 5.36 16.94
N GLY A 117 23.37 5.94 16.15
CA GLY A 117 24.71 6.22 16.63
C GLY A 117 25.74 5.26 16.06
N SER A 118 26.36 5.64 14.95
CA SER A 118 27.36 4.81 14.30
C SER A 118 28.19 4.05 15.34
N ALA A 119 27.84 2.80 15.58
CA ALA A 119 28.54 1.97 16.54
C ALA A 119 29.99 1.73 16.11
N ASN A 120 30.90 2.47 16.71
CA ASN A 120 32.32 2.34 16.39
C ASN A 120 33.13 1.99 17.62
N GLU A 121 34.13 1.12 17.45
CA GLU A 121 34.98 0.70 18.56
C GLU A 121 36.43 0.58 18.10
N THR A 122 37.34 1.19 18.86
CA THR A 122 38.76 1.16 18.55
C THR A 122 39.20 -0.26 18.18
N SER A 123 40.23 -0.36 17.34
CA SER A 123 40.75 -1.65 16.92
C SER A 123 42.22 -1.55 16.54
N SER A 124 42.86 -2.70 16.34
CA SER A 124 44.27 -2.74 15.98
C SER A 124 44.44 -3.24 14.54
N ILE A 125 45.66 -3.13 14.03
CA ILE A 125 45.96 -3.56 12.67
C ILE A 125 45.35 -4.93 12.39
N GLY A 1 -35.70 16.76 -16.30
CA GLY A 1 -34.25 16.69 -16.22
C GLY A 1 -33.77 15.37 -15.66
N SER A 2 -32.66 14.87 -16.20
CA SER A 2 -32.10 13.60 -15.75
C SER A 2 -30.76 13.82 -15.06
N SER A 3 -29.88 14.59 -15.71
CA SER A 3 -28.56 14.87 -15.17
C SER A 3 -28.61 16.06 -14.23
N GLY A 4 -28.41 15.81 -12.93
CA GLY A 4 -28.43 16.88 -11.95
C GLY A 4 -28.65 16.36 -10.54
N SER A 5 -29.91 16.17 -10.17
CA SER A 5 -30.24 15.68 -8.85
C SER A 5 -29.21 14.68 -8.36
N SER A 6 -28.95 14.68 -7.04
CA SER A 6 -27.98 13.78 -6.44
C SER A 6 -28.48 12.34 -6.49
N GLY A 7 -27.59 11.40 -6.18
CA GLY A 7 -27.95 10.00 -6.19
C GLY A 7 -27.90 9.40 -7.58
N PHE A 8 -28.33 10.17 -8.57
CA PHE A 8 -28.34 9.70 -9.96
C PHE A 8 -27.01 9.05 -10.31
N LYS A 9 -27.01 8.31 -11.41
CA LYS A 9 -25.80 7.62 -11.86
C LYS A 9 -24.61 8.57 -11.91
N VAL A 10 -23.41 8.02 -11.78
CA VAL A 10 -22.20 8.84 -11.81
C VAL A 10 -21.72 9.07 -13.24
N ARG A 11 -21.63 10.33 -13.63
CA ARG A 11 -21.19 10.69 -14.96
C ARG A 11 -19.83 10.07 -15.28
N VAL A 12 -19.66 9.61 -16.51
CA VAL A 12 -18.40 9.01 -16.94
C VAL A 12 -18.39 8.76 -18.44
N GLY A 13 -17.21 8.87 -19.05
CA GLY A 13 -17.08 8.66 -20.47
C GLY A 13 -17.24 7.20 -20.86
N GLU A 14 -16.54 6.78 -21.90
CA GLU A 14 -16.61 5.40 -22.37
C GLU A 14 -16.17 4.43 -21.28
N PRO A 15 -16.58 3.17 -21.42
CA PRO A 15 -16.25 2.11 -20.45
C PRO A 15 -14.77 1.74 -20.48
N GLY A 16 -14.15 1.67 -19.31
CA GLY A 16 -12.75 1.33 -19.22
C GLY A 16 -12.48 -0.10 -19.66
N GLN A 17 -11.26 -0.35 -20.14
CA GLN A 17 -10.89 -1.69 -20.59
C GLN A 17 -10.30 -2.50 -19.44
N ALA A 18 -11.04 -3.49 -18.99
CA ALA A 18 -10.60 -4.35 -17.90
C ALA A 18 -9.88 -3.54 -16.83
N GLY A 19 -10.42 -2.37 -16.51
CA GLY A 19 -9.82 -1.52 -15.50
C GLY A 19 -10.82 -1.06 -14.46
N ASN A 20 -10.75 -1.66 -13.27
CA ASN A 20 -11.65 -1.32 -12.18
C ASN A 20 -10.89 -1.12 -10.88
N PRO A 21 -10.69 0.15 -10.49
CA PRO A 21 -9.98 0.50 -9.26
C PRO A 21 -10.76 0.13 -8.01
N ALA A 22 -12.08 0.04 -8.15
CA ALA A 22 -12.94 -0.30 -7.03
C ALA A 22 -12.64 -1.71 -6.51
N LEU A 23 -12.30 -2.61 -7.43
CA LEU A 23 -11.99 -3.99 -7.07
C LEU A 23 -10.69 -4.05 -6.27
N VAL A 24 -9.68 -3.34 -6.73
CA VAL A 24 -8.38 -3.32 -6.06
C VAL A 24 -8.55 -3.07 -4.57
N SER A 25 -7.90 -3.91 -3.76
CA SER A 25 -7.98 -3.79 -2.30
C SER A 25 -6.59 -3.78 -1.68
N ALA A 26 -6.52 -3.46 -0.40
CA ALA A 26 -5.25 -3.42 0.32
C ALA A 26 -5.38 -4.01 1.72
N TYR A 27 -4.39 -4.79 2.12
CA TYR A 27 -4.40 -5.43 3.43
C TYR A 27 -2.97 -5.77 3.88
N GLY A 28 -2.79 -5.86 5.19
CA GLY A 28 -1.48 -6.18 5.73
C GLY A 28 -1.34 -5.77 7.19
N THR A 29 -0.10 -5.59 7.63
CA THR A 29 0.17 -5.19 9.00
C THR A 29 0.54 -3.71 9.09
N GLY A 30 0.91 -3.13 7.95
CA GLY A 30 1.28 -1.73 7.93
C GLY A 30 0.10 -0.81 8.13
N LEU A 31 -1.03 -1.15 7.52
CA LEU A 31 -2.25 -0.34 7.64
C LEU A 31 -2.78 -0.39 9.06
N GLU A 32 -2.54 -1.50 9.75
CA GLU A 32 -3.00 -1.67 11.13
C GLU A 32 -2.76 -0.39 11.93
N GLY A 33 -1.67 0.29 11.64
CA GLY A 33 -1.34 1.51 12.35
C GLY A 33 0.05 2.01 12.04
N GLY A 34 0.56 2.92 12.87
CA GLY A 34 1.89 3.47 12.66
C GLY A 34 2.88 2.99 13.72
N THR A 35 3.75 2.06 13.34
CA THR A 35 4.74 1.52 14.25
C THR A 35 6.09 2.19 14.04
N THR A 36 6.50 3.00 15.01
CA THR A 36 7.78 3.71 14.94
C THR A 36 8.93 2.80 15.36
N GLY A 37 9.70 2.33 14.39
CA GLY A 37 10.82 1.47 14.68
C GLY A 37 10.70 0.11 14.02
N ILE A 38 9.47 -0.29 13.74
CA ILE A 38 9.22 -1.58 13.10
C ILE A 38 8.86 -1.41 11.63
N GLN A 39 9.25 -2.38 10.82
CA GLN A 39 8.98 -2.33 9.38
C GLN A 39 7.82 -3.25 9.03
N SER A 40 6.74 -2.66 8.49
CA SER A 40 5.56 -3.42 8.11
C SER A 40 5.46 -3.54 6.60
N GLU A 41 4.63 -4.47 6.14
CA GLU A 41 4.44 -4.68 4.71
C GLU A 41 2.98 -5.03 4.40
N PHE A 42 2.42 -4.33 3.42
CA PHE A 42 1.03 -4.55 3.02
C PHE A 42 0.94 -4.95 1.56
N PHE A 43 0.14 -5.98 1.28
CA PHE A 43 -0.03 -6.46 -0.09
C PHE A 43 -1.29 -5.87 -0.72
N ILE A 44 -1.33 -5.85 -2.05
CA ILE A 44 -2.47 -5.32 -2.77
C ILE A 44 -3.20 -6.42 -3.53
N ASN A 45 -4.52 -6.43 -3.43
CA ASN A 45 -5.33 -7.43 -4.11
C ASN A 45 -5.63 -6.99 -5.55
N THR A 46 -4.61 -7.01 -6.38
CA THR A 46 -4.76 -6.62 -7.78
C THR A 46 -4.77 -7.84 -8.69
N THR A 47 -5.25 -8.96 -8.16
CA THR A 47 -5.31 -10.21 -8.92
C THR A 47 -6.56 -10.23 -9.81
N ARG A 48 -7.57 -9.46 -9.43
CA ARG A 48 -8.81 -9.39 -10.19
C ARG A 48 -8.84 -8.15 -11.07
N ALA A 49 -8.10 -7.11 -10.66
CA ALA A 49 -8.05 -5.87 -11.41
C ALA A 49 -7.19 -6.01 -12.65
N GLY A 50 -6.03 -6.64 -12.50
CA GLY A 50 -5.13 -6.84 -13.62
C GLY A 50 -3.83 -6.09 -13.45
N PRO A 51 -2.74 -6.65 -14.00
CA PRO A 51 -1.40 -6.05 -13.92
C PRO A 51 -1.30 -4.78 -14.76
N GLY A 52 -0.17 -4.08 -14.62
CA GLY A 52 0.04 -2.85 -15.37
C GLY A 52 0.93 -1.87 -14.64
N THR A 53 0.52 -0.60 -14.63
CA THR A 53 1.29 0.44 -13.97
C THR A 53 0.54 0.98 -12.75
N LEU A 54 1.14 0.83 -11.58
CA LEU A 54 0.53 1.30 -10.33
C LEU A 54 1.39 2.38 -9.69
N SER A 55 0.74 3.29 -8.97
CA SER A 55 1.44 4.38 -8.29
C SER A 55 1.07 4.43 -6.82
N VAL A 56 2.08 4.66 -5.98
CA VAL A 56 1.86 4.73 -4.53
C VAL A 56 2.52 5.97 -3.95
N THR A 57 1.76 6.70 -3.12
CA THR A 57 2.27 7.91 -2.48
C THR A 57 1.87 7.98 -1.02
N ILE A 58 2.79 8.43 -0.17
CA ILE A 58 2.52 8.55 1.25
C ILE A 58 2.90 9.93 1.77
N GLU A 59 2.18 10.39 2.79
CA GLU A 59 2.44 11.70 3.38
C GLU A 59 2.53 11.60 4.90
N GLY A 60 3.04 12.66 5.52
CA GLY A 60 3.17 12.68 6.97
C GLY A 60 4.05 13.81 7.47
N PRO A 61 4.27 13.85 8.78
CA PRO A 61 5.11 14.88 9.41
C PRO A 61 6.59 14.72 9.06
N SER A 62 7.06 13.48 9.12
CA SER A 62 8.46 13.19 8.81
C SER A 62 8.57 12.21 7.65
N LYS A 63 9.18 12.67 6.55
CA LYS A 63 9.35 11.84 5.36
C LYS A 63 9.74 10.42 5.74
N VAL A 64 9.37 9.46 4.90
CA VAL A 64 9.67 8.06 5.14
C VAL A 64 10.26 7.40 3.90
N LYS A 65 11.37 6.69 4.09
CA LYS A 65 12.03 6.01 2.99
C LYS A 65 11.47 4.61 2.79
N MET A 66 10.36 4.51 2.07
CA MET A 66 9.72 3.23 1.81
C MET A 66 10.21 2.63 0.49
N ASP A 67 10.33 1.32 0.45
CA ASP A 67 10.79 0.62 -0.75
C ASP A 67 9.61 -0.01 -1.49
N CYS A 68 9.87 -0.48 -2.71
CA CYS A 68 8.83 -1.10 -3.52
C CYS A 68 9.38 -2.32 -4.25
N GLN A 69 8.93 -3.50 -3.83
CA GLN A 69 9.38 -4.75 -4.45
C GLN A 69 8.27 -5.38 -5.28
N GLU A 70 8.64 -6.38 -6.08
CA GLU A 70 7.66 -7.06 -6.93
C GLU A 70 7.28 -8.42 -6.35
N THR A 71 5.99 -8.71 -6.35
CA THR A 71 5.49 -9.97 -5.82
C THR A 71 4.52 -10.63 -6.79
N PRO A 72 4.46 -11.98 -6.75
CA PRO A 72 3.57 -12.77 -7.62
C PRO A 72 2.11 -12.59 -7.25
N GLU A 73 1.85 -11.96 -6.11
CA GLU A 73 0.49 -11.74 -5.65
C GLU A 73 -0.02 -10.37 -6.10
N GLY A 74 0.90 -9.41 -6.22
CA GLY A 74 0.53 -8.07 -6.63
C GLY A 74 1.64 -7.06 -6.41
N TYR A 75 1.49 -6.23 -5.39
CA TYR A 75 2.49 -5.21 -5.08
C TYR A 75 2.67 -5.09 -3.57
N LYS A 76 3.92 -5.19 -3.13
CA LYS A 76 4.24 -5.08 -1.71
C LYS A 76 5.06 -3.83 -1.44
N VAL A 77 4.65 -3.06 -0.43
CA VAL A 77 5.35 -1.84 -0.06
C VAL A 77 5.81 -1.88 1.40
N MET A 78 7.03 -1.42 1.63
CA MET A 78 7.58 -1.41 2.99
C MET A 78 7.94 0.01 3.41
N TYR A 79 7.47 0.41 4.58
CA TYR A 79 7.74 1.74 5.11
C TYR A 79 7.83 1.73 6.63
N THR A 80 8.84 2.40 7.17
CA THR A 80 9.04 2.46 8.61
C THR A 80 9.13 3.91 9.09
N PRO A 81 8.11 4.34 9.86
CA PRO A 81 8.05 5.69 10.40
C PRO A 81 9.10 5.94 11.47
N MET A 82 9.77 7.09 11.37
CA MET A 82 10.81 7.44 12.34
C MET A 82 10.22 8.21 13.51
N ALA A 83 9.17 8.98 13.24
CA ALA A 83 8.51 9.77 14.28
C ALA A 83 7.00 9.61 14.20
N PRO A 84 6.32 9.81 15.35
CA PRO A 84 4.87 9.69 15.45
C PRO A 84 4.15 10.81 14.72
N GLY A 85 2.82 10.73 14.68
CA GLY A 85 2.03 11.75 14.01
C GLY A 85 0.87 11.16 13.22
N ASN A 86 0.61 11.74 12.05
CA ASN A 86 -0.48 11.27 11.20
C ASN A 86 -0.03 11.16 9.74
N TYR A 87 0.02 9.95 9.23
CA TYR A 87 0.44 9.71 7.85
C TYR A 87 -0.75 9.31 6.99
N LEU A 88 -0.69 9.69 5.72
CA LEU A 88 -1.77 9.38 4.77
C LEU A 88 -1.24 8.56 3.59
N ILE A 89 -1.77 7.36 3.43
CA ILE A 89 -1.35 6.49 2.34
C ILE A 89 -2.37 6.49 1.21
N SER A 90 -1.94 6.89 0.02
CA SER A 90 -2.82 6.95 -1.13
C SER A 90 -2.39 5.93 -2.19
N VAL A 91 -3.36 5.39 -2.92
CA VAL A 91 -3.09 4.39 -3.96
C VAL A 91 -3.95 4.64 -5.19
N LYS A 92 -3.31 4.87 -6.32
CA LYS A 92 -4.02 5.11 -7.57
C LYS A 92 -3.90 3.92 -8.51
N TYR A 93 -4.88 3.76 -9.39
CA TYR A 93 -4.88 2.66 -10.34
C TYR A 93 -5.33 3.12 -11.72
N GLY A 94 -4.42 3.08 -12.68
CA GLY A 94 -4.74 3.51 -14.04
C GLY A 94 -4.78 5.01 -14.17
N GLY A 95 -5.63 5.65 -13.36
CA GLY A 95 -5.74 7.10 -13.42
C GLY A 95 -5.75 7.74 -12.05
N PRO A 96 -6.28 8.96 -11.96
CA PRO A 96 -6.35 9.70 -10.69
C PRO A 96 -7.36 9.10 -9.72
N ASN A 97 -8.29 8.32 -10.25
CA ASN A 97 -9.31 7.68 -9.43
C ASN A 97 -8.67 6.88 -8.30
N HIS A 98 -9.22 7.03 -7.10
CA HIS A 98 -8.72 6.34 -5.92
C HIS A 98 -9.50 5.05 -5.68
N ILE A 99 -8.80 4.03 -5.19
CA ILE A 99 -9.42 2.74 -4.91
C ILE A 99 -10.29 2.81 -3.64
N VAL A 100 -10.99 1.72 -3.36
CA VAL A 100 -11.85 1.66 -2.19
C VAL A 100 -11.04 1.66 -0.90
N GLY A 101 -11.50 2.42 0.08
CA GLY A 101 -10.79 2.49 1.35
C GLY A 101 -9.94 3.74 1.47
N SER A 102 -9.14 3.99 0.44
CA SER A 102 -8.25 5.16 0.43
C SER A 102 -9.06 6.45 0.27
N PRO A 103 -8.49 7.57 0.74
CA PRO A 103 -7.17 7.57 1.38
C PRO A 103 -7.18 6.89 2.73
N PHE A 104 -6.16 6.08 2.99
CA PHE A 104 -6.04 5.37 4.26
C PHE A 104 -5.35 6.22 5.32
N LYS A 105 -6.06 6.48 6.40
CA LYS A 105 -5.51 7.30 7.49
C LYS A 105 -4.91 6.43 8.58
N ALA A 106 -3.59 6.46 8.69
CA ALA A 106 -2.87 5.66 9.69
C ALA A 106 -2.39 6.54 10.83
N LYS A 107 -2.61 6.09 12.06
CA LYS A 107 -2.20 6.83 13.24
C LYS A 107 -0.98 6.17 13.90
N VAL A 108 0.10 6.94 14.05
CA VAL A 108 1.32 6.44 14.66
C VAL A 108 1.33 6.70 16.16
N THR A 109 1.90 5.76 16.91
CA THR A 109 1.98 5.89 18.37
C THR A 109 3.26 6.59 18.79
N GLY A 110 3.28 7.11 20.02
CA GLY A 110 4.45 7.79 20.52
C GLY A 110 5.58 6.84 20.85
N GLN A 111 6.40 6.53 19.85
CA GLN A 111 7.53 5.63 20.03
C GLN A 111 8.83 6.26 19.55
N ARG A 112 8.96 7.57 19.77
CA ARG A 112 10.14 8.30 19.36
C ARG A 112 11.40 7.44 19.53
N LEU A 113 12.11 7.21 18.43
CA LEU A 113 13.32 6.40 18.46
C LEU A 113 14.56 7.28 18.62
N VAL A 114 14.38 8.59 18.42
CA VAL A 114 15.48 9.53 18.55
C VAL A 114 14.95 10.96 18.72
N SER A 115 15.64 11.74 19.54
CA SER A 115 15.25 13.12 19.79
C SER A 115 15.72 14.03 18.67
N PRO A 116 14.90 15.04 18.34
CA PRO A 116 15.21 16.00 17.28
C PRO A 116 16.37 16.93 17.66
N GLY A 117 16.93 17.60 16.66
CA GLY A 117 18.04 18.50 16.91
C GLY A 117 18.57 19.14 15.64
N SER A 118 19.90 19.23 15.54
CA SER A 118 20.54 19.81 14.37
C SER A 118 21.97 19.34 14.22
N ALA A 119 22.47 19.30 13.00
CA ALA A 119 23.84 18.87 12.73
C ALA A 119 24.83 20.00 12.97
N ASN A 120 26.11 19.68 12.85
CA ASN A 120 27.17 20.67 13.06
C ASN A 120 27.78 21.11 11.74
N GLU A 121 28.67 22.09 11.79
CA GLU A 121 29.32 22.60 10.59
C GLU A 121 30.00 21.46 9.83
N THR A 122 29.34 20.99 8.77
CA THR A 122 29.86 19.92 7.96
C THR A 122 29.27 19.95 6.54
N SER A 123 30.13 19.74 5.55
CA SER A 123 29.69 19.75 4.15
C SER A 123 29.95 18.40 3.50
N SER A 124 29.44 18.23 2.28
CA SER A 124 29.62 17.00 1.53
C SER A 124 30.75 17.11 0.52
N ILE A 125 31.12 15.98 -0.07
CA ILE A 125 32.19 15.96 -1.06
C ILE A 125 31.87 16.87 -2.24
N GLY A 1 -33.89 -39.96 9.18
CA GLY A 1 -32.76 -39.13 9.53
C GLY A 1 -32.17 -38.41 8.33
N SER A 2 -30.91 -38.69 8.02
CA SER A 2 -30.24 -38.06 6.90
C SER A 2 -31.16 -37.98 5.69
N SER A 3 -30.97 -36.96 4.86
CA SER A 3 -31.79 -36.77 3.67
C SER A 3 -30.91 -36.75 2.41
N GLY A 4 -29.94 -35.85 2.39
CA GLY A 4 -29.05 -35.74 1.25
C GLY A 4 -29.31 -34.50 0.43
N SER A 5 -28.58 -34.35 -0.68
CA SER A 5 -28.74 -33.19 -1.55
C SER A 5 -28.52 -33.59 -3.01
N SER A 6 -29.58 -33.47 -3.81
CA SER A 6 -29.51 -33.80 -5.23
C SER A 6 -29.36 -32.55 -6.08
N GLY A 7 -28.52 -32.64 -7.10
CA GLY A 7 -28.31 -31.50 -7.99
C GLY A 7 -26.86 -31.07 -8.04
N PHE A 8 -26.21 -31.28 -9.17
CA PHE A 8 -24.80 -30.92 -9.34
C PHE A 8 -24.54 -30.41 -10.75
N LYS A 9 -24.21 -29.13 -10.87
CA LYS A 9 -23.93 -28.52 -12.16
C LYS A 9 -22.79 -27.50 -12.05
N VAL A 10 -22.38 -26.96 -13.19
CA VAL A 10 -21.31 -25.97 -13.22
C VAL A 10 -21.75 -24.69 -13.93
N ARG A 11 -21.50 -23.55 -13.30
CA ARG A 11 -21.88 -22.26 -13.87
C ARG A 11 -20.64 -21.49 -14.31
N VAL A 12 -20.55 -21.21 -15.60
CA VAL A 12 -19.42 -20.45 -16.15
C VAL A 12 -19.04 -19.30 -15.23
N GLY A 13 -20.03 -18.52 -14.82
CA GLY A 13 -19.78 -17.39 -13.96
C GLY A 13 -20.00 -16.06 -14.66
N GLU A 14 -18.97 -15.23 -14.69
CA GLU A 14 -19.06 -13.92 -15.32
C GLU A 14 -18.11 -13.83 -16.52
N PRO A 15 -18.42 -12.92 -17.45
CA PRO A 15 -17.60 -12.71 -18.65
C PRO A 15 -16.25 -12.07 -18.34
N GLY A 16 -16.21 -11.30 -17.26
CA GLY A 16 -14.98 -10.64 -16.87
C GLY A 16 -15.07 -9.13 -16.97
N GLN A 17 -14.11 -8.43 -16.37
CA GLN A 17 -14.08 -6.98 -16.40
C GLN A 17 -12.71 -6.47 -16.87
N ALA A 18 -12.71 -5.33 -17.54
CA ALA A 18 -11.49 -4.73 -18.03
C ALA A 18 -11.01 -3.60 -17.12
N GLY A 19 -9.99 -3.87 -16.32
CA GLY A 19 -9.46 -2.87 -15.40
C GLY A 19 -10.53 -2.28 -14.52
N ASN A 20 -10.53 -2.66 -13.25
CA ASN A 20 -11.51 -2.16 -12.30
C ASN A 20 -10.86 -1.87 -10.95
N PRO A 21 -10.93 -0.61 -10.52
CA PRO A 21 -10.35 -0.17 -9.24
C PRO A 21 -11.12 -0.72 -8.05
N ALA A 22 -12.43 -0.90 -8.22
CA ALA A 22 -13.27 -1.42 -7.15
C ALA A 22 -12.71 -2.71 -6.57
N LEU A 23 -12.27 -3.60 -7.46
CA LEU A 23 -11.71 -4.88 -7.05
C LEU A 23 -10.42 -4.68 -6.26
N VAL A 24 -9.55 -3.81 -6.78
CA VAL A 24 -8.28 -3.53 -6.12
C VAL A 24 -8.49 -3.13 -4.65
N SER A 25 -7.67 -3.71 -3.77
CA SER A 25 -7.77 -3.42 -2.35
C SER A 25 -6.38 -3.39 -1.70
N ALA A 26 -6.29 -2.71 -0.57
CA ALA A 26 -5.03 -2.61 0.15
C ALA A 26 -5.23 -2.81 1.65
N TYR A 27 -4.44 -3.70 2.25
CA TYR A 27 -4.54 -3.98 3.67
C TYR A 27 -3.27 -4.65 4.18
N GLY A 28 -3.11 -4.69 5.50
CA GLY A 28 -1.94 -5.30 6.10
C GLY A 28 -1.68 -4.82 7.51
N THR A 29 -0.41 -4.73 7.87
CA THR A 29 -0.02 -4.28 9.20
C THR A 29 0.40 -2.82 9.19
N GLY A 30 0.84 -2.34 8.02
CA GLY A 30 1.25 -0.96 7.89
C GLY A 30 0.10 -0.01 7.67
N LEU A 31 -1.07 -0.57 7.35
CA LEU A 31 -2.26 0.23 7.11
C LEU A 31 -3.18 0.22 8.32
N GLU A 32 -3.01 -0.79 9.18
CA GLU A 32 -3.82 -0.91 10.39
C GLU A 32 -3.37 0.08 11.46
N GLY A 33 -2.08 0.42 11.43
CA GLY A 33 -1.55 1.35 12.40
C GLY A 33 -0.11 1.75 12.09
N GLY A 34 0.44 2.65 12.89
CA GLY A 34 1.80 3.10 12.69
C GLY A 34 2.74 2.62 13.77
N THR A 35 3.56 1.62 13.44
CA THR A 35 4.51 1.07 14.41
C THR A 35 5.88 1.73 14.27
N THR A 36 6.22 2.58 15.22
CA THR A 36 7.51 3.27 15.21
C THR A 36 8.64 2.34 15.64
N GLY A 37 9.52 2.02 14.71
CA GLY A 37 10.64 1.14 15.01
C GLY A 37 10.51 -0.21 14.35
N ILE A 38 9.31 -0.53 13.88
CA ILE A 38 9.05 -1.80 13.22
C ILE A 38 8.73 -1.60 11.74
N GLN A 39 9.15 -2.56 10.92
CA GLN A 39 8.90 -2.48 9.49
C GLN A 39 7.56 -3.12 9.13
N SER A 40 6.67 -2.33 8.54
CA SER A 40 5.35 -2.82 8.16
C SER A 40 5.27 -3.06 6.66
N GLU A 41 4.27 -3.83 6.24
CA GLU A 41 4.09 -4.13 4.83
C GLU A 41 2.62 -4.38 4.50
N PHE A 42 2.13 -3.77 3.42
CA PHE A 42 0.75 -3.92 3.01
C PHE A 42 0.65 -4.30 1.54
N PHE A 43 -0.01 -5.43 1.27
CA PHE A 43 -0.17 -5.92 -0.09
C PHE A 43 -1.39 -5.29 -0.75
N ILE A 44 -1.45 -5.35 -2.08
CA ILE A 44 -2.55 -4.79 -2.84
C ILE A 44 -3.23 -5.86 -3.68
N ASN A 45 -4.41 -6.29 -3.23
CA ASN A 45 -5.17 -7.32 -3.96
C ASN A 45 -5.48 -6.86 -5.38
N THR A 46 -4.51 -7.08 -6.28
CA THR A 46 -4.68 -6.68 -7.67
C THR A 46 -4.58 -7.90 -8.60
N THR A 47 -5.00 -9.05 -8.09
CA THR A 47 -4.96 -10.29 -8.87
C THR A 47 -6.21 -10.42 -9.74
N ARG A 48 -7.28 -9.74 -9.35
CA ARG A 48 -8.52 -9.79 -10.09
C ARG A 48 -8.63 -8.61 -11.05
N ALA A 49 -8.01 -7.49 -10.68
CA ALA A 49 -8.04 -6.29 -11.51
C ALA A 49 -7.07 -6.43 -12.70
N GLY A 50 -5.80 -6.66 -12.40
CA GLY A 50 -4.81 -6.80 -13.44
C GLY A 50 -3.70 -5.77 -13.34
N PRO A 51 -2.48 -6.17 -13.73
CA PRO A 51 -1.31 -5.28 -13.69
C PRO A 51 -1.39 -4.16 -14.72
N GLY A 52 -1.72 -2.97 -14.26
CA GLY A 52 -1.83 -1.83 -15.15
C GLY A 52 -0.93 -0.68 -14.74
N THR A 53 -1.44 0.17 -13.85
CA THR A 53 -0.67 1.32 -13.37
C THR A 53 -0.43 1.23 -11.86
N LEU A 54 0.67 1.79 -11.41
CA LEU A 54 1.02 1.77 -9.99
C LEU A 54 1.37 3.17 -9.51
N SER A 55 0.60 3.67 -8.53
CA SER A 55 0.83 5.00 -7.98
C SER A 55 0.55 5.01 -6.48
N VAL A 56 1.58 5.34 -5.71
CA VAL A 56 1.45 5.40 -4.24
C VAL A 56 2.08 6.67 -3.69
N THR A 57 1.47 7.21 -2.64
CA THR A 57 1.97 8.43 -2.01
C THR A 57 1.84 8.36 -0.49
N ILE A 58 2.95 8.56 0.20
CA ILE A 58 2.95 8.51 1.66
C ILE A 58 3.21 9.90 2.25
N GLU A 59 2.30 10.34 3.11
CA GLU A 59 2.44 11.66 3.74
C GLU A 59 2.70 11.51 5.24
N GLY A 60 3.19 12.58 5.85
CA GLY A 60 3.48 12.55 7.28
C GLY A 60 4.54 13.55 7.67
N PRO A 61 4.80 13.66 8.99
CA PRO A 61 5.80 14.58 9.53
C PRO A 61 7.23 14.14 9.19
N SER A 62 7.47 12.84 9.23
CA SER A 62 8.79 12.30 8.94
C SER A 62 8.76 11.46 7.66
N LYS A 63 9.47 11.93 6.64
CA LYS A 63 9.53 11.22 5.36
C LYS A 63 10.24 9.89 5.51
N VAL A 64 9.78 8.89 4.76
CA VAL A 64 10.38 7.56 4.80
C VAL A 64 10.82 7.12 3.41
N LYS A 65 12.10 6.76 3.30
CA LYS A 65 12.65 6.30 2.03
C LYS A 65 12.27 4.85 1.74
N MET A 66 10.98 4.55 1.91
CA MET A 66 10.48 3.20 1.66
C MET A 66 10.89 2.71 0.27
N ASP A 67 10.44 1.52 -0.08
CA ASP A 67 10.74 0.94 -1.38
C ASP A 67 9.48 0.40 -2.06
N CYS A 68 9.61 0.05 -3.33
CA CYS A 68 8.48 -0.47 -4.09
C CYS A 68 8.81 -1.85 -4.66
N GLN A 69 9.35 -2.73 -3.81
CA GLN A 69 9.70 -4.07 -4.23
C GLN A 69 8.50 -4.77 -4.89
N GLU A 70 8.80 -5.70 -5.80
CA GLU A 70 7.75 -6.44 -6.49
C GLU A 70 7.42 -7.73 -5.76
N THR A 71 6.18 -8.18 -5.93
CA THR A 71 5.73 -9.41 -5.28
C THR A 71 4.86 -10.25 -6.21
N PRO A 72 4.86 -11.57 -6.01
CA PRO A 72 4.08 -12.49 -6.83
C PRO A 72 2.58 -12.36 -6.59
N GLU A 73 2.22 -11.51 -5.63
CA GLU A 73 0.82 -11.30 -5.29
C GLU A 73 0.23 -10.14 -6.11
N GLY A 74 1.01 -9.08 -6.27
CA GLY A 74 0.56 -7.93 -7.03
C GLY A 74 1.42 -6.71 -6.80
N TYR A 75 1.51 -6.27 -5.55
CA TYR A 75 2.31 -5.11 -5.20
C TYR A 75 2.41 -4.94 -3.68
N LYS A 76 3.63 -4.78 -3.20
CA LYS A 76 3.87 -4.62 -1.77
C LYS A 76 4.73 -3.38 -1.50
N VAL A 77 4.41 -2.67 -0.41
CA VAL A 77 5.15 -1.48 -0.04
C VAL A 77 5.58 -1.53 1.42
N MET A 78 6.89 -1.58 1.64
CA MET A 78 7.44 -1.64 2.99
C MET A 78 8.01 -0.29 3.39
N TYR A 79 7.55 0.22 4.54
CA TYR A 79 8.02 1.51 5.04
C TYR A 79 8.15 1.48 6.56
N THR A 80 9.30 1.95 7.06
CA THR A 80 9.54 1.99 8.49
C THR A 80 9.68 3.42 8.99
N PRO A 81 8.64 3.90 9.69
CA PRO A 81 8.62 5.26 10.24
C PRO A 81 9.60 5.45 11.39
N MET A 82 10.14 6.65 11.52
CA MET A 82 11.09 6.94 12.59
C MET A 82 10.45 7.82 13.66
N ALA A 83 9.45 8.60 13.26
CA ALA A 83 8.76 9.49 14.19
C ALA A 83 7.25 9.29 14.10
N PRO A 84 6.57 9.39 15.24
CA PRO A 84 5.10 9.24 15.31
C PRO A 84 4.36 10.41 14.66
N GLY A 85 3.04 10.33 14.66
CA GLY A 85 2.24 11.39 14.06
C GLY A 85 1.12 10.85 13.20
N ASN A 86 0.79 11.59 12.14
CA ASN A 86 -0.27 11.18 11.23
C ASN A 86 0.27 10.93 9.83
N TYR A 87 0.11 9.69 9.35
CA TYR A 87 0.59 9.32 8.02
C TYR A 87 -0.57 8.95 7.12
N LEU A 88 -0.48 9.37 5.85
CA LEU A 88 -1.52 9.08 4.87
C LEU A 88 -0.95 8.33 3.68
N ILE A 89 -1.60 7.24 3.30
CA ILE A 89 -1.16 6.44 2.17
C ILE A 89 -2.19 6.43 1.05
N SER A 90 -1.86 7.08 -0.07
CA SER A 90 -2.77 7.16 -1.20
C SER A 90 -2.35 6.17 -2.29
N VAL A 91 -3.33 5.64 -3.01
CA VAL A 91 -3.07 4.69 -4.08
C VAL A 91 -4.06 4.87 -5.23
N LYS A 92 -3.55 5.24 -6.39
CA LYS A 92 -4.38 5.44 -7.57
C LYS A 92 -4.15 4.35 -8.61
N TYR A 93 -5.19 4.02 -9.35
CA TYR A 93 -5.10 2.98 -10.38
C TYR A 93 -6.06 3.26 -11.53
N GLY A 94 -5.59 3.06 -12.76
CA GLY A 94 -6.42 3.30 -13.92
C GLY A 94 -7.10 4.65 -13.88
N GLY A 95 -6.35 5.70 -14.24
CA GLY A 95 -6.91 7.03 -14.24
C GLY A 95 -6.93 7.65 -12.86
N PRO A 96 -7.61 8.80 -12.72
CA PRO A 96 -7.72 9.51 -11.45
C PRO A 96 -8.59 8.77 -10.43
N ASN A 97 -9.18 7.67 -10.88
CA ASN A 97 -10.05 6.87 -10.01
C ASN A 97 -9.21 6.01 -9.07
N HIS A 98 -9.19 6.38 -7.79
CA HIS A 98 -8.43 5.64 -6.79
C HIS A 98 -9.13 4.33 -6.44
N ILE A 99 -8.43 3.48 -5.68
CA ILE A 99 -8.99 2.19 -5.28
C ILE A 99 -9.95 2.35 -4.11
N VAL A 100 -10.50 1.23 -3.66
CA VAL A 100 -11.44 1.24 -2.54
C VAL A 100 -10.70 1.32 -1.20
N GLY A 101 -11.27 2.07 -0.27
CA GLY A 101 -10.66 2.21 1.04
C GLY A 101 -9.80 3.46 1.14
N SER A 102 -9.11 3.78 0.06
CA SER A 102 -8.23 4.94 0.03
C SER A 102 -9.05 6.23 -0.01
N PRO A 103 -8.46 7.33 0.50
CA PRO A 103 -7.10 7.30 1.06
C PRO A 103 -7.04 6.53 2.38
N PHE A 104 -5.82 6.22 2.81
CA PHE A 104 -5.63 5.49 4.06
C PHE A 104 -5.03 6.38 5.13
N LYS A 105 -5.81 6.68 6.16
CA LYS A 105 -5.36 7.53 7.26
C LYS A 105 -4.94 6.69 8.46
N ALA A 106 -3.64 6.48 8.60
CA ALA A 106 -3.10 5.70 9.72
C ALA A 106 -2.63 6.60 10.85
N LYS A 107 -2.51 6.03 12.04
CA LYS A 107 -2.06 6.79 13.21
C LYS A 107 -0.85 6.11 13.86
N VAL A 108 0.29 6.78 13.81
CA VAL A 108 1.51 6.25 14.40
C VAL A 108 1.67 6.71 15.85
N THR A 109 2.06 5.78 16.72
CA THR A 109 2.25 6.09 18.13
C THR A 109 3.46 5.36 18.70
N GLY A 110 4.07 5.95 19.72
CA GLY A 110 5.23 5.33 20.34
C GLY A 110 6.39 6.29 20.48
N GLN A 111 7.05 6.25 21.64
CA GLN A 111 8.19 7.13 21.90
C GLN A 111 9.05 7.29 20.65
N ARG A 112 9.04 8.48 20.07
CA ARG A 112 9.83 8.77 18.88
C ARG A 112 11.22 8.13 18.97
N LEU A 113 11.88 8.02 17.83
CA LEU A 113 13.23 7.43 17.79
C LEU A 113 14.27 8.49 17.47
N VAL A 114 15.50 8.25 17.91
CA VAL A 114 16.60 9.17 17.67
C VAL A 114 17.56 8.63 16.63
N SER A 115 17.88 9.48 15.64
CA SER A 115 18.79 9.08 14.57
C SER A 115 19.87 10.13 14.36
N PRO A 116 20.86 10.16 15.27
CA PRO A 116 21.97 11.11 15.20
C PRO A 116 22.92 10.82 14.05
N GLY A 117 22.79 9.63 13.47
CA GLY A 117 23.64 9.25 12.37
C GLY A 117 23.47 7.80 11.97
N SER A 118 22.97 7.56 10.76
CA SER A 118 22.75 6.21 10.26
C SER A 118 24.07 5.46 10.14
N ALA A 119 24.98 6.00 9.35
CA ALA A 119 26.29 5.38 9.14
C ALA A 119 27.08 5.34 10.44
N ASN A 120 27.52 4.15 10.83
CA ASN A 120 28.29 3.97 12.05
C ASN A 120 29.76 4.35 11.83
N GLU A 121 30.44 4.72 12.90
CA GLU A 121 31.84 5.11 12.83
C GLU A 121 32.74 4.08 13.52
N THR A 122 33.72 3.56 12.78
CA THR A 122 34.64 2.57 13.33
C THR A 122 35.89 3.22 13.88
N SER A 123 36.50 2.59 14.88
CA SER A 123 37.71 3.11 15.49
C SER A 123 38.87 2.12 15.35
N SER A 124 40.02 2.64 14.93
CA SER A 124 41.20 1.80 14.75
C SER A 124 42.47 2.54 15.19
N ILE A 125 43.19 1.94 16.13
CA ILE A 125 44.42 2.54 16.64
C ILE A 125 45.65 1.92 15.99
N GLY A 1 -10.67 -48.30 -26.14
CA GLY A 1 -9.87 -47.32 -25.44
C GLY A 1 -10.62 -46.03 -25.18
N SER A 2 -11.68 -46.12 -24.38
CA SER A 2 -12.50 -44.95 -24.06
C SER A 2 -12.15 -44.41 -22.66
N SER A 3 -12.61 -43.20 -22.37
CA SER A 3 -12.35 -42.58 -21.09
C SER A 3 -13.66 -42.23 -20.38
N GLY A 4 -14.52 -41.49 -21.06
CA GLY A 4 -15.80 -41.10 -20.48
C GLY A 4 -15.76 -39.71 -19.87
N SER A 5 -16.06 -38.71 -20.68
CA SER A 5 -16.05 -37.32 -20.21
C SER A 5 -17.42 -36.94 -19.65
N SER A 6 -17.65 -37.26 -18.39
CA SER A 6 -18.91 -36.95 -17.73
C SER A 6 -18.69 -36.12 -16.47
N GLY A 7 -19.23 -34.91 -16.48
CA GLY A 7 -19.08 -34.03 -15.32
C GLY A 7 -17.94 -33.03 -15.50
N PHE A 8 -16.72 -33.54 -15.56
CA PHE A 8 -15.55 -32.69 -15.73
C PHE A 8 -15.86 -31.50 -16.62
N LYS A 9 -15.91 -30.32 -16.02
CA LYS A 9 -16.20 -29.09 -16.76
C LYS A 9 -14.98 -28.62 -17.54
N VAL A 10 -15.18 -27.67 -18.44
CA VAL A 10 -14.10 -27.13 -19.25
C VAL A 10 -13.59 -25.82 -18.67
N ARG A 11 -12.27 -25.65 -18.68
CA ARG A 11 -11.66 -24.43 -18.15
C ARG A 11 -11.96 -23.24 -19.05
N VAL A 12 -12.40 -22.14 -18.45
CA VAL A 12 -12.72 -20.93 -19.18
C VAL A 12 -12.18 -19.69 -18.49
N GLY A 13 -11.76 -18.71 -19.27
CA GLY A 13 -11.22 -17.48 -18.72
C GLY A 13 -12.29 -16.44 -18.46
N GLU A 14 -11.95 -15.17 -18.67
CA GLU A 14 -12.89 -14.09 -18.45
C GLU A 14 -13.69 -13.81 -19.72
N PRO A 15 -14.92 -13.28 -19.54
CA PRO A 15 -15.81 -12.96 -20.65
C PRO A 15 -15.31 -11.76 -21.46
N GLY A 16 -14.96 -10.69 -20.78
CA GLY A 16 -14.47 -9.50 -21.45
C GLY A 16 -13.14 -9.02 -20.89
N GLN A 17 -13.05 -7.72 -20.64
CA GLN A 17 -11.83 -7.13 -20.12
C GLN A 17 -12.03 -6.68 -18.67
N ALA A 18 -11.05 -7.00 -17.82
CA ALA A 18 -11.12 -6.63 -16.41
C ALA A 18 -10.30 -5.37 -16.13
N GLY A 19 -10.80 -4.54 -15.21
CA GLY A 19 -10.10 -3.32 -14.88
C GLY A 19 -10.94 -2.39 -14.02
N ASN A 20 -11.07 -2.72 -12.74
CA ASN A 20 -11.86 -1.91 -11.82
C ASN A 20 -11.07 -1.61 -10.55
N PRO A 21 -10.90 -0.32 -10.25
CA PRO A 21 -10.16 0.13 -9.06
C PRO A 21 -10.92 -0.17 -7.77
N ALA A 22 -12.24 -0.02 -7.81
CA ALA A 22 -13.07 -0.28 -6.65
C ALA A 22 -12.82 -1.67 -6.08
N LEU A 23 -12.76 -2.65 -6.96
CA LEU A 23 -12.53 -4.04 -6.56
C LEU A 23 -11.21 -4.17 -5.81
N VAL A 24 -10.15 -3.60 -6.39
CA VAL A 24 -8.83 -3.64 -5.77
C VAL A 24 -8.92 -3.54 -4.26
N SER A 25 -8.33 -4.51 -3.56
CA SER A 25 -8.35 -4.52 -2.10
C SER A 25 -6.96 -4.24 -1.54
N ALA A 26 -6.92 -3.73 -0.31
CA ALA A 26 -5.66 -3.42 0.34
C ALA A 26 -5.65 -3.92 1.79
N TYR A 27 -4.61 -4.68 2.14
CA TYR A 27 -4.49 -5.22 3.48
C TYR A 27 -3.02 -5.36 3.88
N GLY A 28 -2.78 -5.71 5.14
CA GLY A 28 -1.43 -5.88 5.62
C GLY A 28 -1.29 -5.52 7.08
N THR A 29 -0.04 -5.44 7.55
CA THR A 29 0.23 -5.11 8.95
C THR A 29 0.46 -3.61 9.12
N GLY A 30 0.94 -2.97 8.06
CA GLY A 30 1.21 -1.54 8.12
C GLY A 30 -0.06 -0.72 8.18
N LEU A 31 -1.14 -1.23 7.58
CA LEU A 31 -2.42 -0.53 7.57
C LEU A 31 -3.04 -0.53 8.96
N GLU A 32 -2.86 -1.63 9.69
CA GLU A 32 -3.40 -1.75 11.03
C GLU A 32 -3.19 -0.46 11.83
N GLY A 33 -2.03 0.16 11.65
CA GLY A 33 -1.73 1.39 12.35
C GLY A 33 -0.33 1.89 12.07
N GLY A 34 0.09 2.91 12.81
CA GLY A 34 1.41 3.47 12.62
C GLY A 34 2.40 3.01 13.68
N THR A 35 3.28 2.09 13.30
CA THR A 35 4.28 1.56 14.23
C THR A 35 5.62 2.28 14.05
N THR A 36 6.02 3.01 15.08
CA THR A 36 7.28 3.75 15.04
C THR A 36 8.45 2.87 15.49
N GLY A 37 9.34 2.56 14.55
CA GLY A 37 10.48 1.73 14.86
C GLY A 37 10.39 0.36 14.23
N ILE A 38 9.17 -0.14 14.07
CA ILE A 38 8.95 -1.46 13.47
C ILE A 38 8.74 -1.33 11.96
N GLN A 39 9.16 -2.36 11.23
CA GLN A 39 9.01 -2.38 9.78
C GLN A 39 7.81 -3.20 9.36
N SER A 40 6.80 -2.53 8.79
CA SER A 40 5.59 -3.21 8.36
C SER A 40 5.55 -3.33 6.83
N GLU A 41 4.69 -4.22 6.34
CA GLU A 41 4.56 -4.43 4.90
C GLU A 41 3.13 -4.80 4.54
N PHE A 42 2.57 -4.08 3.56
CA PHE A 42 1.20 -4.34 3.12
C PHE A 42 1.17 -4.75 1.65
N PHE A 43 0.36 -5.74 1.33
CA PHE A 43 0.24 -6.23 -0.03
C PHE A 43 -1.07 -5.75 -0.68
N ILE A 44 -1.13 -5.81 -2.00
CA ILE A 44 -2.32 -5.38 -2.73
C ILE A 44 -2.96 -6.55 -3.47
N ASN A 45 -4.29 -6.59 -3.48
CA ASN A 45 -5.01 -7.65 -4.16
C ASN A 45 -5.38 -7.24 -5.58
N THR A 46 -4.40 -6.76 -6.33
CA THR A 46 -4.61 -6.33 -7.70
C THR A 46 -4.53 -7.51 -8.66
N THR A 47 -5.19 -8.61 -8.31
CA THR A 47 -5.20 -9.80 -9.13
C THR A 47 -6.49 -9.92 -9.94
N ARG A 48 -7.61 -9.59 -9.30
CA ARG A 48 -8.90 -9.65 -9.96
C ARG A 48 -9.16 -8.39 -10.78
N ALA A 49 -8.64 -7.26 -10.31
CA ALA A 49 -8.81 -5.99 -11.00
C ALA A 49 -8.17 -6.03 -12.38
N GLY A 50 -6.96 -6.58 -12.46
CA GLY A 50 -6.27 -6.68 -13.73
C GLY A 50 -5.05 -5.77 -13.80
N PRO A 51 -4.37 -5.77 -14.94
CA PRO A 51 -3.17 -4.95 -15.15
C PRO A 51 -3.49 -3.47 -15.22
N GLY A 52 -2.45 -2.65 -15.41
CA GLY A 52 -2.65 -1.21 -15.48
C GLY A 52 -1.60 -0.44 -14.72
N THR A 53 -1.62 0.89 -14.85
CA THR A 53 -0.66 1.74 -14.17
C THR A 53 -1.08 2.00 -12.73
N LEU A 54 -0.11 2.08 -11.82
CA LEU A 54 -0.39 2.33 -10.42
C LEU A 54 0.67 3.25 -9.81
N SER A 55 0.34 3.85 -8.67
CA SER A 55 1.27 4.75 -7.99
C SER A 55 1.13 4.62 -6.47
N VAL A 56 2.24 4.78 -5.77
CA VAL A 56 2.25 4.69 -4.31
C VAL A 56 3.00 5.85 -3.69
N THR A 57 2.28 6.73 -3.00
CA THR A 57 2.88 7.89 -2.36
C THR A 57 2.39 8.04 -0.92
N ILE A 58 3.32 8.22 0.00
CA ILE A 58 2.99 8.38 1.42
C ILE A 58 3.36 9.76 1.92
N GLU A 59 2.47 10.37 2.69
CA GLU A 59 2.71 11.70 3.25
C GLU A 59 2.75 11.66 4.77
N GLY A 60 3.53 12.56 5.36
CA GLY A 60 3.63 12.62 6.80
C GLY A 60 4.63 13.65 7.28
N PRO A 61 4.75 13.82 8.61
CA PRO A 61 5.66 14.79 9.21
C PRO A 61 7.12 14.39 9.03
N SER A 62 7.37 13.08 8.95
CA SER A 62 8.73 12.57 8.79
C SER A 62 8.82 11.67 7.57
N LYS A 63 9.94 11.75 6.85
CA LYS A 63 10.16 10.94 5.66
C LYS A 63 10.37 9.47 6.04
N VAL A 64 9.77 8.57 5.27
CA VAL A 64 9.91 7.15 5.52
C VAL A 64 10.67 6.46 4.39
N LYS A 65 11.31 5.34 4.71
CA LYS A 65 12.07 4.58 3.72
C LYS A 65 11.17 3.60 2.97
N MET A 66 10.85 3.94 1.72
CA MET A 66 10.00 3.09 0.90
C MET A 66 10.84 2.25 -0.05
N ASP A 67 10.98 0.97 0.25
CA ASP A 67 11.76 0.05 -0.59
C ASP A 67 10.86 -0.67 -1.57
N CYS A 68 10.54 -0.01 -2.68
CA CYS A 68 9.69 -0.59 -3.71
C CYS A 68 10.12 -2.01 -4.03
N GLN A 69 9.16 -2.92 -4.09
CA GLN A 69 9.45 -4.32 -4.39
C GLN A 69 8.29 -4.96 -5.14
N GLU A 70 8.60 -5.61 -6.26
CA GLU A 70 7.58 -6.26 -7.08
C GLU A 70 7.24 -7.64 -6.52
N THR A 71 5.97 -8.02 -6.66
CA THR A 71 5.51 -9.32 -6.15
C THR A 71 4.79 -10.10 -7.25
N PRO A 72 4.79 -11.44 -7.12
CA PRO A 72 4.14 -12.33 -8.08
C PRO A 72 2.62 -12.22 -8.03
N GLU A 73 2.13 -11.35 -7.17
CA GLU A 73 0.69 -11.16 -7.02
C GLU A 73 0.28 -9.73 -7.38
N GLY A 74 0.96 -8.75 -6.78
CA GLY A 74 0.67 -7.36 -7.05
C GLY A 74 1.85 -6.45 -6.75
N TYR A 75 1.80 -5.77 -5.62
CA TYR A 75 2.86 -4.86 -5.22
C TYR A 75 2.97 -4.78 -3.70
N LYS A 76 4.16 -5.08 -3.19
CA LYS A 76 4.40 -5.03 -1.74
C LYS A 76 5.31 -3.85 -1.38
N VAL A 77 4.79 -2.95 -0.55
CA VAL A 77 5.55 -1.79 -0.13
C VAL A 77 5.93 -1.89 1.35
N MET A 78 7.11 -1.37 1.69
CA MET A 78 7.58 -1.40 3.06
C MET A 78 8.01 -0.01 3.53
N TYR A 79 7.63 0.35 4.74
CA TYR A 79 7.97 1.66 5.29
C TYR A 79 8.04 1.60 6.82
N THR A 80 8.79 2.52 7.40
CA THR A 80 8.93 2.59 8.85
C THR A 80 8.99 4.03 9.35
N PRO A 81 7.92 4.46 10.02
CA PRO A 81 7.82 5.83 10.55
C PRO A 81 8.76 6.06 11.72
N MET A 82 9.71 6.98 11.54
CA MET A 82 10.68 7.31 12.58
C MET A 82 10.05 8.18 13.67
N ALA A 83 9.08 9.00 13.26
CA ALA A 83 8.39 9.89 14.20
C ALA A 83 6.88 9.74 14.08
N PRO A 84 6.19 9.85 15.22
CA PRO A 84 4.73 9.74 15.28
C PRO A 84 4.03 10.92 14.62
N GLY A 85 2.73 10.77 14.34
CA GLY A 85 1.98 11.83 13.73
C GLY A 85 0.86 11.31 12.83
N ASN A 86 0.52 12.10 11.81
CA ASN A 86 -0.55 11.71 10.89
C ASN A 86 0.03 11.41 9.51
N TYR A 87 -0.16 10.18 9.05
CA TYR A 87 0.34 9.75 7.75
C TYR A 87 -0.81 9.41 6.82
N LEU A 88 -0.61 9.64 5.53
CA LEU A 88 -1.63 9.35 4.52
C LEU A 88 -1.06 8.49 3.40
N ILE A 89 -1.68 7.33 3.18
CA ILE A 89 -1.24 6.41 2.14
C ILE A 89 -2.15 6.48 0.93
N SER A 90 -1.59 6.97 -0.19
CA SER A 90 -2.36 7.09 -1.42
C SER A 90 -2.17 5.86 -2.31
N VAL A 91 -3.28 5.19 -2.62
CA VAL A 91 -3.24 4.00 -3.45
C VAL A 91 -4.04 4.20 -4.74
N LYS A 92 -3.32 4.44 -5.84
CA LYS A 92 -3.96 4.65 -7.13
C LYS A 92 -3.87 3.39 -8.00
N TYR A 93 -4.77 3.28 -8.96
CA TYR A 93 -4.78 2.14 -9.87
C TYR A 93 -5.38 2.50 -11.22
N GLY A 94 -4.84 1.92 -12.28
CA GLY A 94 -5.33 2.20 -13.61
C GLY A 94 -5.72 3.66 -13.80
N GLY A 95 -4.81 4.56 -13.43
CA GLY A 95 -5.09 5.98 -13.56
C GLY A 95 -5.12 6.70 -12.22
N PRO A 96 -5.48 7.98 -12.24
CA PRO A 96 -5.56 8.80 -11.02
C PRO A 96 -6.70 8.40 -10.12
N ASN A 97 -7.50 7.44 -10.57
CA ASN A 97 -8.65 6.96 -9.80
C ASN A 97 -8.19 6.12 -8.62
N HIS A 98 -8.58 6.53 -7.42
CA HIS A 98 -8.21 5.82 -6.20
C HIS A 98 -9.08 4.57 -6.02
N ILE A 99 -8.78 3.80 -4.98
CA ILE A 99 -9.53 2.58 -4.69
C ILE A 99 -10.37 2.73 -3.43
N VAL A 100 -11.21 1.74 -3.17
CA VAL A 100 -12.07 1.76 -1.98
C VAL A 100 -11.24 1.91 -0.71
N GLY A 101 -11.79 2.64 0.26
CA GLY A 101 -11.09 2.84 1.51
C GLY A 101 -10.05 3.95 1.43
N SER A 102 -9.22 3.89 0.40
CA SER A 102 -8.18 4.89 0.21
C SER A 102 -8.78 6.28 0.00
N PRO A 103 -8.02 7.32 0.38
CA PRO A 103 -6.69 7.16 0.96
C PRO A 103 -6.74 6.54 2.36
N PHE A 104 -5.80 5.65 2.65
CA PHE A 104 -5.73 5.00 3.95
C PHE A 104 -4.97 5.86 4.96
N LYS A 105 -5.70 6.42 5.92
CA LYS A 105 -5.10 7.27 6.94
C LYS A 105 -4.78 6.46 8.19
N ALA A 106 -3.49 6.36 8.51
CA ALA A 106 -3.04 5.62 9.69
C ALA A 106 -2.56 6.56 10.78
N LYS A 107 -2.72 6.14 12.03
CA LYS A 107 -2.30 6.95 13.17
C LYS A 107 -1.08 6.35 13.85
N VAL A 108 0.03 7.07 13.81
CA VAL A 108 1.28 6.60 14.43
C VAL A 108 1.38 7.06 15.87
N THR A 109 1.76 6.14 16.75
CA THR A 109 1.90 6.46 18.17
C THR A 109 3.24 5.98 18.70
N GLY A 110 3.59 6.43 19.91
CA GLY A 110 4.85 6.05 20.51
C GLY A 110 5.70 7.24 20.88
N GLN A 111 7.00 6.99 21.07
CA GLN A 111 7.92 8.07 21.43
C GLN A 111 8.77 8.49 20.23
N ARG A 112 9.09 9.77 20.16
CA ARG A 112 9.89 10.30 19.06
C ARG A 112 11.28 9.68 19.05
N LEU A 113 11.48 8.70 18.18
CA LEU A 113 12.77 8.03 18.07
C LEU A 113 13.90 9.04 17.96
N VAL A 114 14.68 9.19 19.03
CA VAL A 114 15.80 10.12 19.05
C VAL A 114 16.99 9.54 19.80
N SER A 115 18.18 9.71 19.25
CA SER A 115 19.39 9.20 19.88
C SER A 115 19.42 9.54 21.36
N PRO A 116 19.93 8.60 22.17
CA PRO A 116 20.03 8.78 23.63
C PRO A 116 21.07 9.82 24.02
N GLY A 117 22.02 10.07 23.12
CA GLY A 117 23.06 11.04 23.39
C GLY A 117 24.17 11.00 22.36
N SER A 118 25.39 11.31 22.80
CA SER A 118 26.55 11.32 21.91
C SER A 118 27.62 10.35 22.41
N ALA A 119 27.86 10.37 23.72
CA ALA A 119 28.86 9.50 24.33
C ALA A 119 30.19 9.58 23.59
N ASN A 120 30.55 10.79 23.17
CA ASN A 120 31.80 11.01 22.45
C ASN A 120 32.95 11.29 23.41
N GLU A 121 34.01 10.49 23.30
CA GLU A 121 35.18 10.66 24.17
C GLU A 121 36.03 11.83 23.72
N THR A 122 36.12 12.86 24.58
CA THR A 122 36.91 14.04 24.26
C THR A 122 38.31 13.95 24.86
N SER A 123 38.39 13.44 26.08
CA SER A 123 39.67 13.30 26.77
C SER A 123 40.60 14.46 26.42
N SER A 124 40.05 15.67 26.43
CA SER A 124 40.82 16.87 26.11
C SER A 124 41.31 17.55 27.38
N ILE A 125 42.40 18.28 27.28
CA ILE A 125 42.97 19.00 28.42
C ILE A 125 41.95 19.97 29.01
N GLY A 1 -46.12 -28.47 -1.98
CA GLY A 1 -44.75 -28.30 -1.53
C GLY A 1 -44.67 -27.91 -0.08
N SER A 2 -45.12 -26.70 0.25
CA SER A 2 -45.09 -26.22 1.62
C SER A 2 -43.76 -26.57 2.29
N SER A 3 -42.66 -26.27 1.61
CA SER A 3 -41.33 -26.56 2.13
C SER A 3 -40.30 -25.61 1.54
N GLY A 4 -39.07 -25.68 2.05
CA GLY A 4 -38.01 -24.83 1.57
C GLY A 4 -36.67 -25.14 2.21
N SER A 5 -35.59 -24.64 1.60
CA SER A 5 -34.25 -24.87 2.12
C SER A 5 -33.21 -24.10 1.32
N SER A 6 -32.05 -23.87 1.92
CA SER A 6 -30.98 -23.13 1.26
C SER A 6 -29.63 -23.47 1.87
N GLY A 7 -28.57 -22.98 1.25
CA GLY A 7 -27.22 -23.25 1.75
C GLY A 7 -26.18 -22.35 1.12
N PHE A 8 -25.91 -22.57 -0.16
CA PHE A 8 -24.92 -21.78 -0.89
C PHE A 8 -25.58 -20.60 -1.57
N LYS A 9 -24.76 -19.71 -2.13
CA LYS A 9 -25.25 -18.53 -2.82
C LYS A 9 -25.01 -18.62 -4.31
N VAL A 10 -25.60 -17.70 -5.07
CA VAL A 10 -25.44 -17.69 -6.52
C VAL A 10 -25.17 -16.27 -7.03
N ARG A 11 -24.01 -16.09 -7.64
CA ARG A 11 -23.62 -14.78 -8.17
C ARG A 11 -23.53 -14.82 -9.70
N VAL A 12 -23.62 -13.65 -10.32
CA VAL A 12 -23.54 -13.55 -11.77
C VAL A 12 -22.97 -12.21 -12.20
N GLY A 13 -21.95 -12.25 -13.04
CA GLY A 13 -21.33 -11.02 -13.53
C GLY A 13 -20.99 -11.08 -15.00
N GLU A 14 -21.61 -10.20 -15.78
CA GLU A 14 -21.37 -10.16 -17.22
C GLU A 14 -19.99 -9.59 -17.53
N PRO A 15 -19.42 -10.00 -18.66
CA PRO A 15 -18.10 -9.55 -19.10
C PRO A 15 -18.09 -8.09 -19.52
N GLY A 16 -17.04 -7.37 -19.14
CA GLY A 16 -16.94 -5.97 -19.48
C GLY A 16 -15.49 -5.50 -19.58
N GLN A 17 -15.30 -4.19 -19.58
CA GLN A 17 -13.96 -3.61 -19.66
C GLN A 17 -13.08 -4.11 -18.53
N ALA A 18 -12.22 -5.09 -18.83
CA ALA A 18 -11.32 -5.66 -17.84
C ALA A 18 -10.55 -4.58 -17.12
N GLY A 19 -10.47 -4.68 -15.79
CA GLY A 19 -9.76 -3.70 -15.00
C GLY A 19 -10.70 -2.82 -14.20
N ASN A 20 -10.65 -2.97 -12.87
CA ASN A 20 -11.51 -2.19 -11.99
C ASN A 20 -10.72 -1.70 -10.77
N PRO A 21 -10.71 -0.38 -10.57
CA PRO A 21 -10.00 0.24 -9.44
C PRO A 21 -10.66 -0.05 -8.11
N ALA A 22 -11.98 -0.21 -8.13
CA ALA A 22 -12.74 -0.51 -6.92
C ALA A 22 -12.36 -1.87 -6.34
N LEU A 23 -12.28 -2.87 -7.22
CA LEU A 23 -11.92 -4.22 -6.79
C LEU A 23 -10.61 -4.21 -6.00
N VAL A 24 -9.61 -3.54 -6.53
CA VAL A 24 -8.31 -3.45 -5.87
C VAL A 24 -8.47 -3.26 -4.36
N SER A 25 -7.66 -3.99 -3.60
CA SER A 25 -7.73 -3.90 -2.14
C SER A 25 -6.33 -3.78 -1.55
N ALA A 26 -6.25 -3.36 -0.29
CA ALA A 26 -4.97 -3.20 0.39
C ALA A 26 -5.08 -3.62 1.85
N TYR A 27 -4.15 -4.45 2.30
CA TYR A 27 -4.14 -4.92 3.68
C TYR A 27 -2.71 -5.26 4.13
N GLY A 28 -2.53 -5.36 5.44
CA GLY A 28 -1.22 -5.67 5.98
C GLY A 28 -1.06 -5.21 7.42
N THR A 29 0.19 -4.96 7.82
CA THR A 29 0.47 -4.51 9.17
C THR A 29 0.81 -3.02 9.21
N GLY A 30 1.13 -2.47 8.04
CA GLY A 30 1.47 -1.06 7.96
C GLY A 30 0.27 -0.20 7.62
N LEU A 31 -0.87 -0.84 7.37
CA LEU A 31 -2.09 -0.12 7.03
C LEU A 31 -3.08 -0.15 8.19
N GLU A 32 -2.86 -1.08 9.11
CA GLU A 32 -3.75 -1.22 10.28
C GLU A 32 -3.29 -0.31 11.41
N GLY A 33 -2.15 0.33 11.22
CA GLY A 33 -1.62 1.23 12.23
C GLY A 33 -0.17 1.61 11.99
N GLY A 34 0.30 2.62 12.70
CA GLY A 34 1.67 3.08 12.53
C GLY A 34 2.56 2.67 13.69
N THR A 35 3.41 1.66 13.45
CA THR A 35 4.32 1.17 14.49
C THR A 35 5.72 1.77 14.31
N THR A 36 6.07 2.71 15.17
CA THR A 36 7.37 3.35 15.12
C THR A 36 8.46 2.44 15.66
N GLY A 37 9.42 2.09 14.81
CA GLY A 37 10.50 1.22 15.23
C GLY A 37 10.48 -0.12 14.53
N ILE A 38 9.28 -0.53 14.08
CA ILE A 38 9.13 -1.80 13.40
C ILE A 38 8.83 -1.60 11.92
N GLN A 39 9.36 -2.49 11.09
CA GLN A 39 9.15 -2.41 9.64
C GLN A 39 7.87 -3.14 9.24
N SER A 40 6.84 -2.38 8.87
CA SER A 40 5.57 -2.96 8.47
C SER A 40 5.55 -3.21 6.96
N GLU A 41 4.60 -4.03 6.52
CA GLU A 41 4.47 -4.36 5.11
C GLU A 41 3.01 -4.62 4.74
N PHE A 42 2.59 -4.13 3.58
CA PHE A 42 1.23 -4.30 3.12
C PHE A 42 1.19 -4.63 1.63
N PHE A 43 0.56 -5.75 1.28
CA PHE A 43 0.46 -6.16 -0.12
C PHE A 43 -0.84 -5.65 -0.74
N ILE A 44 -0.77 -5.30 -2.02
CA ILE A 44 -1.93 -4.80 -2.74
C ILE A 44 -2.61 -5.91 -3.53
N ASN A 45 -3.90 -6.12 -3.27
CA ASN A 45 -4.67 -7.15 -3.96
C ASN A 45 -5.06 -6.69 -5.36
N THR A 46 -4.12 -6.83 -6.30
CA THR A 46 -4.38 -6.43 -7.68
C THR A 46 -4.46 -7.64 -8.60
N THR A 47 -3.90 -8.76 -8.14
CA THR A 47 -3.91 -10.00 -8.92
C THR A 47 -5.34 -10.46 -9.20
N ARG A 48 -6.28 -9.97 -8.39
CA ARG A 48 -7.68 -10.34 -8.55
C ARG A 48 -8.51 -9.15 -9.02
N ALA A 49 -7.92 -7.96 -8.93
CA ALA A 49 -8.60 -6.74 -9.34
C ALA A 49 -8.49 -6.54 -10.85
N GLY A 50 -7.28 -6.27 -11.32
CA GLY A 50 -7.07 -6.05 -12.74
C GLY A 50 -5.87 -5.17 -13.02
N PRO A 51 -5.53 -5.02 -14.30
CA PRO A 51 -4.40 -4.19 -14.74
C PRO A 51 -4.66 -2.70 -14.53
N GLY A 52 -3.63 -1.89 -14.74
CA GLY A 52 -3.76 -0.45 -14.57
C GLY A 52 -2.51 0.20 -14.04
N THR A 53 -2.45 1.52 -14.12
CA THR A 53 -1.28 2.26 -13.65
C THR A 53 -1.20 2.24 -12.12
N LEU A 54 -0.20 1.54 -11.60
CA LEU A 54 -0.01 1.44 -10.16
C LEU A 54 0.91 2.53 -9.66
N SER A 55 0.39 3.39 -8.77
CA SER A 55 1.17 4.49 -8.22
C SER A 55 1.18 4.42 -6.70
N VAL A 56 2.33 4.73 -6.10
CA VAL A 56 2.47 4.72 -4.66
C VAL A 56 2.89 6.09 -4.12
N THR A 57 2.17 6.58 -3.12
CA THR A 57 2.46 7.87 -2.52
C THR A 57 2.15 7.87 -1.04
N ILE A 58 2.99 8.54 -0.25
CA ILE A 58 2.80 8.62 1.19
C ILE A 58 3.04 10.04 1.70
N GLU A 59 2.40 10.37 2.81
CA GLU A 59 2.54 11.71 3.40
C GLU A 59 2.62 11.62 4.93
N GLY A 60 3.39 12.52 5.52
CA GLY A 60 3.55 12.53 6.96
C GLY A 60 4.55 13.55 7.44
N PRO A 61 4.69 13.69 8.77
CA PRO A 61 5.62 14.64 9.37
C PRO A 61 7.08 14.24 9.17
N SER A 62 7.32 12.92 9.12
CA SER A 62 8.67 12.40 8.94
C SER A 62 8.82 11.75 7.57
N LYS A 63 9.98 11.92 6.96
CA LYS A 63 10.25 11.34 5.64
C LYS A 63 10.69 9.89 5.77
N VAL A 64 9.88 8.97 5.26
CA VAL A 64 10.20 7.55 5.32
C VAL A 64 10.52 7.01 3.93
N LYS A 65 11.23 5.88 3.90
CA LYS A 65 11.61 5.26 2.64
C LYS A 65 10.70 4.07 2.32
N MET A 66 10.43 3.86 1.03
CA MET A 66 9.58 2.76 0.61
C MET A 66 10.31 1.85 -0.37
N ASP A 67 10.75 0.70 0.12
CA ASP A 67 11.47 -0.26 -0.71
C ASP A 67 10.51 -1.06 -1.58
N CYS A 68 10.40 -0.67 -2.85
CA CYS A 68 9.50 -1.36 -3.78
C CYS A 68 10.06 -2.74 -4.15
N GLN A 69 9.16 -3.71 -4.26
CA GLN A 69 9.55 -5.08 -4.59
C GLN A 69 8.45 -5.77 -5.39
N GLU A 70 8.83 -6.81 -6.12
CA GLU A 70 7.89 -7.57 -6.93
C GLU A 70 7.23 -8.67 -6.11
N THR A 71 5.97 -8.95 -6.41
CA THR A 71 5.22 -9.99 -5.70
C THR A 71 4.18 -10.65 -6.61
N PRO A 72 3.85 -11.90 -6.30
CA PRO A 72 2.86 -12.67 -7.08
C PRO A 72 1.45 -12.14 -6.90
N GLU A 73 1.26 -11.26 -5.92
CA GLU A 73 -0.05 -10.68 -5.65
C GLU A 73 -0.15 -9.28 -6.24
N GLY A 74 1.00 -8.72 -6.61
CA GLY A 74 1.01 -7.38 -7.18
C GLY A 74 2.29 -6.62 -6.86
N TYR A 75 2.21 -5.74 -5.88
CA TYR A 75 3.37 -4.94 -5.47
C TYR A 75 3.39 -4.75 -3.96
N LYS A 76 4.41 -5.28 -3.32
CA LYS A 76 4.56 -5.16 -1.87
C LYS A 76 5.30 -3.88 -1.50
N VAL A 77 4.73 -3.11 -0.58
CA VAL A 77 5.33 -1.86 -0.13
C VAL A 77 5.58 -1.88 1.36
N MET A 78 6.75 -1.40 1.77
CA MET A 78 7.12 -1.36 3.18
C MET A 78 7.59 0.04 3.58
N TYR A 79 7.35 0.40 4.82
CA TYR A 79 7.74 1.72 5.33
C TYR A 79 7.90 1.69 6.85
N THR A 80 8.98 2.30 7.34
CA THR A 80 9.27 2.34 8.76
C THR A 80 9.35 3.78 9.26
N PRO A 81 8.26 4.26 9.88
CA PRO A 81 8.18 5.61 10.42
C PRO A 81 9.08 5.81 11.64
N MET A 82 9.93 6.83 11.57
CA MET A 82 10.85 7.12 12.68
C MET A 82 10.13 7.87 13.79
N ALA A 83 9.15 8.70 13.41
CA ALA A 83 8.39 9.48 14.39
C ALA A 83 6.90 9.23 14.22
N PRO A 84 6.17 9.26 15.35
CA PRO A 84 4.72 9.04 15.36
C PRO A 84 3.96 10.20 14.72
N GLY A 85 2.63 10.09 14.69
CA GLY A 85 1.81 11.14 14.11
C GLY A 85 0.70 10.59 13.24
N ASN A 86 0.43 11.25 12.13
CA ASN A 86 -0.61 10.83 11.20
C ASN A 86 -0.10 10.81 9.76
N TYR A 87 -0.01 9.61 9.19
CA TYR A 87 0.46 9.45 7.82
C TYR A 87 -0.70 9.21 6.87
N LEU A 88 -0.43 9.36 5.57
CA LEU A 88 -1.46 9.15 4.56
C LEU A 88 -0.89 8.39 3.36
N ILE A 89 -1.72 7.54 2.77
CA ILE A 89 -1.31 6.74 1.62
C ILE A 89 -2.34 6.82 0.50
N SER A 90 -1.93 7.36 -0.64
CA SER A 90 -2.82 7.49 -1.79
C SER A 90 -2.45 6.49 -2.88
N VAL A 91 -3.42 5.68 -3.28
CA VAL A 91 -3.21 4.68 -4.32
C VAL A 91 -4.12 4.92 -5.52
N LYS A 92 -3.50 5.12 -6.68
CA LYS A 92 -4.27 5.36 -7.91
C LYS A 92 -4.09 4.21 -8.89
N TYR A 93 -5.17 3.82 -9.55
CA TYR A 93 -5.14 2.74 -10.52
C TYR A 93 -5.81 3.15 -11.83
N GLY A 94 -5.02 3.23 -12.88
CA GLY A 94 -5.55 3.61 -14.18
C GLY A 94 -6.40 4.86 -14.12
N GLY A 95 -5.75 6.00 -13.88
CA GLY A 95 -6.47 7.26 -13.80
C GLY A 95 -6.46 7.84 -12.40
N PRO A 96 -7.06 9.03 -12.24
CA PRO A 96 -7.13 9.71 -10.95
C PRO A 96 -8.06 9.00 -9.97
N ASN A 97 -9.17 8.48 -10.49
CA ASN A 97 -10.14 7.78 -9.65
C ASN A 97 -9.44 6.80 -8.71
N HIS A 98 -9.44 7.14 -7.42
CA HIS A 98 -8.81 6.29 -6.42
C HIS A 98 -9.62 5.03 -6.19
N ILE A 99 -9.03 4.07 -5.47
CA ILE A 99 -9.71 2.80 -5.18
C ILE A 99 -10.66 2.95 -4.00
N VAL A 100 -11.34 1.86 -3.66
CA VAL A 100 -12.29 1.88 -2.55
C VAL A 100 -11.56 1.95 -1.21
N GLY A 101 -12.11 2.77 -0.30
CA GLY A 101 -11.50 2.93 1.00
C GLY A 101 -10.55 4.10 1.06
N SER A 102 -9.60 4.14 0.13
CA SER A 102 -8.63 5.23 0.08
C SER A 102 -9.32 6.59 0.04
N PRO A 103 -8.58 7.64 0.43
CA PRO A 103 -7.19 7.51 0.88
C PRO A 103 -7.08 6.81 2.22
N PHE A 104 -5.98 6.09 2.42
CA PHE A 104 -5.75 5.36 3.66
C PHE A 104 -5.07 6.26 4.70
N LYS A 105 -5.70 6.43 5.85
CA LYS A 105 -5.16 7.26 6.91
C LYS A 105 -4.75 6.40 8.11
N ALA A 106 -3.44 6.19 8.27
CA ALA A 106 -2.92 5.40 9.37
C ALA A 106 -2.44 6.29 10.51
N LYS A 107 -2.75 5.90 11.74
CA LYS A 107 -2.34 6.66 12.92
C LYS A 107 -1.16 6.00 13.61
N VAL A 108 -0.05 6.71 13.68
CA VAL A 108 1.15 6.19 14.32
C VAL A 108 1.18 6.55 15.81
N THR A 109 1.81 5.69 16.60
CA THR A 109 1.91 5.92 18.04
C THR A 109 3.26 5.47 18.58
N GLY A 110 3.67 6.04 19.70
CA GLY A 110 4.95 5.68 20.30
C GLY A 110 5.74 6.89 20.75
N GLN A 111 6.99 6.66 21.12
CA GLN A 111 7.86 7.75 21.58
C GLN A 111 8.90 8.08 20.52
N ARG A 112 8.93 9.35 20.10
CA ARG A 112 9.89 9.80 19.10
C ARG A 112 11.23 9.08 19.26
N LEU A 113 11.58 8.27 18.27
CA LEU A 113 12.84 7.54 18.31
C LEU A 113 14.01 8.42 17.85
N VAL A 114 15.05 8.48 18.66
CA VAL A 114 16.22 9.28 18.34
C VAL A 114 17.30 8.44 17.64
N SER A 115 17.55 8.76 16.37
CA SER A 115 18.54 8.02 15.60
C SER A 115 19.87 7.95 16.34
N PRO A 116 20.56 6.81 16.19
CA PRO A 116 21.86 6.57 16.84
C PRO A 116 22.97 7.44 16.25
N GLY A 117 23.08 7.44 14.94
CA GLY A 117 24.10 8.23 14.28
C GLY A 117 25.45 7.52 14.21
N SER A 118 26.29 7.77 15.20
CA SER A 118 27.61 7.16 15.26
C SER A 118 27.59 5.90 16.12
N ALA A 119 27.26 4.77 15.49
CA ALA A 119 27.20 3.50 16.20
C ALA A 119 28.56 2.80 16.20
N ASN A 120 29.06 2.49 17.40
CA ASN A 120 30.35 1.83 17.54
C ASN A 120 30.18 0.41 18.05
N GLU A 121 31.26 -0.38 17.99
CA GLU A 121 31.22 -1.75 18.45
C GLU A 121 32.42 -2.05 19.37
N THR A 122 32.28 -3.08 20.20
CA THR A 122 33.34 -3.46 21.12
C THR A 122 34.27 -4.48 20.48
N SER A 123 35.46 -4.63 21.06
CA SER A 123 36.45 -5.57 20.54
C SER A 123 37.27 -6.18 21.68
N SER A 124 37.02 -7.45 21.96
CA SER A 124 37.74 -8.15 23.02
C SER A 124 39.24 -7.88 22.94
N ILE A 125 39.85 -8.35 21.86
CA ILE A 125 41.29 -8.16 21.65
C ILE A 125 41.56 -7.38 20.37
N GLY A 1 2.88 -44.69 -44.44
CA GLY A 1 2.79 -43.58 -43.52
C GLY A 1 3.29 -43.93 -42.14
N SER A 2 2.37 -44.00 -41.18
CA SER A 2 2.73 -44.32 -39.80
C SER A 2 3.72 -43.30 -39.24
N SER A 3 3.48 -42.03 -39.55
CA SER A 3 4.34 -40.95 -39.08
C SER A 3 3.91 -40.47 -37.70
N GLY A 4 2.61 -40.26 -37.54
CA GLY A 4 2.08 -39.79 -36.26
C GLY A 4 1.09 -38.66 -36.42
N SER A 5 0.66 -38.09 -35.30
CA SER A 5 -0.30 -37.00 -35.33
C SER A 5 -0.34 -36.29 -33.97
N SER A 6 -0.80 -35.04 -33.98
CA SER A 6 -0.88 -34.25 -32.76
C SER A 6 -2.10 -33.32 -32.80
N GLY A 7 -2.35 -32.65 -31.68
CA GLY A 7 -3.49 -31.74 -31.61
C GLY A 7 -3.28 -30.64 -30.58
N PHE A 8 -4.09 -29.59 -30.67
CA PHE A 8 -3.99 -28.46 -29.74
C PHE A 8 -5.37 -27.89 -29.44
N LYS A 9 -5.49 -27.25 -28.28
CA LYS A 9 -6.75 -26.65 -27.87
C LYS A 9 -7.03 -25.36 -28.65
N VAL A 10 -8.22 -24.80 -28.45
CA VAL A 10 -8.60 -23.57 -29.14
C VAL A 10 -9.12 -22.53 -28.14
N ARG A 11 -8.42 -21.40 -28.06
CA ARG A 11 -8.82 -20.34 -27.15
C ARG A 11 -9.95 -19.50 -27.74
N VAL A 12 -10.92 -19.15 -26.90
CA VAL A 12 -12.07 -18.37 -27.34
C VAL A 12 -11.71 -16.88 -27.43
N GLY A 13 -11.02 -16.39 -26.40
CA GLY A 13 -10.63 -14.99 -26.38
C GLY A 13 -9.93 -14.59 -25.09
N GLU A 14 -9.19 -13.50 -25.13
CA GLU A 14 -8.46 -13.02 -23.96
C GLU A 14 -9.44 -12.54 -22.88
N PRO A 15 -8.94 -12.45 -21.64
CA PRO A 15 -9.75 -12.01 -20.50
C PRO A 15 -10.10 -10.52 -20.57
N GLY A 16 -11.38 -10.21 -20.57
CA GLY A 16 -11.81 -8.83 -20.63
C GLY A 16 -12.31 -8.31 -19.30
N GLN A 17 -12.73 -7.05 -19.28
CA GLN A 17 -13.23 -6.44 -18.05
C GLN A 17 -12.21 -6.58 -16.92
N ALA A 18 -10.94 -6.41 -17.26
CA ALA A 18 -9.87 -6.51 -16.27
C ALA A 18 -9.30 -5.15 -15.92
N GLY A 19 -10.19 -4.17 -15.72
CA GLY A 19 -9.75 -2.83 -15.38
C GLY A 19 -10.74 -2.09 -14.51
N ASN A 20 -10.93 -2.60 -13.29
CA ASN A 20 -11.88 -1.99 -12.36
C ASN A 20 -11.19 -1.65 -11.04
N PRO A 21 -11.41 -0.42 -10.56
CA PRO A 21 -10.81 0.06 -9.30
C PRO A 21 -11.41 -0.64 -8.08
N ALA A 22 -12.73 -0.73 -8.04
CA ALA A 22 -13.43 -1.37 -6.93
C ALA A 22 -12.78 -2.71 -6.58
N LEU A 23 -12.64 -3.57 -7.59
CA LEU A 23 -12.05 -4.88 -7.38
C LEU A 23 -10.75 -4.78 -6.59
N VAL A 24 -9.89 -3.85 -7.01
CA VAL A 24 -8.61 -3.65 -6.34
C VAL A 24 -8.80 -3.44 -4.84
N SER A 25 -8.19 -4.31 -4.05
CA SER A 25 -8.29 -4.22 -2.59
C SER A 25 -6.91 -4.07 -1.95
N ALA A 26 -6.89 -3.55 -0.73
CA ALA A 26 -5.64 -3.35 -0.01
C ALA A 26 -5.75 -3.85 1.43
N TYR A 27 -4.79 -4.67 1.84
CA TYR A 27 -4.79 -5.22 3.19
C TYR A 27 -3.37 -5.56 3.64
N GLY A 28 -3.18 -5.73 4.94
CA GLY A 28 -1.87 -6.06 5.47
C GLY A 28 -1.72 -5.64 6.93
N THR A 29 -0.48 -5.47 7.36
CA THR A 29 -0.19 -5.08 8.74
C THR A 29 0.18 -3.60 8.81
N GLY A 30 0.89 -3.12 7.80
CA GLY A 30 1.30 -1.73 7.78
C GLY A 30 0.12 -0.78 7.78
N LEU A 31 -1.07 -1.32 7.60
CA LEU A 31 -2.29 -0.52 7.58
C LEU A 31 -2.96 -0.50 8.95
N GLU A 32 -2.66 -1.52 9.76
CA GLU A 32 -3.23 -1.63 11.10
C GLU A 32 -2.95 -0.37 11.91
N GLY A 33 -1.78 0.22 11.68
CA GLY A 33 -1.40 1.43 12.41
C GLY A 33 0.03 1.85 12.11
N GLY A 34 0.51 2.83 12.88
CA GLY A 34 1.86 3.31 12.68
C GLY A 34 2.79 2.92 13.82
N THR A 35 3.69 1.99 13.55
CA THR A 35 4.64 1.52 14.56
C THR A 35 6.00 2.17 14.37
N THR A 36 6.35 3.09 15.26
CA THR A 36 7.62 3.78 15.19
C THR A 36 8.75 2.91 15.73
N GLY A 37 9.70 2.57 14.87
CA GLY A 37 10.82 1.75 15.28
C GLY A 37 10.81 0.39 14.62
N ILE A 38 9.62 -0.10 14.26
CA ILE A 38 9.48 -1.40 13.63
C ILE A 38 9.22 -1.24 12.13
N GLN A 39 9.33 -2.35 11.40
CA GLN A 39 9.11 -2.34 9.96
C GLN A 39 7.86 -3.13 9.59
N SER A 40 6.92 -2.48 8.93
CA SER A 40 5.68 -3.12 8.52
C SER A 40 5.52 -3.09 7.01
N GLU A 41 4.78 -4.05 6.47
CA GLU A 41 4.55 -4.13 5.04
C GLU A 41 3.14 -4.64 4.74
N PHE A 42 2.56 -4.15 3.65
CA PHE A 42 1.20 -4.55 3.26
C PHE A 42 1.16 -4.91 1.78
N PHE A 43 0.24 -5.81 1.42
CA PHE A 43 0.10 -6.24 0.03
C PHE A 43 -1.18 -5.67 -0.58
N ILE A 44 -1.16 -5.49 -1.90
CA ILE A 44 -2.31 -4.95 -2.61
C ILE A 44 -2.92 -6.00 -3.53
N ASN A 45 -4.19 -6.33 -3.28
CA ASN A 45 -4.89 -7.32 -4.08
C ASN A 45 -5.21 -6.76 -5.46
N THR A 46 -4.17 -6.53 -6.27
CA THR A 46 -4.35 -6.00 -7.61
C THR A 46 -4.05 -7.06 -8.66
N THR A 47 -4.71 -8.20 -8.55
CA THR A 47 -4.50 -9.30 -9.50
C THR A 47 -5.83 -9.72 -10.14
N ARG A 48 -6.90 -9.64 -9.36
CA ARG A 48 -8.22 -10.01 -9.85
C ARG A 48 -8.83 -8.91 -10.70
N ALA A 49 -8.25 -7.72 -10.61
CA ALA A 49 -8.73 -6.57 -11.36
C ALA A 49 -8.02 -6.47 -12.71
N GLY A 50 -6.70 -6.51 -12.68
CA GLY A 50 -5.93 -6.42 -13.91
C GLY A 50 -4.54 -5.85 -13.69
N PRO A 51 -3.57 -6.28 -14.51
CA PRO A 51 -2.18 -5.83 -14.41
C PRO A 51 -2.02 -4.37 -14.82
N GLY A 52 -0.85 -3.81 -14.52
CA GLY A 52 -0.59 -2.43 -14.86
C GLY A 52 0.22 -1.71 -13.79
N THR A 53 0.64 -0.48 -14.10
CA THR A 53 1.42 0.32 -13.16
C THR A 53 0.52 1.04 -12.16
N LEU A 54 1.07 1.35 -11.00
CA LEU A 54 0.32 2.05 -9.96
C LEU A 54 1.12 3.21 -9.40
N SER A 55 0.43 4.13 -8.72
CA SER A 55 1.08 5.30 -8.13
C SER A 55 0.85 5.33 -6.62
N VAL A 56 1.89 4.95 -5.87
CA VAL A 56 1.81 4.94 -4.41
C VAL A 56 2.74 5.98 -3.81
N THR A 57 2.17 6.90 -3.04
CA THR A 57 2.95 7.96 -2.40
C THR A 57 2.47 8.19 -0.97
N ILE A 58 3.36 7.95 -0.01
CA ILE A 58 3.04 8.15 1.40
C ILE A 58 3.48 9.52 1.88
N GLU A 59 2.69 10.12 2.76
CA GLU A 59 3.00 11.43 3.30
C GLU A 59 3.00 11.41 4.83
N GLY A 60 3.82 12.26 5.43
CA GLY A 60 3.90 12.32 6.88
C GLY A 60 4.94 13.31 7.37
N PRO A 61 4.99 13.53 8.69
CA PRO A 61 5.94 14.46 9.30
C PRO A 61 7.37 13.94 9.24
N SER A 62 7.53 12.63 9.30
CA SER A 62 8.85 12.00 9.25
C SER A 62 9.12 11.41 7.88
N LYS A 63 10.18 11.88 7.23
CA LYS A 63 10.56 11.40 5.92
C LYS A 63 11.00 9.94 5.97
N VAL A 64 10.23 9.07 5.32
CA VAL A 64 10.56 7.64 5.30
C VAL A 64 10.85 7.17 3.89
N LYS A 65 11.85 6.30 3.76
CA LYS A 65 12.24 5.78 2.45
C LYS A 65 11.33 4.62 2.05
N MET A 66 10.32 4.93 1.24
CA MET A 66 9.39 3.91 0.78
C MET A 66 10.04 2.98 -0.23
N ASP A 67 10.10 1.70 0.10
CA ASP A 67 10.70 0.70 -0.78
C ASP A 67 9.73 -0.42 -1.10
N CYS A 68 9.34 -0.51 -2.36
CA CYS A 68 8.39 -1.54 -2.80
C CYS A 68 8.99 -2.38 -3.92
N GLN A 69 8.74 -3.69 -3.88
CA GLN A 69 9.24 -4.60 -4.89
C GLN A 69 8.10 -5.23 -5.68
N GLU A 70 8.45 -6.11 -6.62
CA GLU A 70 7.45 -6.79 -7.44
C GLU A 70 6.95 -8.05 -6.75
N THR A 71 5.64 -8.28 -6.83
CA THR A 71 5.03 -9.46 -6.21
C THR A 71 3.95 -10.05 -7.11
N PRO A 72 3.74 -11.37 -6.99
CA PRO A 72 2.73 -12.08 -7.78
C PRO A 72 1.31 -11.72 -7.37
N GLU A 73 1.19 -10.79 -6.43
CA GLU A 73 -0.12 -10.35 -5.96
C GLU A 73 -0.39 -8.90 -6.35
N GLY A 74 0.68 -8.14 -6.51
CA GLY A 74 0.55 -6.75 -6.90
C GLY A 74 1.81 -5.95 -6.65
N TYR A 75 1.87 -5.27 -5.50
CA TYR A 75 3.02 -4.46 -5.14
C TYR A 75 3.08 -4.23 -3.64
N LYS A 76 4.07 -4.83 -2.98
CA LYS A 76 4.24 -4.68 -1.54
C LYS A 76 5.03 -3.43 -1.21
N VAL A 77 4.50 -2.63 -0.30
CA VAL A 77 5.16 -1.39 0.12
C VAL A 77 5.67 -1.50 1.55
N MET A 78 6.92 -1.08 1.76
CA MET A 78 7.52 -1.13 3.09
C MET A 78 7.91 0.27 3.55
N TYR A 79 7.57 0.58 4.80
CA TYR A 79 7.88 1.89 5.36
C TYR A 79 8.04 1.81 6.87
N THR A 80 9.04 2.53 7.40
CA THR A 80 9.31 2.53 8.83
C THR A 80 9.45 3.96 9.35
N PRO A 81 8.37 4.48 9.96
CA PRO A 81 8.35 5.83 10.52
C PRO A 81 9.23 5.95 11.76
N MET A 82 10.01 7.03 11.81
CA MET A 82 10.90 7.27 12.95
C MET A 82 10.20 8.14 14.00
N ALA A 83 9.24 8.93 13.56
CA ALA A 83 8.50 9.80 14.47
C ALA A 83 6.99 9.61 14.31
N PRO A 84 6.27 9.71 15.44
CA PRO A 84 4.80 9.55 15.45
C PRO A 84 4.09 10.71 14.78
N GLY A 85 2.78 10.58 14.63
CA GLY A 85 1.99 11.63 14.00
C GLY A 85 0.92 11.07 13.08
N ASN A 86 0.59 11.83 12.03
CA ASN A 86 -0.43 11.41 11.08
C ASN A 86 0.18 11.14 9.71
N TYR A 87 0.01 9.93 9.21
CA TYR A 87 0.54 9.55 7.90
C TYR A 87 -0.58 9.33 6.90
N LEU A 88 -0.26 9.45 5.62
CA LEU A 88 -1.24 9.27 4.56
C LEU A 88 -0.70 8.33 3.48
N ILE A 89 -1.53 7.37 3.07
CA ILE A 89 -1.15 6.41 2.06
C ILE A 89 -2.07 6.48 0.85
N SER A 90 -1.51 6.84 -0.30
CA SER A 90 -2.28 6.96 -1.53
C SER A 90 -2.12 5.70 -2.39
N VAL A 91 -3.24 5.15 -2.84
CA VAL A 91 -3.23 3.96 -3.68
C VAL A 91 -4.13 4.12 -4.89
N LYS A 92 -3.55 4.57 -6.00
CA LYS A 92 -4.31 4.77 -7.23
C LYS A 92 -4.08 3.62 -8.20
N TYR A 93 -5.13 3.22 -8.90
CA TYR A 93 -5.05 2.12 -9.86
C TYR A 93 -5.99 2.36 -11.03
N GLY A 94 -5.60 1.87 -12.21
CA GLY A 94 -6.41 2.04 -13.40
C GLY A 94 -6.82 3.48 -13.62
N GLY A 95 -5.84 4.38 -13.58
CA GLY A 95 -6.13 5.79 -13.78
C GLY A 95 -6.21 6.57 -12.48
N PRO A 96 -6.82 7.76 -12.52
CA PRO A 96 -6.97 8.61 -11.35
C PRO A 96 -7.95 8.03 -10.33
N ASN A 97 -9.05 7.46 -10.83
CA ASN A 97 -10.06 6.88 -9.96
C ASN A 97 -9.42 6.08 -8.83
N HIS A 98 -9.61 6.56 -7.61
CA HIS A 98 -9.05 5.89 -6.43
C HIS A 98 -9.81 4.60 -6.13
N ILE A 99 -9.29 3.83 -5.18
CA ILE A 99 -9.92 2.56 -4.80
C ILE A 99 -10.71 2.72 -3.50
N VAL A 100 -11.45 1.68 -3.14
CA VAL A 100 -12.25 1.69 -1.92
C VAL A 100 -11.39 2.01 -0.70
N GLY A 101 -11.94 2.77 0.23
CA GLY A 101 -11.22 3.13 1.43
C GLY A 101 -10.21 4.24 1.19
N SER A 102 -9.41 4.10 0.14
CA SER A 102 -8.40 5.09 -0.20
C SER A 102 -9.04 6.47 -0.38
N PRO A 103 -8.34 7.51 0.09
CA PRO A 103 -7.03 7.36 0.73
C PRO A 103 -7.13 6.69 2.10
N PHE A 104 -6.02 6.14 2.57
CA PHE A 104 -5.98 5.47 3.86
C PHE A 104 -5.25 6.32 4.89
N LYS A 105 -5.97 6.73 5.93
CA LYS A 105 -5.39 7.55 6.98
C LYS A 105 -5.00 6.70 8.18
N ALA A 106 -3.70 6.66 8.48
CA ALA A 106 -3.20 5.88 9.60
C ALA A 106 -2.71 6.78 10.72
N LYS A 107 -2.64 6.24 11.93
CA LYS A 107 -2.20 7.00 13.09
C LYS A 107 -1.00 6.33 13.75
N VAL A 108 0.11 7.07 13.84
CA VAL A 108 1.33 6.55 14.45
C VAL A 108 1.39 6.90 15.93
N THR A 109 1.83 5.94 16.74
CA THR A 109 1.93 6.14 18.18
C THR A 109 3.21 5.51 18.72
N GLY A 110 3.60 5.92 19.93
CA GLY A 110 4.80 5.39 20.54
C GLY A 110 5.79 6.48 20.92
N GLN A 111 6.83 6.10 21.64
CA GLN A 111 7.86 7.05 22.06
C GLN A 111 8.77 7.43 20.89
N ARG A 112 8.82 8.73 20.59
CA ARG A 112 9.65 9.22 19.49
C ARG A 112 11.02 8.55 19.51
N LEU A 113 11.56 8.32 18.32
CA LEU A 113 12.88 7.68 18.20
C LEU A 113 13.97 8.72 17.95
N VAL A 114 14.80 8.96 18.96
CA VAL A 114 15.88 9.94 18.84
C VAL A 114 17.23 9.29 19.16
N SER A 115 18.28 9.79 18.50
CA SER A 115 19.63 9.26 18.71
C SER A 115 20.57 10.36 19.16
N PRO A 116 20.66 10.55 20.49
CA PRO A 116 21.52 11.57 21.09
C PRO A 116 23.00 11.23 20.94
N GLY A 117 23.31 9.94 20.95
CA GLY A 117 24.69 9.51 20.82
C GLY A 117 25.01 8.35 21.75
N SER A 118 26.16 7.71 21.52
CA SER A 118 26.60 6.58 22.34
C SER A 118 28.10 6.61 22.55
N ALA A 119 28.51 6.56 23.81
CA ALA A 119 29.93 6.58 24.16
C ALA A 119 30.37 5.25 24.76
N ASN A 120 31.04 4.43 23.96
CA ASN A 120 31.50 3.13 24.41
C ASN A 120 32.96 2.91 24.00
N GLU A 121 33.88 3.35 24.85
CA GLU A 121 35.31 3.19 24.58
C GLU A 121 35.82 1.87 25.14
N THR A 122 36.86 1.33 24.49
CA THR A 122 37.45 0.06 24.91
C THR A 122 38.97 0.12 24.85
N SER A 123 39.62 -0.71 25.65
CA SER A 123 41.08 -0.76 25.68
C SER A 123 41.60 -2.11 25.18
N SER A 124 41.00 -3.18 25.69
CA SER A 124 41.40 -4.53 25.30
C SER A 124 41.43 -4.67 23.78
N ILE A 125 42.62 -4.86 23.23
CA ILE A 125 42.79 -5.02 21.79
C ILE A 125 41.70 -5.92 21.21
N GLY A 1 -9.36 -30.18 -49.73
CA GLY A 1 -10.17 -29.30 -48.91
C GLY A 1 -10.21 -29.73 -47.46
N SER A 2 -11.29 -29.36 -46.77
CA SER A 2 -11.44 -29.70 -45.36
C SER A 2 -12.89 -29.51 -44.91
N SER A 3 -13.29 -30.23 -43.88
CA SER A 3 -14.65 -30.13 -43.35
C SER A 3 -14.63 -29.67 -41.90
N GLY A 4 -15.82 -29.50 -41.33
CA GLY A 4 -15.92 -29.06 -39.95
C GLY A 4 -17.34 -29.16 -39.41
N SER A 5 -17.48 -29.02 -38.09
CA SER A 5 -18.80 -29.10 -37.46
C SER A 5 -18.78 -28.42 -36.09
N SER A 6 -19.96 -28.19 -35.54
CA SER A 6 -20.09 -27.53 -34.24
C SER A 6 -20.53 -28.53 -33.17
N GLY A 7 -19.70 -28.70 -32.15
CA GLY A 7 -20.03 -29.62 -31.08
C GLY A 7 -20.08 -28.94 -29.73
N PHE A 8 -18.92 -28.78 -29.09
CA PHE A 8 -18.84 -28.15 -27.78
C PHE A 8 -17.74 -27.09 -27.77
N LYS A 9 -17.65 -26.31 -28.85
CA LYS A 9 -16.65 -25.25 -28.94
C LYS A 9 -17.26 -23.88 -28.66
N VAL A 10 -16.48 -23.01 -28.03
CA VAL A 10 -16.94 -21.67 -27.70
C VAL A 10 -16.20 -20.62 -28.52
N ARG A 11 -16.96 -19.66 -29.06
CA ARG A 11 -16.38 -18.59 -29.87
C ARG A 11 -15.66 -17.58 -28.99
N VAL A 12 -14.41 -17.29 -29.34
CA VAL A 12 -13.60 -16.34 -28.59
C VAL A 12 -12.83 -15.41 -29.51
N GLY A 13 -12.78 -14.12 -29.16
CA GLY A 13 -12.07 -13.17 -29.97
C GLY A 13 -11.28 -12.17 -29.14
N GLU A 14 -11.13 -10.96 -29.65
CA GLU A 14 -10.40 -9.91 -28.94
C GLU A 14 -10.94 -9.71 -27.54
N PRO A 15 -10.07 -9.29 -26.61
CA PRO A 15 -10.43 -9.05 -25.21
C PRO A 15 -11.34 -7.84 -25.06
N GLY A 16 -12.25 -7.91 -24.08
CA GLY A 16 -13.17 -6.81 -23.84
C GLY A 16 -12.55 -5.71 -22.99
N GLN A 17 -13.24 -5.33 -21.93
CA GLN A 17 -12.75 -4.28 -21.04
C GLN A 17 -12.36 -4.86 -19.68
N ALA A 18 -11.36 -4.25 -19.06
CA ALA A 18 -10.87 -4.71 -17.76
C ALA A 18 -10.18 -3.58 -17.00
N GLY A 19 -9.88 -3.82 -15.73
CA GLY A 19 -9.22 -2.82 -14.92
C GLY A 19 -10.21 -1.98 -14.11
N ASN A 20 -10.63 -2.52 -12.97
CA ASN A 20 -11.59 -1.83 -12.11
C ASN A 20 -10.96 -1.52 -10.75
N PRO A 21 -11.06 -0.24 -10.34
CA PRO A 21 -10.51 0.22 -9.06
C PRO A 21 -11.27 -0.34 -7.87
N ALA A 22 -12.59 -0.18 -7.89
CA ALA A 22 -13.45 -0.66 -6.81
C ALA A 22 -12.95 -2.01 -6.30
N LEU A 23 -12.71 -2.94 -7.22
CA LEU A 23 -12.24 -4.27 -6.85
C LEU A 23 -10.93 -4.19 -6.07
N VAL A 24 -9.96 -3.48 -6.61
CA VAL A 24 -8.67 -3.32 -5.96
C VAL A 24 -8.84 -3.05 -4.47
N SER A 25 -8.01 -3.71 -3.66
CA SER A 25 -8.08 -3.54 -2.21
C SER A 25 -6.67 -3.48 -1.62
N ALA A 26 -6.60 -3.13 -0.33
CA ALA A 26 -5.31 -3.05 0.35
C ALA A 26 -5.43 -3.50 1.81
N TYR A 27 -4.44 -4.23 2.28
CA TYR A 27 -4.43 -4.73 3.66
C TYR A 27 -3.02 -5.05 4.11
N GLY A 28 -2.83 -5.08 5.43
CA GLY A 28 -1.52 -5.39 5.98
C GLY A 28 -1.38 -4.95 7.43
N THR A 29 -0.14 -4.73 7.85
CA THR A 29 0.12 -4.30 9.23
C THR A 29 0.49 -2.82 9.28
N GLY A 30 0.95 -2.29 8.15
CA GLY A 30 1.33 -0.89 8.10
C GLY A 30 0.15 0.02 7.82
N LEU A 31 -0.84 -0.50 7.10
CA LEU A 31 -2.04 0.28 6.76
C LEU A 31 -2.97 0.38 7.96
N GLU A 32 -2.98 -0.66 8.79
CA GLU A 32 -3.83 -0.68 9.97
C GLU A 32 -3.38 0.36 10.99
N GLY A 33 -2.08 0.38 11.26
CA GLY A 33 -1.54 1.34 12.21
C GLY A 33 -0.09 1.69 11.93
N GLY A 34 0.43 2.67 12.66
CA GLY A 34 1.80 3.09 12.46
C GLY A 34 2.73 2.61 13.57
N THR A 35 3.55 1.62 13.25
CA THR A 35 4.48 1.06 14.23
C THR A 35 5.85 1.73 14.13
N THR A 36 6.18 2.57 15.11
CA THR A 36 7.46 3.27 15.12
C THR A 36 8.58 2.36 15.59
N GLY A 37 9.60 2.21 14.76
CA GLY A 37 10.73 1.36 15.10
C GLY A 37 10.67 0.02 14.40
N ILE A 38 9.49 -0.37 13.95
CA ILE A 38 9.30 -1.64 13.26
C ILE A 38 9.01 -1.42 11.78
N GLN A 39 9.41 -2.38 10.95
CA GLN A 39 9.18 -2.30 9.51
C GLN A 39 7.87 -2.98 9.13
N SER A 40 6.86 -2.16 8.81
CA SER A 40 5.56 -2.68 8.44
C SER A 40 5.51 -2.97 6.94
N GLU A 41 4.53 -3.79 6.53
CA GLU A 41 4.37 -4.14 5.14
C GLU A 41 2.92 -4.54 4.84
N PHE A 42 2.43 -4.11 3.68
CA PHE A 42 1.06 -4.41 3.28
C PHE A 42 1.02 -4.89 1.83
N PHE A 43 0.16 -5.88 1.57
CA PHE A 43 0.02 -6.43 0.23
C PHE A 43 -1.17 -5.81 -0.50
N ILE A 44 -1.17 -5.90 -1.82
CA ILE A 44 -2.26 -5.36 -2.63
C ILE A 44 -2.96 -6.45 -3.41
N ASN A 45 -4.25 -6.62 -3.14
CA ASN A 45 -5.05 -7.64 -3.83
C ASN A 45 -5.43 -7.18 -5.23
N THR A 46 -4.42 -6.85 -6.04
CA THR A 46 -4.65 -6.40 -7.40
C THR A 46 -4.56 -7.55 -8.39
N THR A 47 -5.14 -8.69 -8.02
CA THR A 47 -5.11 -9.88 -8.87
C THR A 47 -6.39 -9.97 -9.71
N ARG A 48 -7.53 -9.68 -9.07
CA ARG A 48 -8.81 -9.73 -9.76
C ARG A 48 -8.96 -8.55 -10.72
N ALA A 49 -8.37 -7.42 -10.36
CA ALA A 49 -8.44 -6.23 -11.19
C ALA A 49 -7.61 -6.38 -12.45
N GLY A 50 -6.35 -6.77 -12.28
CA GLY A 50 -5.46 -6.95 -13.42
C GLY A 50 -4.22 -6.10 -13.32
N PRO A 51 -3.31 -6.26 -14.29
CA PRO A 51 -2.05 -5.51 -14.34
C PRO A 51 -2.27 -4.04 -14.67
N GLY A 52 -1.19 -3.26 -14.65
CA GLY A 52 -1.29 -1.85 -14.94
C GLY A 52 -0.45 -1.00 -14.01
N THR A 53 -0.08 0.19 -14.47
CA THR A 53 0.73 1.09 -13.67
C THR A 53 -0.06 1.66 -12.50
N LEU A 54 0.62 1.90 -11.38
CA LEU A 54 -0.02 2.45 -10.20
C LEU A 54 0.80 3.59 -9.60
N SER A 55 0.16 4.40 -8.76
CA SER A 55 0.83 5.52 -8.12
C SER A 55 0.57 5.53 -6.62
N VAL A 56 1.64 5.47 -5.84
CA VAL A 56 1.52 5.48 -4.38
C VAL A 56 2.28 6.65 -3.77
N THR A 57 1.59 7.45 -2.96
CA THR A 57 2.20 8.60 -2.32
C THR A 57 1.96 8.58 -0.80
N ILE A 58 3.05 8.58 -0.05
CA ILE A 58 2.96 8.56 1.41
C ILE A 58 3.36 9.90 2.00
N GLU A 59 2.47 10.48 2.80
CA GLU A 59 2.73 11.76 3.43
C GLU A 59 2.76 11.63 4.95
N GLY A 60 3.39 12.60 5.61
CA GLY A 60 3.48 12.57 7.06
C GLY A 60 4.42 13.63 7.61
N PRO A 61 4.49 13.73 8.95
CA PRO A 61 5.36 14.69 9.62
C PRO A 61 6.83 14.37 9.46
N SER A 62 7.14 13.07 9.33
CA SER A 62 8.52 12.63 9.18
C SER A 62 8.65 11.70 7.97
N LYS A 63 9.19 12.23 6.88
CA LYS A 63 9.38 11.45 5.66
C LYS A 63 9.91 10.05 5.98
N VAL A 64 9.64 9.11 5.09
CA VAL A 64 10.08 7.74 5.28
C VAL A 64 10.68 7.17 4.00
N LYS A 65 11.64 6.27 4.14
CA LYS A 65 12.30 5.65 2.99
C LYS A 65 11.54 4.40 2.55
N MET A 66 10.90 4.49 1.40
CA MET A 66 10.15 3.35 0.86
C MET A 66 11.01 2.51 -0.06
N ASP A 67 10.83 1.19 0.01
CA ASP A 67 11.60 0.26 -0.82
C ASP A 67 10.68 -0.63 -1.64
N CYS A 68 10.36 -0.20 -2.85
CA CYS A 68 9.48 -0.97 -3.72
C CYS A 68 9.89 -2.44 -3.76
N GLN A 69 9.00 -3.29 -4.26
CA GLN A 69 9.27 -4.72 -4.34
C GLN A 69 8.18 -5.43 -5.13
N GLU A 70 8.57 -6.02 -6.26
CA GLU A 70 7.62 -6.73 -7.12
C GLU A 70 7.26 -8.08 -6.52
N THR A 71 5.96 -8.33 -6.36
CA THR A 71 5.49 -9.58 -5.79
C THR A 71 4.79 -10.43 -6.85
N PRO A 72 4.77 -11.76 -6.64
CA PRO A 72 4.13 -12.70 -7.56
C PRO A 72 2.61 -12.59 -7.55
N GLU A 73 2.10 -11.76 -6.64
CA GLU A 73 0.65 -11.57 -6.53
C GLU A 73 0.25 -10.21 -7.10
N GLY A 74 0.91 -9.16 -6.65
CA GLY A 74 0.60 -7.82 -7.12
C GLY A 74 1.71 -6.83 -6.83
N TYR A 75 1.63 -6.19 -5.67
CA TYR A 75 2.63 -5.20 -5.27
C TYR A 75 2.69 -5.08 -3.75
N LYS A 76 3.91 -5.20 -3.21
CA LYS A 76 4.11 -5.10 -1.77
C LYS A 76 4.83 -3.80 -1.41
N VAL A 77 4.35 -3.13 -0.38
CA VAL A 77 4.95 -1.88 0.07
C VAL A 77 5.37 -1.96 1.54
N MET A 78 6.55 -1.44 1.84
CA MET A 78 7.06 -1.44 3.21
C MET A 78 7.61 -0.08 3.60
N TYR A 79 7.31 0.36 4.81
CA TYR A 79 7.78 1.66 5.29
C TYR A 79 8.01 1.63 6.80
N THR A 80 9.04 2.32 7.25
CA THR A 80 9.37 2.37 8.67
C THR A 80 9.49 3.81 9.15
N PRO A 81 8.44 4.30 9.83
CA PRO A 81 8.41 5.67 10.35
C PRO A 81 9.37 5.85 11.53
N MET A 82 10.00 7.02 11.59
CA MET A 82 10.94 7.33 12.66
C MET A 82 10.25 8.11 13.78
N ALA A 83 9.21 8.85 13.43
CA ALA A 83 8.46 9.62 14.41
C ALA A 83 6.96 9.37 14.29
N PRO A 84 6.25 9.46 15.42
CA PRO A 84 4.81 9.25 15.47
C PRO A 84 4.03 10.37 14.79
N GLY A 85 2.75 10.11 14.51
CA GLY A 85 1.92 11.11 13.86
C GLY A 85 0.89 10.49 12.93
N ASN A 86 0.38 11.29 12.00
CA ASN A 86 -0.63 10.80 11.05
C ASN A 86 -0.07 10.76 9.64
N TYR A 87 0.00 9.57 9.08
CA TYR A 87 0.52 9.39 7.71
C TYR A 87 -0.62 9.12 6.73
N LEU A 88 -0.46 9.62 5.51
CA LEU A 88 -1.47 9.43 4.47
C LEU A 88 -0.93 8.57 3.33
N ILE A 89 -1.60 7.47 3.07
CA ILE A 89 -1.18 6.56 2.00
C ILE A 89 -2.25 6.46 0.92
N SER A 90 -1.89 6.81 -0.30
CA SER A 90 -2.82 6.75 -1.43
C SER A 90 -2.49 5.59 -2.36
N VAL A 91 -3.50 5.10 -3.06
CA VAL A 91 -3.32 3.98 -3.98
C VAL A 91 -4.19 4.15 -5.23
N LYS A 92 -3.54 4.25 -6.38
CA LYS A 92 -4.25 4.42 -7.65
C LYS A 92 -3.84 3.33 -8.64
N TYR A 93 -4.83 2.71 -9.26
CA TYR A 93 -4.58 1.66 -10.24
C TYR A 93 -5.27 1.96 -11.57
N GLY A 94 -4.51 1.82 -12.65
CA GLY A 94 -5.07 2.10 -13.97
C GLY A 94 -5.10 3.57 -14.30
N GLY A 95 -5.90 4.32 -13.55
CA GLY A 95 -6.00 5.75 -13.78
C GLY A 95 -5.97 6.55 -12.49
N PRO A 96 -6.47 7.80 -12.55
CA PRO A 96 -6.52 8.68 -11.38
C PRO A 96 -7.52 8.22 -10.34
N ASN A 97 -8.60 7.58 -10.80
CA ASN A 97 -9.64 7.09 -9.90
C ASN A 97 -9.04 6.24 -8.79
N HIS A 98 -8.96 6.80 -7.59
CA HIS A 98 -8.41 6.09 -6.44
C HIS A 98 -9.22 4.83 -6.14
N ILE A 99 -8.61 3.92 -5.39
CA ILE A 99 -9.27 2.66 -5.04
C ILE A 99 -10.06 2.81 -3.74
N VAL A 100 -10.77 1.74 -3.36
CA VAL A 100 -11.57 1.76 -2.14
C VAL A 100 -10.68 1.81 -0.90
N GLY A 101 -11.19 2.43 0.16
CA GLY A 101 -10.42 2.55 1.39
C GLY A 101 -9.55 3.78 1.41
N SER A 102 -8.82 4.02 0.33
CA SER A 102 -7.94 5.17 0.24
C SER A 102 -8.74 6.46 0.08
N PRO A 103 -8.15 7.58 0.53
CA PRO A 103 -6.82 7.58 1.14
C PRO A 103 -6.81 6.91 2.51
N PHE A 104 -5.72 6.20 2.81
CA PHE A 104 -5.59 5.51 4.09
C PHE A 104 -5.03 6.44 5.16
N LYS A 105 -5.74 6.55 6.27
CA LYS A 105 -5.31 7.41 7.37
C LYS A 105 -4.82 6.57 8.55
N ALA A 106 -3.54 6.21 8.53
CA ALA A 106 -2.94 5.42 9.60
C ALA A 106 -2.48 6.31 10.74
N LYS A 107 -2.50 5.76 11.96
CA LYS A 107 -2.08 6.51 13.13
C LYS A 107 -0.82 5.89 13.74
N VAL A 108 0.28 6.64 13.70
CA VAL A 108 1.55 6.17 14.25
C VAL A 108 1.70 6.57 15.71
N THR A 109 1.85 5.57 16.59
CA THR A 109 2.00 5.83 18.01
C THR A 109 3.29 5.20 18.55
N GLY A 110 3.86 5.83 19.56
CA GLY A 110 5.08 5.32 20.16
C GLY A 110 6.08 6.43 20.47
N GLN A 111 6.61 6.41 21.69
CA GLN A 111 7.57 7.43 22.11
C GLN A 111 8.57 7.72 21.00
N ARG A 112 8.59 8.97 20.55
CA ARG A 112 9.51 9.38 19.49
C ARG A 112 10.88 8.75 19.68
N LEU A 113 11.41 8.16 18.61
CA LEU A 113 12.72 7.52 18.67
C LEU A 113 13.84 8.56 18.62
N VAL A 114 14.95 8.26 19.28
CA VAL A 114 16.09 9.16 19.32
C VAL A 114 17.22 8.66 18.43
N SER A 115 17.03 7.46 17.88
CA SER A 115 18.04 6.85 17.01
C SER A 115 17.40 6.23 15.78
N PRO A 116 18.05 6.37 14.63
CA PRO A 116 17.56 5.83 13.36
C PRO A 116 17.64 4.30 13.32
N GLY A 117 18.76 3.76 13.78
CA GLY A 117 18.94 2.32 13.79
C GLY A 117 20.29 1.91 14.34
N SER A 118 21.01 1.08 13.58
CA SER A 118 22.32 0.61 14.00
C SER A 118 23.03 -0.12 12.86
N ALA A 119 24.35 -0.12 12.89
CA ALA A 119 25.15 -0.77 11.87
C ALA A 119 26.56 -1.07 12.37
N ASN A 120 26.84 -2.35 12.59
CA ASN A 120 28.15 -2.77 13.07
C ASN A 120 28.95 -3.45 11.96
N GLU A 121 30.25 -3.17 11.92
CA GLU A 121 31.12 -3.76 10.91
C GLU A 121 32.56 -3.84 11.41
N THR A 122 33.18 -5.01 11.24
CA THR A 122 34.55 -5.22 11.67
C THR A 122 35.49 -5.41 10.48
N SER A 123 36.78 -5.23 10.72
CA SER A 123 37.78 -5.39 9.66
C SER A 123 38.08 -6.86 9.40
N SER A 124 38.26 -7.19 8.13
CA SER A 124 38.55 -8.57 7.74
C SER A 124 39.65 -8.61 6.69
N ILE A 125 40.07 -9.82 6.32
CA ILE A 125 41.12 -10.01 5.33
C ILE A 125 40.66 -9.51 3.96
N GLY A 1 -17.87 -42.21 -30.69
CA GLY A 1 -18.80 -41.41 -29.90
C GLY A 1 -20.23 -41.61 -30.35
N SER A 2 -20.86 -40.53 -30.80
CA SER A 2 -22.25 -40.59 -31.25
C SER A 2 -23.17 -41.03 -30.10
N SER A 3 -22.94 -40.49 -28.92
CA SER A 3 -23.74 -40.82 -27.75
C SER A 3 -24.18 -39.57 -27.01
N GLY A 4 -25.24 -39.70 -26.21
CA GLY A 4 -25.73 -38.56 -25.46
C GLY A 4 -24.63 -37.70 -24.90
N SER A 5 -24.74 -36.39 -25.08
CA SER A 5 -23.73 -35.46 -24.60
C SER A 5 -24.38 -34.17 -24.11
N SER A 6 -24.16 -33.84 -22.83
CA SER A 6 -24.73 -32.64 -22.25
C SER A 6 -23.68 -31.53 -22.17
N GLY A 7 -22.62 -31.77 -21.41
CA GLY A 7 -21.57 -30.78 -21.27
C GLY A 7 -21.18 -30.16 -22.60
N PHE A 8 -20.48 -29.02 -22.53
CA PHE A 8 -20.05 -28.33 -23.74
C PHE A 8 -18.94 -27.34 -23.43
N LYS A 9 -18.11 -27.06 -24.43
CA LYS A 9 -16.99 -26.13 -24.26
C LYS A 9 -17.16 -24.91 -25.17
N VAL A 10 -17.97 -23.95 -24.73
CA VAL A 10 -18.20 -22.74 -25.50
C VAL A 10 -17.61 -21.51 -24.80
N ARG A 11 -16.95 -20.66 -25.58
CA ARG A 11 -16.33 -19.46 -25.04
C ARG A 11 -17.22 -18.24 -25.28
N VAL A 12 -17.38 -17.42 -24.24
CA VAL A 12 -18.21 -16.22 -24.34
C VAL A 12 -17.77 -15.17 -23.32
N GLY A 13 -17.72 -13.92 -23.76
CA GLY A 13 -17.32 -12.84 -22.88
C GLY A 13 -17.04 -11.56 -23.62
N GLU A 14 -16.09 -10.76 -23.12
CA GLU A 14 -15.74 -9.50 -23.75
C GLU A 14 -14.38 -9.59 -24.43
N PRO A 15 -14.19 -8.78 -25.49
CA PRO A 15 -12.94 -8.75 -26.25
C PRO A 15 -11.78 -8.15 -25.45
N GLY A 16 -12.05 -7.00 -24.83
CA GLY A 16 -11.02 -6.35 -24.04
C GLY A 16 -11.37 -6.28 -22.56
N GLN A 17 -10.44 -6.69 -21.72
CA GLN A 17 -10.66 -6.67 -20.27
C GLN A 17 -10.32 -5.30 -19.69
N ALA A 18 -11.31 -4.67 -19.08
CA ALA A 18 -11.12 -3.35 -18.48
C ALA A 18 -10.97 -3.47 -16.96
N GLY A 19 -9.72 -3.45 -16.50
CA GLY A 19 -9.46 -3.54 -15.07
C GLY A 19 -10.37 -2.65 -14.26
N ASN A 20 -10.47 -2.94 -12.96
CA ASN A 20 -11.32 -2.16 -12.07
C ASN A 20 -10.57 -1.80 -10.79
N PRO A 21 -10.65 -0.52 -10.39
CA PRO A 21 -9.98 -0.02 -9.18
C PRO A 21 -10.62 -0.55 -7.91
N ALA A 22 -11.94 -0.42 -7.82
CA ALA A 22 -12.68 -0.89 -6.65
C ALA A 22 -12.36 -2.35 -6.35
N LEU A 23 -12.45 -3.19 -7.37
CA LEU A 23 -12.16 -4.62 -7.21
C LEU A 23 -10.89 -4.83 -6.39
N VAL A 24 -9.89 -3.99 -6.63
CA VAL A 24 -8.63 -4.08 -5.92
C VAL A 24 -8.84 -4.05 -4.41
N SER A 25 -8.02 -4.79 -3.68
CA SER A 25 -8.13 -4.87 -2.23
C SER A 25 -6.79 -4.52 -1.57
N ALA A 26 -6.84 -4.08 -0.33
CA ALA A 26 -5.63 -3.72 0.42
C ALA A 26 -5.73 -4.19 1.87
N TYR A 27 -4.72 -4.94 2.30
CA TYR A 27 -4.70 -5.45 3.67
C TYR A 27 -3.27 -5.76 4.11
N GLY A 28 -3.03 -5.72 5.41
CA GLY A 28 -1.71 -5.99 5.93
C GLY A 28 -1.56 -5.61 7.39
N THR A 29 -0.34 -5.26 7.79
CA THR A 29 -0.06 -4.87 9.17
C THR A 29 0.35 -3.41 9.25
N GLY A 30 0.75 -2.85 8.12
CA GLY A 30 1.17 -1.46 8.08
C GLY A 30 0.00 -0.51 8.04
N LEU A 31 -1.06 -0.90 7.34
CA LEU A 31 -2.25 -0.07 7.21
C LEU A 31 -3.00 -0.01 8.54
N GLU A 32 -2.84 -1.04 9.36
CA GLU A 32 -3.50 -1.11 10.65
C GLU A 32 -3.17 0.13 11.50
N GLY A 33 -1.91 0.54 11.46
CA GLY A 33 -1.48 1.69 12.22
C GLY A 33 -0.03 2.04 11.99
N GLY A 34 0.49 2.99 12.77
CA GLY A 34 1.87 3.39 12.63
C GLY A 34 2.75 2.90 13.77
N THR A 35 3.61 1.94 13.47
CA THR A 35 4.50 1.38 14.48
C THR A 35 5.91 1.98 14.36
N THR A 36 6.26 2.85 15.31
CA THR A 36 7.56 3.49 15.31
C THR A 36 8.64 2.54 15.85
N GLY A 37 9.44 1.99 14.95
CA GLY A 37 10.49 1.08 15.35
C GLY A 37 10.39 -0.26 14.66
N ILE A 38 9.19 -0.62 14.23
CA ILE A 38 8.96 -1.90 13.55
C ILE A 38 8.71 -1.68 12.07
N GLN A 39 8.86 -2.75 11.29
CA GLN A 39 8.65 -2.67 9.84
C GLN A 39 7.39 -3.43 9.45
N SER A 40 6.49 -2.74 8.74
CA SER A 40 5.23 -3.34 8.31
C SER A 40 5.22 -3.51 6.79
N GLU A 41 4.30 -4.35 6.30
CA GLU A 41 4.18 -4.61 4.87
C GLU A 41 2.72 -4.78 4.48
N PHE A 42 2.31 -4.05 3.44
CA PHE A 42 0.93 -4.12 2.96
C PHE A 42 0.89 -4.49 1.49
N PHE A 43 0.22 -5.59 1.16
CA PHE A 43 0.11 -6.04 -0.21
C PHE A 43 -1.20 -5.58 -0.84
N ILE A 44 -1.21 -5.49 -2.17
CA ILE A 44 -2.41 -5.05 -2.88
C ILE A 44 -2.93 -6.16 -3.80
N ASN A 45 -4.04 -6.78 -3.40
CA ASN A 45 -4.64 -7.85 -4.18
C ASN A 45 -5.10 -7.33 -5.54
N THR A 46 -4.18 -7.28 -6.49
CA THR A 46 -4.50 -6.80 -7.84
C THR A 46 -4.54 -7.96 -8.83
N THR A 47 -5.01 -9.12 -8.37
CA THR A 47 -5.11 -10.30 -9.22
C THR A 47 -6.41 -10.30 -10.01
N ARG A 48 -7.52 -10.07 -9.31
CA ARG A 48 -8.83 -10.05 -9.95
C ARG A 48 -9.07 -8.73 -10.66
N ALA A 49 -8.28 -7.72 -10.30
CA ALA A 49 -8.40 -6.39 -10.91
C ALA A 49 -7.60 -6.31 -12.20
N GLY A 50 -6.40 -6.88 -12.19
CA GLY A 50 -5.55 -6.86 -13.37
C GLY A 50 -4.37 -5.92 -13.22
N PRO A 51 -3.29 -6.19 -13.95
CA PRO A 51 -2.07 -5.38 -13.90
C PRO A 51 -2.27 -4.01 -14.54
N GLY A 52 -1.40 -3.06 -14.18
CA GLY A 52 -1.50 -1.72 -14.71
C GLY A 52 -0.60 -0.74 -13.98
N THR A 53 -0.79 0.55 -14.24
CA THR A 53 0.02 1.59 -13.61
C THR A 53 -0.31 1.71 -12.12
N LEU A 54 0.71 1.91 -11.31
CA LEU A 54 0.54 2.05 -9.87
C LEU A 54 1.24 3.29 -9.35
N SER A 55 0.49 4.15 -8.66
CA SER A 55 1.04 5.39 -8.11
C SER A 55 0.90 5.41 -6.59
N VAL A 56 2.02 5.37 -5.89
CA VAL A 56 2.03 5.40 -4.43
C VAL A 56 2.74 6.64 -3.90
N THR A 57 2.03 7.42 -3.10
CA THR A 57 2.59 8.64 -2.51
C THR A 57 2.21 8.78 -1.05
N ILE A 58 3.20 8.72 -0.17
CA ILE A 58 2.96 8.85 1.26
C ILE A 58 3.29 10.25 1.75
N GLU A 59 2.51 10.75 2.69
CA GLU A 59 2.72 12.08 3.25
C GLU A 59 2.84 12.02 4.77
N GLY A 60 3.65 12.92 5.32
CA GLY A 60 3.83 12.96 6.76
C GLY A 60 4.91 13.95 7.19
N PRO A 61 5.11 14.08 8.50
CA PRO A 61 6.11 14.99 9.06
C PRO A 61 7.54 14.52 8.80
N SER A 62 7.73 13.21 8.82
CA SER A 62 9.05 12.64 8.59
C SER A 62 9.04 11.74 7.35
N LYS A 63 10.15 11.76 6.61
CA LYS A 63 10.27 10.97 5.40
C LYS A 63 10.63 9.52 5.73
N VAL A 64 9.65 8.63 5.65
CA VAL A 64 9.86 7.22 5.94
C VAL A 64 10.70 6.56 4.86
N LYS A 65 11.27 5.40 5.19
CA LYS A 65 12.10 4.67 4.24
C LYS A 65 11.26 3.75 3.36
N MET A 66 10.95 4.22 2.16
CA MET A 66 10.13 3.45 1.22
C MET A 66 11.00 2.47 0.44
N ASP A 67 10.65 1.19 0.50
CA ASP A 67 11.40 0.16 -0.20
C ASP A 67 10.51 -0.55 -1.23
N CYS A 68 10.83 -0.36 -2.51
CA CYS A 68 10.06 -0.96 -3.58
C CYS A 68 10.44 -2.43 -3.75
N GLN A 69 9.49 -3.25 -4.20
CA GLN A 69 9.73 -4.66 -4.41
C GLN A 69 8.56 -5.31 -5.14
N GLU A 70 8.81 -5.74 -6.38
CA GLU A 70 7.77 -6.37 -7.19
C GLU A 70 7.42 -7.75 -6.63
N THR A 71 6.19 -8.18 -6.89
CA THR A 71 5.72 -9.47 -6.40
C THR A 71 4.81 -10.14 -7.43
N PRO A 72 4.75 -11.49 -7.39
CA PRO A 72 3.92 -12.27 -8.31
C PRO A 72 2.43 -12.10 -8.03
N GLU A 73 2.11 -11.63 -6.83
CA GLU A 73 0.72 -11.43 -6.45
C GLU A 73 0.24 -10.03 -6.84
N GLY A 74 1.10 -9.04 -6.65
CA GLY A 74 0.75 -7.67 -6.99
C GLY A 74 1.86 -6.69 -6.65
N TYR A 75 1.57 -5.75 -5.75
CA TYR A 75 2.54 -4.75 -5.36
C TYR A 75 2.70 -4.71 -3.84
N LYS A 76 3.89 -5.07 -3.37
CA LYS A 76 4.17 -5.09 -1.94
C LYS A 76 5.08 -3.93 -1.56
N VAL A 77 4.61 -3.09 -0.63
CA VAL A 77 5.38 -1.94 -0.18
C VAL A 77 5.69 -2.05 1.31
N MET A 78 6.76 -1.40 1.74
CA MET A 78 7.17 -1.42 3.14
C MET A 78 7.61 -0.03 3.59
N TYR A 79 7.27 0.31 4.84
CA TYR A 79 7.64 1.62 5.39
C TYR A 79 7.74 1.55 6.91
N THR A 80 8.71 2.29 7.46
CA THR A 80 8.91 2.31 8.90
C THR A 80 9.01 3.75 9.41
N PRO A 81 7.97 4.20 10.12
CA PRO A 81 7.92 5.55 10.69
C PRO A 81 8.91 5.74 11.83
N MET A 82 9.79 6.73 11.71
CA MET A 82 10.78 7.01 12.73
C MET A 82 10.21 7.94 13.79
N ALA A 83 9.23 8.74 13.40
CA ALA A 83 8.60 9.68 14.32
C ALA A 83 7.08 9.59 14.25
N PRO A 84 6.43 9.78 15.41
CA PRO A 84 4.96 9.72 15.50
C PRO A 84 4.28 10.89 14.80
N GLY A 85 2.98 10.75 14.54
CA GLY A 85 2.24 11.80 13.87
C GLY A 85 1.10 11.27 13.03
N ASN A 86 0.83 11.93 11.92
CA ASN A 86 -0.26 11.51 11.03
C ASN A 86 0.25 11.35 9.60
N TYR A 87 0.25 10.12 9.11
CA TYR A 87 0.72 9.82 7.76
C TYR A 87 -0.45 9.50 6.84
N LEU A 88 -0.33 9.86 5.57
CA LEU A 88 -1.37 9.60 4.59
C LEU A 88 -0.84 8.75 3.44
N ILE A 89 -1.61 7.74 3.05
CA ILE A 89 -1.22 6.85 1.95
C ILE A 89 -2.18 6.99 0.78
N SER A 90 -1.67 7.53 -0.33
CA SER A 90 -2.47 7.71 -1.53
C SER A 90 -2.28 6.56 -2.50
N VAL A 91 -3.36 5.84 -2.79
CA VAL A 91 -3.30 4.71 -3.71
C VAL A 91 -4.18 4.94 -4.92
N LYS A 92 -3.61 4.72 -6.11
CA LYS A 92 -4.34 4.92 -7.36
C LYS A 92 -3.98 3.83 -8.36
N TYR A 93 -5.00 3.23 -8.98
CA TYR A 93 -4.79 2.19 -9.97
C TYR A 93 -5.34 2.60 -11.32
N GLY A 94 -4.53 2.45 -12.36
CA GLY A 94 -4.95 2.81 -13.70
C GLY A 94 -5.00 4.31 -13.92
N GLY A 95 -5.85 4.98 -13.15
CA GLY A 95 -5.97 6.42 -13.27
C GLY A 95 -6.04 7.12 -11.93
N PRO A 96 -6.55 8.36 -11.92
CA PRO A 96 -6.67 9.15 -10.69
C PRO A 96 -7.74 8.60 -9.76
N ASN A 97 -8.63 7.78 -10.29
CA ASN A 97 -9.69 7.18 -9.50
C ASN A 97 -9.13 6.23 -8.44
N HIS A 98 -9.18 6.66 -7.18
CA HIS A 98 -8.67 5.86 -6.08
C HIS A 98 -9.50 4.58 -5.91
N ILE A 99 -8.97 3.64 -5.13
CA ILE A 99 -9.66 2.39 -4.88
C ILE A 99 -10.53 2.48 -3.63
N VAL A 100 -11.19 1.37 -3.30
CA VAL A 100 -12.05 1.31 -2.12
C VAL A 100 -11.27 1.69 -0.86
N GLY A 101 -11.97 2.31 0.09
CA GLY A 101 -11.33 2.70 1.33
C GLY A 101 -10.51 3.97 1.18
N SER A 102 -9.63 3.99 0.19
CA SER A 102 -8.78 5.14 -0.06
C SER A 102 -9.58 6.44 0.03
N PRO A 103 -8.95 7.49 0.59
CA PRO A 103 -7.57 7.41 1.09
C PRO A 103 -7.46 6.55 2.34
N PHE A 104 -6.24 6.41 2.85
CA PHE A 104 -6.00 5.61 4.05
C PHE A 104 -5.24 6.42 5.10
N LYS A 105 -5.91 6.73 6.20
CA LYS A 105 -5.30 7.49 7.28
C LYS A 105 -4.71 6.57 8.34
N ALA A 106 -3.41 6.74 8.60
CA ALA A 106 -2.73 5.92 9.59
C ALA A 106 -2.18 6.78 10.72
N LYS A 107 -2.51 6.41 11.96
CA LYS A 107 -2.05 7.15 13.13
C LYS A 107 -0.89 6.43 13.80
N VAL A 108 0.26 7.10 13.85
CA VAL A 108 1.45 6.52 14.47
C VAL A 108 1.54 6.88 15.95
N THR A 109 2.06 5.95 16.75
CA THR A 109 2.18 6.16 18.18
C THR A 109 3.50 5.58 18.71
N GLY A 110 4.17 6.33 19.57
CA GLY A 110 5.42 5.88 20.13
C GLY A 110 6.40 7.01 20.37
N GLN A 111 6.94 7.08 21.59
CA GLN A 111 7.88 8.13 21.95
C GLN A 111 8.98 8.25 20.89
N ARG A 112 9.15 9.47 20.36
CA ARG A 112 10.17 9.71 19.34
C ARG A 112 11.45 8.96 19.66
N LEU A 113 11.80 8.02 18.79
CA LEU A 113 13.01 7.22 18.98
C LEU A 113 14.26 8.10 18.89
N VAL A 114 15.26 7.79 19.71
CA VAL A 114 16.50 8.54 19.72
C VAL A 114 17.49 7.99 18.70
N SER A 115 18.14 8.89 17.98
CA SER A 115 19.12 8.49 16.96
C SER A 115 20.02 7.38 17.48
N PRO A 116 20.47 6.51 16.57
CA PRO A 116 21.35 5.39 16.91
C PRO A 116 22.75 5.84 17.31
N GLY A 117 23.26 6.86 16.61
CA GLY A 117 24.58 7.37 16.91
C GLY A 117 24.57 8.86 17.20
N SER A 118 24.81 9.66 16.17
CA SER A 118 24.84 11.11 16.33
C SER A 118 25.86 11.53 17.39
N ALA A 119 27.03 10.88 17.36
CA ALA A 119 28.09 11.19 18.31
C ALA A 119 29.45 10.78 17.76
N ASN A 120 30.42 11.69 17.85
CA ASN A 120 31.77 11.42 17.37
C ASN A 120 32.79 12.29 18.09
N GLU A 121 34.05 11.88 18.04
CA GLU A 121 35.13 12.61 18.70
C GLU A 121 36.10 13.19 17.67
N THR A 122 36.27 14.50 17.69
CA THR A 122 37.17 15.17 16.76
C THR A 122 38.51 15.47 17.41
N SER A 123 39.50 14.62 17.14
CA SER A 123 40.83 14.79 17.71
C SER A 123 41.82 15.29 16.65
N SER A 124 41.93 16.61 16.55
CA SER A 124 42.83 17.23 15.57
C SER A 124 44.16 16.49 15.53
N ILE A 125 44.87 16.61 14.41
CA ILE A 125 46.16 15.96 14.24
C ILE A 125 47.01 16.10 15.50
N GLY A 1 -46.70 2.89 10.89
CA GLY A 1 -45.91 1.92 11.60
C GLY A 1 -44.47 1.85 11.11
N SER A 2 -43.79 0.76 11.44
CA SER A 2 -42.40 0.59 11.02
C SER A 2 -42.32 0.15 9.56
N SER A 3 -43.10 -0.87 9.21
CA SER A 3 -43.11 -1.38 7.85
C SER A 3 -43.95 -0.49 6.93
N GLY A 4 -43.56 -0.42 5.66
CA GLY A 4 -44.30 0.39 4.71
C GLY A 4 -43.44 0.82 3.53
N SER A 5 -42.65 -0.11 3.01
CA SER A 5 -41.78 0.18 1.87
C SER A 5 -41.70 -1.03 0.93
N SER A 6 -41.44 -0.75 -0.34
CA SER A 6 -41.35 -1.80 -1.35
C SER A 6 -39.89 -2.13 -1.64
N GLY A 7 -39.67 -3.15 -2.47
CA GLY A 7 -38.32 -3.56 -2.82
C GLY A 7 -37.85 -2.92 -4.11
N PHE A 8 -36.74 -3.43 -4.65
CA PHE A 8 -36.18 -2.89 -5.88
C PHE A 8 -35.86 -4.03 -6.86
N LYS A 9 -35.02 -4.96 -6.42
CA LYS A 9 -34.63 -6.10 -7.24
C LYS A 9 -34.42 -5.66 -8.69
N VAL A 10 -33.81 -4.50 -8.87
CA VAL A 10 -33.55 -3.97 -10.21
C VAL A 10 -32.08 -4.15 -10.59
N ARG A 11 -31.85 -4.50 -11.85
CA ARG A 11 -30.48 -4.70 -12.34
C ARG A 11 -29.89 -3.39 -12.85
N VAL A 12 -28.80 -2.96 -12.23
CA VAL A 12 -28.13 -1.72 -12.63
C VAL A 12 -26.64 -1.95 -12.84
N GLY A 13 -26.06 -1.21 -13.78
CA GLY A 13 -24.65 -1.33 -14.06
C GLY A 13 -24.28 -2.72 -14.54
N GLU A 14 -23.92 -2.83 -15.82
CA GLU A 14 -23.54 -4.11 -16.40
C GLU A 14 -22.15 -4.53 -15.95
N PRO A 15 -21.90 -5.84 -15.92
CA PRO A 15 -20.61 -6.40 -15.51
C PRO A 15 -19.50 -6.11 -16.52
N GLY A 16 -19.78 -6.38 -17.80
CA GLY A 16 -18.81 -6.13 -18.84
C GLY A 16 -18.13 -4.79 -18.69
N GLN A 17 -16.99 -4.78 -18.01
CA GLN A 17 -16.24 -3.54 -17.80
C GLN A 17 -14.78 -3.71 -18.23
N ALA A 18 -14.04 -2.61 -18.21
CA ALA A 18 -12.63 -2.64 -18.60
C ALA A 18 -11.76 -2.01 -17.51
N GLY A 19 -11.14 -2.87 -16.70
CA GLY A 19 -10.28 -2.40 -15.63
C GLY A 19 -11.05 -1.64 -14.56
N ASN A 20 -11.32 -2.30 -13.45
CA ASN A 20 -12.05 -1.69 -12.35
C ASN A 20 -11.15 -1.52 -11.12
N PRO A 21 -10.97 -0.26 -10.69
CA PRO A 21 -10.15 0.07 -9.53
C PRO A 21 -10.77 -0.41 -8.21
N ALA A 22 -12.10 -0.32 -8.13
CA ALA A 22 -12.82 -0.74 -6.94
C ALA A 22 -12.39 -2.14 -6.51
N LEU A 23 -12.29 -3.04 -7.47
CA LEU A 23 -11.90 -4.42 -7.19
C LEU A 23 -10.59 -4.47 -6.42
N VAL A 24 -9.70 -3.53 -6.73
CA VAL A 24 -8.40 -3.46 -6.05
C VAL A 24 -8.56 -3.10 -4.58
N SER A 25 -7.94 -3.90 -3.72
CA SER A 25 -8.02 -3.67 -2.28
C SER A 25 -6.63 -3.66 -1.65
N ALA A 26 -6.55 -3.27 -0.39
CA ALA A 26 -5.29 -3.21 0.32
C ALA A 26 -5.42 -3.75 1.74
N TYR A 27 -4.35 -4.36 2.25
CA TYR A 27 -4.36 -4.93 3.59
C TYR A 27 -2.93 -5.17 4.09
N GLY A 28 -2.79 -5.33 5.40
CA GLY A 28 -1.48 -5.57 5.97
C GLY A 28 -1.35 -5.00 7.38
N THR A 29 -0.16 -5.09 7.94
CA THR A 29 0.09 -4.58 9.28
C THR A 29 0.36 -3.08 9.26
N GLY A 30 0.86 -2.59 8.13
CA GLY A 30 1.15 -1.18 8.01
C GLY A 30 -0.11 -0.34 7.82
N LEU A 31 -1.24 -1.01 7.64
CA LEU A 31 -2.51 -0.33 7.44
C LEU A 31 -3.36 -0.38 8.71
N GLU A 32 -3.09 -1.38 9.55
CA GLU A 32 -3.83 -1.55 10.80
C GLU A 32 -3.33 -0.57 11.86
N GLY A 33 -2.26 0.15 11.54
CA GLY A 33 -1.70 1.10 12.49
C GLY A 33 -0.30 1.54 12.10
N GLY A 34 0.25 2.49 12.86
CA GLY A 34 1.59 2.98 12.58
C GLY A 34 2.60 2.56 13.63
N THR A 35 3.44 1.60 13.29
CA THR A 35 4.45 1.11 14.22
C THR A 35 5.79 1.79 13.99
N THR A 36 6.16 2.70 14.90
CA THR A 36 7.41 3.42 14.81
C THR A 36 8.59 2.56 15.25
N GLY A 37 9.56 2.40 14.36
CA GLY A 37 10.74 1.59 14.68
C GLY A 37 10.69 0.23 14.02
N ILE A 38 9.50 -0.21 13.64
CA ILE A 38 9.33 -1.52 13.01
C ILE A 38 8.94 -1.35 11.54
N GLN A 39 9.44 -2.25 10.69
CA GLN A 39 9.14 -2.21 9.27
C GLN A 39 7.86 -2.98 8.96
N SER A 40 6.80 -2.25 8.61
CA SER A 40 5.52 -2.86 8.29
C SER A 40 5.48 -3.31 6.83
N GLU A 41 4.53 -4.17 6.51
CA GLU A 41 4.37 -4.68 5.15
C GLU A 41 2.90 -4.87 4.80
N PHE A 42 2.48 -4.30 3.67
CA PHE A 42 1.10 -4.41 3.23
C PHE A 42 1.03 -4.82 1.75
N PHE A 43 0.16 -5.77 1.45
CA PHE A 43 0.00 -6.25 0.08
C PHE A 43 -1.26 -5.67 -0.55
N ILE A 44 -1.31 -5.69 -1.88
CA ILE A 44 -2.46 -5.17 -2.61
C ILE A 44 -3.15 -6.26 -3.41
N ASN A 45 -4.47 -6.34 -3.28
CA ASN A 45 -5.25 -7.34 -3.99
C ASN A 45 -5.49 -6.93 -5.43
N THR A 46 -4.41 -6.84 -6.21
CA THR A 46 -4.51 -6.45 -7.61
C THR A 46 -4.47 -7.67 -8.53
N THR A 47 -5.19 -8.71 -8.14
CA THR A 47 -5.25 -9.94 -8.93
C THR A 47 -6.52 -10.02 -9.75
N ARG A 48 -7.53 -9.25 -9.35
CA ARG A 48 -8.80 -9.23 -10.06
C ARG A 48 -8.90 -8.01 -10.97
N ALA A 49 -8.21 -6.94 -10.60
CA ALA A 49 -8.22 -5.71 -11.39
C ALA A 49 -7.38 -5.87 -12.66
N GLY A 50 -6.24 -6.54 -12.52
CA GLY A 50 -5.36 -6.75 -13.67
C GLY A 50 -3.99 -6.16 -13.46
N PRO A 51 -2.99 -6.71 -14.17
CA PRO A 51 -1.60 -6.25 -14.07
C PRO A 51 -1.41 -4.87 -14.68
N GLY A 52 -0.45 -4.11 -14.15
CA GLY A 52 -0.18 -2.78 -14.66
C GLY A 52 0.51 -1.90 -13.65
N THR A 53 0.97 -0.73 -14.08
CA THR A 53 1.65 0.21 -13.20
C THR A 53 0.65 1.04 -12.41
N LEU A 54 0.91 1.19 -11.11
CA LEU A 54 0.03 1.97 -10.25
C LEU A 54 0.78 3.13 -9.63
N SER A 55 0.03 4.08 -9.05
CA SER A 55 0.62 5.25 -8.42
C SER A 55 0.44 5.21 -6.91
N VAL A 56 1.54 4.94 -6.20
CA VAL A 56 1.51 4.87 -4.74
C VAL A 56 2.31 6.01 -4.13
N THR A 57 1.72 6.67 -3.13
CA THR A 57 2.37 7.78 -2.45
C THR A 57 2.02 7.80 -0.97
N ILE A 58 2.99 8.13 -0.14
CA ILE A 58 2.79 8.19 1.30
C ILE A 58 3.15 9.57 1.85
N GLU A 59 2.29 10.09 2.73
CA GLU A 59 2.51 11.40 3.33
C GLU A 59 2.64 11.29 4.84
N GLY A 60 3.21 12.31 5.46
CA GLY A 60 3.39 12.31 6.90
C GLY A 60 4.28 13.44 7.38
N PRO A 61 4.41 13.58 8.71
CA PRO A 61 5.23 14.61 9.32
C PRO A 61 6.73 14.37 9.11
N SER A 62 7.10 13.10 8.98
CA SER A 62 8.50 12.73 8.77
C SER A 62 8.64 11.79 7.59
N LYS A 63 9.50 12.15 6.65
CA LYS A 63 9.74 11.34 5.46
C LYS A 63 10.19 9.93 5.85
N VAL A 64 10.00 8.99 4.94
CA VAL A 64 10.40 7.60 5.18
C VAL A 64 11.00 6.97 3.92
N LYS A 65 11.97 6.08 4.12
CA LYS A 65 12.62 5.41 3.01
C LYS A 65 11.78 4.24 2.52
N MET A 66 10.98 4.48 1.47
CA MET A 66 10.13 3.45 0.90
C MET A 66 10.97 2.38 0.20
N ASP A 67 10.61 1.12 0.42
CA ASP A 67 11.32 0.01 -0.20
C ASP A 67 10.36 -0.92 -0.93
N CYS A 68 9.36 -0.34 -1.57
CA CYS A 68 8.36 -1.11 -2.30
C CYS A 68 9.04 -2.20 -3.14
N GLN A 69 8.74 -3.46 -2.81
CA GLN A 69 9.31 -4.59 -3.52
C GLN A 69 8.23 -5.35 -4.28
N GLU A 70 8.42 -5.47 -5.60
CA GLU A 70 7.46 -6.18 -6.43
C GLU A 70 7.21 -7.59 -5.90
N THR A 71 5.99 -8.09 -6.13
CA THR A 71 5.62 -9.42 -5.67
C THR A 71 4.75 -10.13 -6.70
N PRO A 72 4.80 -11.48 -6.68
CA PRO A 72 4.02 -12.30 -7.61
C PRO A 72 2.51 -12.24 -7.32
N GLU A 73 2.15 -11.58 -6.23
CA GLU A 73 0.76 -11.45 -5.85
C GLU A 73 0.17 -10.13 -6.35
N GLY A 74 0.86 -9.03 -6.06
CA GLY A 74 0.40 -7.73 -6.49
C GLY A 74 1.45 -6.65 -6.32
N TYR A 75 1.59 -6.15 -5.11
CA TYR A 75 2.56 -5.10 -4.82
C TYR A 75 2.73 -4.93 -3.31
N LYS A 76 3.89 -5.36 -2.81
CA LYS A 76 4.18 -5.25 -1.38
C LYS A 76 5.02 -4.01 -1.10
N VAL A 77 4.55 -3.19 -0.16
CA VAL A 77 5.25 -1.96 0.21
C VAL A 77 5.53 -1.92 1.71
N MET A 78 6.71 -1.42 2.08
CA MET A 78 7.08 -1.32 3.48
C MET A 78 7.66 0.06 3.79
N TYR A 79 7.31 0.59 4.95
CA TYR A 79 7.80 1.91 5.37
C TYR A 79 8.07 1.93 6.87
N THR A 80 9.20 2.54 7.24
CA THR A 80 9.59 2.63 8.64
C THR A 80 9.65 4.09 9.09
N PRO A 81 8.55 4.57 9.68
CA PRO A 81 8.46 5.95 10.18
C PRO A 81 9.33 6.19 11.41
N MET A 82 10.23 7.16 11.29
CA MET A 82 11.13 7.49 12.39
C MET A 82 10.37 8.21 13.51
N ALA A 83 9.39 9.01 13.14
CA ALA A 83 8.59 9.75 14.10
C ALA A 83 7.10 9.51 13.90
N PRO A 84 6.34 9.44 15.00
CA PRO A 84 4.90 9.20 14.96
C PRO A 84 4.13 10.40 14.41
N GLY A 85 2.81 10.28 14.35
CA GLY A 85 1.99 11.36 13.82
C GLY A 85 0.83 10.85 12.99
N ASN A 86 0.63 11.49 11.84
CA ASN A 86 -0.45 11.10 10.94
C ASN A 86 0.07 10.86 9.53
N TYR A 87 0.07 9.60 9.11
CA TYR A 87 0.55 9.24 7.79
C TYR A 87 -0.61 8.88 6.87
N LEU A 88 -0.53 9.33 5.62
CA LEU A 88 -1.58 9.06 4.64
C LEU A 88 -1.05 8.18 3.51
N ILE A 89 -1.88 7.24 3.06
CA ILE A 89 -1.49 6.34 1.97
C ILE A 89 -2.53 6.34 0.87
N SER A 90 -2.17 6.89 -0.29
CA SER A 90 -3.07 6.96 -1.44
C SER A 90 -2.63 6.00 -2.52
N VAL A 91 -3.55 5.13 -2.95
CA VAL A 91 -3.26 4.16 -4.00
C VAL A 91 -4.19 4.34 -5.18
N LYS A 92 -3.67 4.95 -6.24
CA LYS A 92 -4.45 5.19 -7.45
C LYS A 92 -4.00 4.27 -8.57
N TYR A 93 -4.89 3.37 -9.00
CA TYR A 93 -4.58 2.43 -10.07
C TYR A 93 -5.47 2.68 -11.28
N GLY A 94 -4.84 2.84 -12.44
CA GLY A 94 -5.59 3.07 -13.67
C GLY A 94 -5.67 4.54 -14.02
N GLY A 95 -6.35 5.32 -13.18
CA GLY A 95 -6.49 6.74 -13.42
C GLY A 95 -6.45 7.56 -12.14
N PRO A 96 -6.94 8.80 -12.22
CA PRO A 96 -6.97 9.71 -11.06
C PRO A 96 -7.97 9.27 -10.00
N ASN A 97 -8.62 8.13 -10.24
CA ASN A 97 -9.61 7.61 -9.31
C ASN A 97 -8.96 6.66 -8.31
N HIS A 98 -8.95 7.05 -7.05
CA HIS A 98 -8.36 6.24 -6.00
C HIS A 98 -9.19 4.98 -5.76
N ILE A 99 -8.53 3.93 -5.25
CA ILE A 99 -9.21 2.67 -4.97
C ILE A 99 -10.03 2.76 -3.69
N VAL A 100 -10.89 1.76 -3.49
CA VAL A 100 -11.73 1.72 -2.30
C VAL A 100 -10.90 1.74 -1.03
N GLY A 101 -11.33 2.55 -0.05
CA GLY A 101 -10.61 2.65 1.21
C GLY A 101 -9.69 3.85 1.25
N SER A 102 -8.84 3.98 0.24
CA SER A 102 -7.90 5.09 0.17
C SER A 102 -8.62 6.40 -0.14
N PRO A 103 -8.04 7.51 0.32
CA PRO A 103 -6.79 7.51 1.08
C PRO A 103 -6.96 6.90 2.47
N PHE A 104 -5.93 6.19 2.94
CA PHE A 104 -5.97 5.56 4.25
C PHE A 104 -5.36 6.47 5.31
N LYS A 105 -5.94 6.46 6.49
CA LYS A 105 -5.45 7.29 7.59
C LYS A 105 -4.95 6.42 8.75
N ALA A 106 -3.64 6.21 8.79
CA ALA A 106 -3.04 5.40 9.84
C ALA A 106 -2.37 6.27 10.90
N LYS A 107 -2.74 6.05 12.16
CA LYS A 107 -2.18 6.82 13.26
C LYS A 107 -0.92 6.15 13.81
N VAL A 108 0.21 6.84 13.69
CA VAL A 108 1.48 6.31 14.17
C VAL A 108 1.74 6.75 15.61
N THR A 109 2.01 5.79 16.48
CA THR A 109 2.27 6.08 17.89
C THR A 109 3.52 5.33 18.37
N GLY A 110 4.23 5.94 19.32
CA GLY A 110 5.43 5.32 19.85
C GLY A 110 6.44 6.33 20.34
N GLN A 111 7.41 5.89 21.12
CA GLN A 111 8.45 6.76 21.66
C GLN A 111 9.28 7.36 20.53
N ARG A 112 9.40 8.69 20.52
CA ARG A 112 10.17 9.38 19.50
C ARG A 112 11.57 8.81 19.41
N LEU A 113 11.80 7.95 18.42
CA LEU A 113 13.10 7.34 18.21
C LEU A 113 14.17 8.39 17.98
N VAL A 114 15.35 8.17 18.55
CA VAL A 114 16.46 9.11 18.40
C VAL A 114 17.75 8.37 18.05
N SER A 115 18.12 7.40 18.88
CA SER A 115 19.34 6.63 18.65
C SER A 115 19.22 5.81 17.38
N PRO A 116 20.20 5.97 16.47
CA PRO A 116 20.24 5.26 15.19
C PRO A 116 20.53 3.76 15.37
N GLY A 117 20.62 3.04 14.26
CA GLY A 117 20.89 1.62 14.32
C GLY A 117 21.71 1.14 13.14
N SER A 118 22.92 0.67 13.44
CA SER A 118 23.82 0.18 12.39
C SER A 118 24.99 -0.60 12.99
N ALA A 119 25.66 -1.38 12.16
CA ALA A 119 26.80 -2.18 12.61
C ALA A 119 27.83 -1.30 13.32
N ASN A 120 28.23 -0.22 12.66
CA ASN A 120 29.22 0.69 13.23
C ASN A 120 30.45 -0.06 13.70
N GLU A 121 30.93 -0.98 12.87
CA GLU A 121 32.11 -1.77 13.21
C GLU A 121 33.34 -1.25 12.47
N THR A 122 34.48 -1.27 13.16
CA THR A 122 35.73 -0.80 12.57
C THR A 122 36.74 -1.93 12.45
N SER A 123 37.41 -2.00 11.31
CA SER A 123 38.41 -3.03 11.06
C SER A 123 39.83 -2.46 11.11
N SER A 124 40.75 -3.24 11.66
CA SER A 124 42.14 -2.80 11.78
C SER A 124 43.08 -3.81 11.13
N ILE A 125 44.35 -3.44 11.02
CA ILE A 125 45.35 -4.32 10.41
C ILE A 125 45.70 -5.47 11.34
N GLY A 1 8.44 -35.11 -34.92
CA GLY A 1 7.10 -34.63 -34.65
C GLY A 1 6.86 -34.37 -33.18
N SER A 2 5.93 -33.48 -32.89
CA SER A 2 5.61 -33.13 -31.50
C SER A 2 4.34 -32.29 -31.43
N SER A 3 3.65 -32.37 -30.30
CA SER A 3 2.41 -31.61 -30.11
C SER A 3 2.72 -30.17 -29.73
N GLY A 4 1.92 -29.25 -30.26
CA GLY A 4 2.12 -27.83 -29.97
C GLY A 4 0.84 -27.03 -30.09
N SER A 5 0.27 -26.64 -28.95
CA SER A 5 -0.96 -25.87 -28.93
C SER A 5 -0.66 -24.38 -28.93
N SER A 6 -1.62 -23.60 -29.44
CA SER A 6 -1.47 -22.15 -29.50
C SER A 6 -2.78 -21.44 -29.20
N GLY A 7 -2.69 -20.25 -28.61
CA GLY A 7 -3.88 -19.50 -28.27
C GLY A 7 -4.08 -19.36 -26.77
N PHE A 8 -5.06 -18.56 -26.38
CA PHE A 8 -5.35 -18.33 -24.97
C PHE A 8 -6.82 -18.60 -24.67
N LYS A 9 -7.18 -18.54 -23.39
CA LYS A 9 -8.55 -18.78 -22.97
C LYS A 9 -9.24 -17.47 -22.58
N VAL A 10 -8.99 -16.43 -23.36
CA VAL A 10 -9.59 -15.12 -23.10
C VAL A 10 -10.09 -14.48 -24.39
N ARG A 11 -11.29 -13.92 -24.33
CA ARG A 11 -11.88 -13.27 -25.49
C ARG A 11 -11.64 -11.76 -25.46
N VAL A 12 -10.69 -11.31 -26.29
CA VAL A 12 -10.36 -9.88 -26.36
C VAL A 12 -11.45 -9.11 -27.07
N GLY A 13 -11.77 -7.93 -26.55
CA GLY A 13 -12.80 -7.10 -27.15
C GLY A 13 -12.48 -5.62 -27.05
N GLU A 14 -11.79 -5.23 -25.98
CA GLU A 14 -11.43 -3.84 -25.76
C GLU A 14 -9.94 -3.62 -25.99
N PRO A 15 -9.57 -2.39 -26.38
CA PRO A 15 -8.18 -2.03 -26.65
C PRO A 15 -7.34 -1.98 -25.37
N GLY A 16 -6.47 -2.96 -25.19
CA GLY A 16 -5.63 -3.02 -24.02
C GLY A 16 -6.27 -3.77 -22.87
N GLN A 17 -5.53 -3.91 -21.78
CA GLN A 17 -6.04 -4.62 -20.61
C GLN A 17 -6.82 -3.67 -19.69
N ALA A 18 -8.00 -4.11 -19.27
CA ALA A 18 -8.83 -3.31 -18.38
C ALA A 18 -8.39 -3.45 -16.93
N GLY A 19 -8.49 -2.36 -16.18
CA GLY A 19 -8.10 -2.39 -14.78
C GLY A 19 -9.07 -1.65 -13.88
N ASN A 20 -9.88 -2.40 -13.14
CA ASN A 20 -10.87 -1.80 -12.25
C ASN A 20 -10.27 -1.57 -10.86
N PRO A 21 -10.33 -0.32 -10.39
CA PRO A 21 -9.80 0.06 -9.07
C PRO A 21 -10.64 -0.51 -7.94
N ALA A 22 -11.95 -0.42 -8.07
CA ALA A 22 -12.86 -0.93 -7.04
C ALA A 22 -12.42 -2.30 -6.55
N LEU A 23 -12.13 -3.20 -7.49
CA LEU A 23 -11.71 -4.56 -7.15
C LEU A 23 -10.45 -4.52 -6.30
N VAL A 24 -9.47 -3.71 -6.71
CA VAL A 24 -8.22 -3.59 -5.97
C VAL A 24 -8.47 -3.37 -4.49
N SER A 25 -7.77 -4.13 -3.66
CA SER A 25 -7.93 -4.02 -2.21
C SER A 25 -6.57 -3.89 -1.53
N ALA A 26 -6.58 -3.53 -0.25
CA ALA A 26 -5.35 -3.38 0.52
C ALA A 26 -5.52 -3.90 1.94
N TYR A 27 -4.56 -4.69 2.40
CA TYR A 27 -4.60 -5.26 3.74
C TYR A 27 -3.20 -5.58 4.25
N GLY A 28 -3.07 -5.68 5.56
CA GLY A 28 -1.77 -5.98 6.15
C GLY A 28 -1.63 -5.43 7.56
N THR A 29 -0.40 -5.10 7.94
CA THR A 29 -0.13 -4.56 9.26
C THR A 29 0.17 -3.06 9.20
N GLY A 30 0.73 -2.63 8.07
CA GLY A 30 1.07 -1.23 7.91
C GLY A 30 -0.15 -0.33 8.03
N LEU A 31 -1.27 -0.78 7.49
CA LEU A 31 -2.51 -0.01 7.53
C LEU A 31 -3.15 -0.08 8.92
N GLU A 32 -2.95 -1.21 9.60
CA GLU A 32 -3.50 -1.41 10.93
C GLU A 32 -3.18 -0.22 11.84
N GLY A 33 -1.98 0.34 11.66
CA GLY A 33 -1.58 1.47 12.47
C GLY A 33 -0.15 1.90 12.19
N GLY A 34 0.34 2.87 12.95
CA GLY A 34 1.69 3.36 12.77
C GLY A 34 2.62 2.93 13.87
N THR A 35 3.48 1.95 13.60
CA THR A 35 4.42 1.46 14.58
C THR A 35 5.82 2.00 14.34
N THR A 36 6.25 2.93 15.17
CA THR A 36 7.57 3.54 15.03
C THR A 36 8.65 2.58 15.52
N GLY A 37 9.65 2.35 14.66
CA GLY A 37 10.73 1.45 15.01
C GLY A 37 10.61 0.10 14.34
N ILE A 38 9.39 -0.30 14.01
CA ILE A 38 9.15 -1.58 13.36
C ILE A 38 8.86 -1.39 11.87
N GLN A 39 8.99 -2.47 11.11
CA GLN A 39 8.74 -2.42 9.67
C GLN A 39 7.45 -3.16 9.32
N SER A 40 6.51 -2.42 8.74
CA SER A 40 5.22 -3.00 8.36
C SER A 40 5.15 -3.23 6.86
N GLU A 41 4.23 -4.08 6.44
CA GLU A 41 4.06 -4.40 5.02
C GLU A 41 2.60 -4.74 4.70
N PHE A 42 2.07 -4.11 3.67
CA PHE A 42 0.69 -4.35 3.26
C PHE A 42 0.61 -4.68 1.78
N PHE A 43 0.01 -5.83 1.46
CA PHE A 43 -0.14 -6.27 0.09
C PHE A 43 -1.37 -5.66 -0.56
N ILE A 44 -1.42 -5.68 -1.88
CA ILE A 44 -2.55 -5.12 -2.62
C ILE A 44 -3.10 -6.13 -3.63
N ASN A 45 -4.23 -6.73 -3.30
CA ASN A 45 -4.87 -7.71 -4.17
C ASN A 45 -5.24 -7.09 -5.51
N THR A 46 -4.39 -7.26 -6.51
CA THR A 46 -4.63 -6.72 -7.84
C THR A 46 -4.59 -7.80 -8.90
N THR A 47 -4.73 -9.06 -8.46
CA THR A 47 -4.71 -10.19 -9.38
C THR A 47 -5.92 -10.18 -10.30
N ARG A 48 -7.02 -9.61 -9.82
CA ARG A 48 -8.25 -9.53 -10.60
C ARG A 48 -8.31 -8.23 -11.40
N ALA A 49 -7.70 -7.18 -10.85
CA ALA A 49 -7.68 -5.89 -11.52
C ALA A 49 -6.82 -5.92 -12.77
N GLY A 50 -5.69 -6.63 -12.70
CA GLY A 50 -4.79 -6.73 -13.83
C GLY A 50 -3.53 -5.92 -13.64
N PRO A 51 -2.41 -6.41 -14.21
CA PRO A 51 -1.12 -5.74 -14.11
C PRO A 51 -1.08 -4.45 -14.92
N GLY A 52 0.02 -3.70 -14.79
CA GLY A 52 0.17 -2.46 -15.50
C GLY A 52 1.12 -1.49 -14.82
N THR A 53 0.59 -0.34 -14.40
CA THR A 53 1.39 0.66 -13.73
C THR A 53 0.98 0.82 -12.26
N LEU A 54 1.97 0.94 -11.39
CA LEU A 54 1.71 1.09 -9.96
C LEU A 54 1.90 2.53 -9.52
N SER A 55 1.02 3.03 -8.67
CA SER A 55 1.09 4.40 -8.18
C SER A 55 0.82 4.45 -6.68
N VAL A 56 1.83 4.80 -5.91
CA VAL A 56 1.71 4.89 -4.45
C VAL A 56 2.37 6.15 -3.92
N THR A 57 1.62 6.94 -3.16
CA THR A 57 2.14 8.18 -2.59
C THR A 57 1.83 8.25 -1.10
N ILE A 58 2.87 8.39 -0.29
CA ILE A 58 2.71 8.49 1.16
C ILE A 58 3.19 9.84 1.67
N GLU A 59 2.62 10.27 2.79
CA GLU A 59 2.99 11.56 3.39
C GLU A 59 3.18 11.40 4.90
N GLY A 60 3.53 12.51 5.55
CA GLY A 60 3.74 12.49 6.99
C GLY A 60 4.74 13.54 7.44
N PRO A 61 4.85 13.72 8.77
CA PRO A 61 5.77 14.69 9.36
C PRO A 61 7.23 14.28 9.20
N SER A 62 7.49 12.99 9.37
CA SER A 62 8.85 12.45 9.26
C SER A 62 9.08 11.86 7.87
N LYS A 63 10.26 12.11 7.31
CA LYS A 63 10.61 11.59 6.00
C LYS A 63 10.96 10.11 6.06
N VAL A 64 10.11 9.28 5.49
CA VAL A 64 10.34 7.84 5.49
C VAL A 64 10.88 7.38 4.14
N LYS A 65 12.00 6.65 4.18
CA LYS A 65 12.62 6.15 2.96
C LYS A 65 12.01 4.82 2.54
N MET A 66 10.76 4.61 2.93
CA MET A 66 10.04 3.38 2.60
C MET A 66 10.37 2.94 1.17
N ASP A 67 10.33 1.63 0.93
CA ASP A 67 10.62 1.08 -0.38
C ASP A 67 9.68 -0.07 -0.70
N CYS A 68 9.10 -0.05 -1.90
CA CYS A 68 8.19 -1.09 -2.33
C CYS A 68 8.61 -1.67 -3.67
N GLN A 69 8.47 -2.99 -3.81
CA GLN A 69 8.85 -3.67 -5.05
C GLN A 69 7.67 -4.45 -5.62
N GLU A 70 7.79 -4.86 -6.88
CA GLU A 70 6.73 -5.62 -7.55
C GLU A 70 6.70 -7.05 -7.05
N THR A 71 5.52 -7.66 -7.08
CA THR A 71 5.34 -9.03 -6.63
C THR A 71 4.52 -9.84 -7.62
N PRO A 72 4.77 -11.16 -7.66
CA PRO A 72 4.06 -12.06 -8.57
C PRO A 72 2.61 -12.26 -8.18
N GLU A 73 2.21 -11.63 -7.08
CA GLU A 73 0.84 -11.74 -6.59
C GLU A 73 0.06 -10.45 -6.88
N GLY A 74 0.70 -9.31 -6.61
CA GLY A 74 0.06 -8.03 -6.84
C GLY A 74 0.97 -6.86 -6.56
N TYR A 75 1.10 -6.52 -5.28
CA TYR A 75 1.95 -5.41 -4.86
C TYR A 75 2.21 -5.45 -3.35
N LYS A 76 3.45 -5.16 -2.97
CA LYS A 76 3.83 -5.16 -1.56
C LYS A 76 4.61 -3.90 -1.21
N VAL A 77 4.13 -3.18 -0.20
CA VAL A 77 4.79 -1.95 0.24
C VAL A 77 5.09 -2.00 1.73
N MET A 78 6.29 -1.54 2.09
CA MET A 78 6.71 -1.53 3.48
C MET A 78 7.39 -0.21 3.85
N TYR A 79 6.95 0.40 4.94
CA TYR A 79 7.51 1.67 5.39
C TYR A 79 7.81 1.64 6.88
N THR A 80 8.89 2.30 7.27
CA THR A 80 9.29 2.35 8.68
C THR A 80 9.45 3.79 9.15
N PRO A 81 8.42 4.31 9.83
CA PRO A 81 8.43 5.68 10.35
C PRO A 81 9.41 5.85 11.51
N MET A 82 10.11 6.99 11.52
CA MET A 82 11.08 7.27 12.57
C MET A 82 10.43 8.06 13.71
N ALA A 83 9.42 8.86 13.37
CA ALA A 83 8.72 9.67 14.35
C ALA A 83 7.21 9.55 14.18
N PRO A 84 6.48 9.67 15.29
CA PRO A 84 5.00 9.59 15.28
C PRO A 84 4.36 10.80 14.61
N GLY A 85 3.04 10.79 14.54
CA GLY A 85 2.32 11.89 13.92
C GLY A 85 1.13 11.42 13.10
N ASN A 86 0.90 12.09 11.97
CA ASN A 86 -0.20 11.73 11.09
C ASN A 86 0.27 11.55 9.65
N TYR A 87 0.25 10.32 9.18
CA TYR A 87 0.68 10.01 7.82
C TYR A 87 -0.52 9.81 6.90
N LEU A 88 -0.26 9.82 5.59
CA LEU A 88 -1.32 9.63 4.60
C LEU A 88 -0.87 8.69 3.49
N ILE A 89 -1.78 7.82 3.07
CA ILE A 89 -1.49 6.86 2.01
C ILE A 89 -2.56 6.88 0.93
N SER A 90 -2.19 7.29 -0.27
CA SER A 90 -3.12 7.36 -1.39
C SER A 90 -2.83 6.26 -2.40
N VAL A 91 -3.87 5.56 -2.82
CA VAL A 91 -3.73 4.48 -3.80
C VAL A 91 -4.59 4.75 -5.04
N LYS A 92 -3.95 4.66 -6.21
CA LYS A 92 -4.66 4.89 -7.46
C LYS A 92 -4.54 3.68 -8.39
N TYR A 93 -5.59 3.39 -9.13
CA TYR A 93 -5.60 2.26 -10.06
C TYR A 93 -6.49 2.55 -11.26
N GLY A 94 -5.97 2.26 -12.45
CA GLY A 94 -6.72 2.49 -13.67
C GLY A 94 -6.71 3.94 -14.09
N GLY A 95 -7.26 4.81 -13.26
CA GLY A 95 -7.30 6.23 -13.57
C GLY A 95 -6.98 7.09 -12.37
N PRO A 96 -7.42 8.36 -12.42
CA PRO A 96 -7.18 9.32 -11.34
C PRO A 96 -7.99 9.00 -10.09
N ASN A 97 -9.04 8.19 -10.26
CA ASN A 97 -9.90 7.80 -9.15
C ASN A 97 -9.11 6.99 -8.12
N HIS A 98 -9.70 6.81 -6.94
CA HIS A 98 -9.06 6.05 -5.87
C HIS A 98 -9.80 4.74 -5.62
N ILE A 99 -9.06 3.72 -5.21
CA ILE A 99 -9.65 2.41 -4.93
C ILE A 99 -10.49 2.45 -3.66
N VAL A 100 -11.23 1.37 -3.41
CA VAL A 100 -12.08 1.27 -2.23
C VAL A 100 -11.25 1.44 -0.96
N GLY A 101 -11.79 2.19 0.00
CA GLY A 101 -11.11 2.41 1.25
C GLY A 101 -10.21 3.63 1.22
N SER A 102 -9.35 3.71 0.21
CA SER A 102 -8.43 4.83 0.06
C SER A 102 -9.20 6.14 -0.04
N PRO A 103 -8.56 7.23 0.43
CA PRO A 103 -7.22 7.18 1.00
C PRO A 103 -7.19 6.47 2.34
N PHE A 104 -6.04 5.93 2.71
CA PHE A 104 -5.88 5.21 3.96
C PHE A 104 -5.11 6.06 4.98
N LYS A 105 -5.72 6.29 6.14
CA LYS A 105 -5.09 7.10 7.18
C LYS A 105 -4.57 6.20 8.30
N ALA A 106 -3.32 6.42 8.69
CA ALA A 106 -2.69 5.63 9.75
C ALA A 106 -2.12 6.54 10.83
N LYS A 107 -2.27 6.11 12.09
CA LYS A 107 -1.77 6.88 13.21
C LYS A 107 -0.47 6.27 13.75
N VAL A 108 0.58 7.08 13.81
CA VAL A 108 1.87 6.62 14.31
C VAL A 108 2.15 7.19 15.70
N THR A 109 2.19 6.32 16.70
CA THR A 109 2.45 6.72 18.07
C THR A 109 3.29 5.69 18.80
N GLY A 110 4.10 6.15 19.76
CA GLY A 110 4.94 5.24 20.52
C GLY A 110 6.34 5.15 19.95
N GLN A 111 7.25 4.55 20.72
CA GLN A 111 8.63 4.40 20.29
C GLN A 111 9.06 5.55 19.39
N ARG A 112 8.80 6.78 19.84
CA ARG A 112 9.15 7.97 19.09
C ARG A 112 10.67 8.12 18.99
N LEU A 113 11.22 7.73 17.85
CA LEU A 113 12.66 7.82 17.62
C LEU A 113 13.06 9.23 17.21
N VAL A 114 12.88 10.18 18.12
CA VAL A 114 13.21 11.58 17.84
C VAL A 114 14.73 11.76 17.70
N SER A 115 15.14 12.90 17.15
CA SER A 115 16.56 13.19 16.96
C SER A 115 16.77 14.68 16.71
N PRO A 116 17.91 15.19 17.19
CA PRO A 116 18.27 16.61 17.02
C PRO A 116 18.59 16.97 15.58
N GLY A 117 18.94 15.95 14.78
CA GLY A 117 19.27 16.18 13.39
C GLY A 117 20.03 15.03 12.78
N SER A 118 19.39 14.31 11.86
CA SER A 118 20.03 13.17 11.20
C SER A 118 20.41 13.52 9.76
N ALA A 119 21.71 13.63 9.52
CA ALA A 119 22.21 13.96 8.19
C ALA A 119 23.59 13.36 7.95
N ASN A 120 23.81 12.86 6.74
CA ASN A 120 25.09 12.26 6.38
C ASN A 120 25.19 12.02 4.88
N GLU A 121 26.09 12.75 4.23
CA GLU A 121 26.27 12.62 2.79
C GLU A 121 27.76 12.46 2.44
N THR A 122 28.05 11.57 1.50
CA THR A 122 29.42 11.33 1.09
C THR A 122 29.90 12.40 0.11
N SER A 123 31.15 12.82 0.27
CA SER A 123 31.73 13.84 -0.59
C SER A 123 32.52 13.21 -1.73
N SER A 124 32.82 14.01 -2.74
CA SER A 124 33.57 13.52 -3.91
C SER A 124 34.28 14.68 -4.61
N ILE A 125 34.99 14.36 -5.68
CA ILE A 125 35.72 15.36 -6.45
C ILE A 125 34.76 16.23 -7.27
N GLY A 1 -30.15 -34.44 6.59
CA GLY A 1 -30.68 -34.30 5.24
C GLY A 1 -29.58 -34.14 4.21
N SER A 2 -29.29 -32.88 3.87
CA SER A 2 -28.25 -32.59 2.88
C SER A 2 -27.02 -31.99 3.54
N SER A 3 -25.98 -32.80 3.68
CA SER A 3 -24.74 -32.36 4.31
C SER A 3 -23.65 -32.14 3.26
N GLY A 4 -24.03 -31.56 2.13
CA GLY A 4 -23.08 -31.29 1.07
C GLY A 4 -23.03 -29.83 0.68
N SER A 5 -22.61 -28.99 1.63
CA SER A 5 -22.52 -27.56 1.39
C SER A 5 -21.39 -27.24 0.42
N SER A 6 -21.61 -26.23 -0.43
CA SER A 6 -20.62 -25.83 -1.43
C SER A 6 -20.90 -24.44 -1.94
N GLY A 7 -19.94 -23.86 -2.65
CA GLY A 7 -20.10 -22.52 -3.20
C GLY A 7 -19.55 -22.40 -4.60
N PHE A 8 -19.32 -21.16 -5.03
CA PHE A 8 -18.80 -20.90 -6.37
C PHE A 8 -18.48 -19.43 -6.55
N LYS A 9 -17.60 -19.14 -7.51
CA LYS A 9 -17.20 -17.76 -7.78
C LYS A 9 -18.39 -16.94 -8.26
N VAL A 10 -18.61 -15.79 -7.63
CA VAL A 10 -19.71 -14.91 -7.99
C VAL A 10 -19.21 -13.60 -8.58
N ARG A 11 -19.88 -13.12 -9.61
CA ARG A 11 -19.50 -11.88 -10.28
C ARG A 11 -19.84 -10.68 -9.40
N VAL A 12 -18.82 -9.92 -9.04
CA VAL A 12 -19.01 -8.74 -8.20
C VAL A 12 -18.49 -7.48 -8.90
N GLY A 13 -19.40 -6.75 -9.55
CA GLY A 13 -19.02 -5.55 -10.25
C GLY A 13 -18.16 -5.82 -11.46
N GLU A 14 -18.59 -5.33 -12.62
CA GLU A 14 -17.86 -5.54 -13.86
C GLU A 14 -16.74 -4.50 -14.02
N PRO A 15 -15.70 -4.87 -14.77
CA PRO A 15 -14.55 -3.98 -15.01
C PRO A 15 -14.90 -2.80 -15.90
N GLY A 16 -14.94 -1.60 -15.31
CA GLY A 16 -15.27 -0.41 -16.06
C GLY A 16 -14.62 -0.39 -17.42
N GLN A 17 -13.38 0.09 -17.48
CA GLN A 17 -12.66 0.16 -18.74
C GLN A 17 -11.15 0.26 -18.50
N ALA A 18 -10.39 -0.66 -19.08
CA ALA A 18 -8.95 -0.68 -18.93
C ALA A 18 -8.55 -0.89 -17.47
N GLY A 19 -9.27 -1.78 -16.79
CA GLY A 19 -8.98 -2.06 -15.39
C GLY A 19 -9.73 -1.14 -14.46
N ASN A 20 -10.32 -1.72 -13.41
CA ASN A 20 -11.08 -0.93 -12.43
C ASN A 20 -10.30 -0.80 -11.13
N PRO A 21 -10.16 0.43 -10.65
CA PRO A 21 -9.44 0.72 -9.40
C PRO A 21 -10.20 0.22 -8.17
N ALA A 22 -11.52 0.37 -8.20
CA ALA A 22 -12.35 -0.07 -7.08
C ALA A 22 -12.04 -1.51 -6.69
N LEU A 23 -11.85 -2.37 -7.70
CA LEU A 23 -11.54 -3.76 -7.46
C LEU A 23 -10.30 -3.91 -6.58
N VAL A 24 -9.25 -3.16 -6.91
CA VAL A 24 -8.01 -3.21 -6.16
C VAL A 24 -8.25 -2.90 -4.68
N SER A 25 -7.73 -3.77 -3.82
CA SER A 25 -7.88 -3.60 -2.38
C SER A 25 -6.53 -3.58 -1.68
N ALA A 26 -6.54 -3.23 -0.39
CA ALA A 26 -5.31 -3.17 0.39
C ALA A 26 -5.52 -3.76 1.78
N TYR A 27 -4.55 -4.53 2.25
CA TYR A 27 -4.63 -5.14 3.57
C TYR A 27 -3.25 -5.61 4.03
N GLY A 28 -3.07 -5.67 5.35
CA GLY A 28 -1.81 -6.11 5.90
C GLY A 28 -1.64 -5.71 7.36
N THR A 29 -0.42 -5.78 7.86
CA THR A 29 -0.13 -5.44 9.25
C THR A 29 0.21 -3.96 9.39
N GLY A 30 0.86 -3.41 8.36
CA GLY A 30 1.24 -2.01 8.38
C GLY A 30 0.04 -1.08 8.52
N LEU A 31 -1.06 -1.43 7.86
CA LEU A 31 -2.27 -0.63 7.91
C LEU A 31 -2.85 -0.62 9.31
N GLU A 32 -2.77 -1.76 9.99
CA GLU A 32 -3.29 -1.89 11.34
C GLU A 32 -3.04 -0.61 12.14
N GLY A 33 -1.88 0.00 11.92
CA GLY A 33 -1.53 1.21 12.63
C GLY A 33 -0.18 1.75 12.22
N GLY A 34 0.35 2.69 13.00
CA GLY A 34 1.65 3.27 12.70
C GLY A 34 2.71 2.85 13.68
N THR A 35 3.62 1.97 13.23
CA THR A 35 4.70 1.49 14.07
C THR A 35 6.00 2.22 13.78
N THR A 36 6.46 3.02 14.75
CA THR A 36 7.70 3.77 14.59
C THR A 36 8.91 2.91 14.92
N GLY A 37 9.72 2.63 13.90
CA GLY A 37 10.91 1.82 14.11
C GLY A 37 10.79 0.45 13.46
N ILE A 38 9.59 -0.12 13.49
CA ILE A 38 9.35 -1.43 12.90
C ILE A 38 9.05 -1.31 11.41
N GLN A 39 9.42 -2.35 10.66
CA GLN A 39 9.19 -2.37 9.22
C GLN A 39 7.96 -3.21 8.88
N SER A 40 6.86 -2.53 8.57
CA SER A 40 5.62 -3.22 8.23
C SER A 40 5.54 -3.50 6.73
N GLU A 41 4.65 -4.41 6.35
CA GLU A 41 4.49 -4.78 4.94
C GLU A 41 3.03 -5.15 4.65
N PHE A 42 2.44 -4.47 3.68
CA PHE A 42 1.06 -4.73 3.30
C PHE A 42 0.95 -5.06 1.82
N PHE A 43 0.19 -6.10 1.51
CA PHE A 43 0.00 -6.53 0.12
C PHE A 43 -1.22 -5.85 -0.51
N ILE A 44 -1.19 -5.68 -1.82
CA ILE A 44 -2.28 -5.06 -2.53
C ILE A 44 -3.02 -6.06 -3.42
N ASN A 45 -4.30 -6.29 -3.12
CA ASN A 45 -5.10 -7.23 -3.88
C ASN A 45 -5.30 -6.74 -5.32
N THR A 46 -4.37 -7.09 -6.19
CA THR A 46 -4.43 -6.69 -7.58
C THR A 46 -4.34 -7.90 -8.51
N THR A 47 -5.05 -8.96 -8.16
CA THR A 47 -5.05 -10.18 -8.96
C THR A 47 -6.19 -10.17 -9.97
N ARG A 48 -7.19 -9.32 -9.74
CA ARG A 48 -8.33 -9.22 -10.62
C ARG A 48 -8.27 -7.93 -11.45
N ALA A 49 -7.70 -6.90 -10.86
CA ALA A 49 -7.58 -5.60 -11.54
C ALA A 49 -6.50 -5.67 -12.62
N GLY A 50 -5.29 -6.05 -12.24
CA GLY A 50 -4.20 -6.12 -13.18
C GLY A 50 -3.01 -5.28 -12.78
N PRO A 51 -1.87 -5.51 -13.45
CA PRO A 51 -0.63 -4.77 -13.15
C PRO A 51 -0.70 -3.31 -13.58
N GLY A 52 -1.11 -3.08 -14.83
CA GLY A 52 -1.22 -1.73 -15.34
C GLY A 52 -0.15 -0.82 -14.79
N THR A 53 -0.56 0.26 -14.11
CA THR A 53 0.37 1.21 -13.54
C THR A 53 0.12 1.40 -12.05
N LEU A 54 1.03 0.86 -11.23
CA LEU A 54 0.90 0.97 -9.78
C LEU A 54 1.44 2.31 -9.29
N SER A 55 0.54 3.14 -8.77
CA SER A 55 0.92 4.46 -8.27
C SER A 55 0.57 4.59 -6.79
N VAL A 56 1.59 4.53 -5.94
CA VAL A 56 1.40 4.64 -4.50
C VAL A 56 1.99 5.94 -3.97
N THR A 57 1.37 6.48 -2.92
CA THR A 57 1.83 7.73 -2.32
C THR A 57 1.61 7.72 -0.82
N ILE A 58 2.47 8.44 -0.09
CA ILE A 58 2.36 8.51 1.36
C ILE A 58 2.77 9.89 1.86
N GLU A 59 2.00 10.41 2.82
CA GLU A 59 2.28 11.72 3.39
C GLU A 59 2.37 11.65 4.92
N GLY A 60 3.16 12.54 5.50
CA GLY A 60 3.32 12.56 6.95
C GLY A 60 4.26 13.65 7.41
N PRO A 61 4.34 13.84 8.73
CA PRO A 61 5.21 14.87 9.34
C PRO A 61 6.68 14.54 9.19
N SER A 62 6.98 13.30 8.83
CA SER A 62 8.36 12.86 8.65
C SER A 62 8.49 11.94 7.44
N LYS A 63 9.21 12.41 6.42
CA LYS A 63 9.41 11.64 5.20
C LYS A 63 9.77 10.19 5.52
N VAL A 64 9.32 9.27 4.68
CA VAL A 64 9.59 7.85 4.88
C VAL A 64 10.08 7.20 3.59
N LYS A 65 10.96 6.22 3.72
CA LYS A 65 11.50 5.52 2.57
C LYS A 65 10.62 4.34 2.19
N MET A 66 10.32 4.22 0.90
CA MET A 66 9.48 3.13 0.40
C MET A 66 10.32 2.11 -0.35
N ASP A 67 9.96 0.83 -0.20
CA ASP A 67 10.67 -0.25 -0.88
C ASP A 67 9.79 -0.92 -1.93
N CYS A 68 9.64 -0.26 -3.07
CA CYS A 68 8.82 -0.79 -4.16
C CYS A 68 9.33 -2.16 -4.61
N GLN A 69 8.69 -3.21 -4.14
CA GLN A 69 9.08 -4.57 -4.49
C GLN A 69 7.89 -5.34 -5.07
N GLU A 70 8.04 -5.78 -6.32
CA GLU A 70 6.98 -6.53 -6.99
C GLU A 70 6.84 -7.93 -6.39
N THR A 71 5.66 -8.52 -6.55
CA THR A 71 5.38 -9.85 -6.02
C THR A 71 4.46 -10.62 -6.95
N PRO A 72 4.55 -11.96 -6.88
CA PRO A 72 3.72 -12.85 -7.70
C PRO A 72 2.26 -12.83 -7.29
N GLU A 73 1.95 -12.05 -6.27
CA GLU A 73 0.58 -11.93 -5.78
C GLU A 73 -0.03 -10.58 -6.13
N GLY A 74 0.69 -9.52 -5.80
CA GLY A 74 0.21 -8.18 -6.10
C GLY A 74 1.30 -7.14 -6.01
N TYR A 75 1.52 -6.61 -4.81
CA TYR A 75 2.55 -5.59 -4.60
C TYR A 75 2.84 -5.42 -3.10
N LYS A 76 4.07 -5.70 -2.72
CA LYS A 76 4.49 -5.59 -1.33
C LYS A 76 5.05 -4.20 -1.05
N VAL A 77 4.30 -3.39 -0.31
CA VAL A 77 4.72 -2.04 0.03
C VAL A 77 5.11 -1.94 1.50
N MET A 78 6.39 -1.72 1.76
CA MET A 78 6.88 -1.60 3.13
C MET A 78 7.33 -0.17 3.42
N TYR A 79 7.19 0.23 4.68
CA TYR A 79 7.58 1.58 5.09
C TYR A 79 7.78 1.65 6.59
N THR A 80 8.79 2.42 7.02
CA THR A 80 9.09 2.57 8.44
C THR A 80 9.17 4.04 8.82
N PRO A 81 8.14 4.53 9.53
CA PRO A 81 8.08 5.92 9.98
C PRO A 81 9.10 6.23 11.07
N MET A 82 10.00 7.16 10.80
CA MET A 82 11.03 7.54 11.76
C MET A 82 10.41 8.32 12.92
N ALA A 83 9.41 9.13 12.63
CA ALA A 83 8.73 9.92 13.65
C ALA A 83 7.23 9.65 13.66
N PRO A 84 6.62 9.73 14.84
CA PRO A 84 5.18 9.50 15.01
C PRO A 84 4.33 10.62 14.39
N GLY A 85 3.01 10.47 14.47
CA GLY A 85 2.12 11.47 13.91
C GLY A 85 1.05 10.85 13.04
N ASN A 86 0.40 11.70 12.24
CA ASN A 86 -0.65 11.23 11.34
C ASN A 86 -0.13 11.07 9.91
N TYR A 87 -0.23 9.85 9.38
CA TYR A 87 0.23 9.57 8.04
C TYR A 87 -0.94 9.26 7.11
N LEU A 88 -0.77 9.56 5.83
CA LEU A 88 -1.82 9.32 4.83
C LEU A 88 -1.27 8.50 3.66
N ILE A 89 -1.92 7.38 3.37
CA ILE A 89 -1.50 6.53 2.27
C ILE A 89 -2.48 6.62 1.09
N SER A 90 -2.02 7.20 -0.01
CA SER A 90 -2.86 7.35 -1.20
C SER A 90 -2.43 6.39 -2.29
N VAL A 91 -3.40 5.71 -2.89
CA VAL A 91 -3.11 4.75 -3.95
C VAL A 91 -4.04 4.97 -5.14
N LYS A 92 -3.50 4.85 -6.34
CA LYS A 92 -4.27 5.03 -7.56
C LYS A 92 -3.90 3.98 -8.60
N TYR A 93 -4.89 3.52 -9.35
CA TYR A 93 -4.68 2.51 -10.38
C TYR A 93 -5.48 2.82 -11.63
N GLY A 94 -4.78 3.25 -12.69
CA GLY A 94 -5.45 3.59 -13.93
C GLY A 94 -6.25 4.88 -13.84
N GLY A 95 -5.55 6.00 -13.82
CA GLY A 95 -6.22 7.29 -13.73
C GLY A 95 -6.11 7.90 -12.34
N PRO A 96 -6.58 9.15 -12.21
CA PRO A 96 -6.54 9.88 -10.93
C PRO A 96 -7.51 9.30 -9.91
N ASN A 97 -8.30 8.32 -10.33
CA ASN A 97 -9.27 7.67 -9.45
C ASN A 97 -8.56 6.84 -8.38
N HIS A 98 -9.07 6.93 -7.15
CA HIS A 98 -8.48 6.19 -6.04
C HIS A 98 -9.15 4.83 -5.88
N ILE A 99 -8.56 3.97 -5.05
CA ILE A 99 -9.10 2.64 -4.81
C ILE A 99 -10.02 2.63 -3.59
N VAL A 100 -10.71 1.51 -3.39
CA VAL A 100 -11.63 1.37 -2.27
C VAL A 100 -10.88 1.47 -0.94
N GLY A 101 -11.46 2.22 -0.01
CA GLY A 101 -10.83 2.38 1.29
C GLY A 101 -9.91 3.59 1.35
N SER A 102 -9.12 3.77 0.29
CA SER A 102 -8.19 4.88 0.22
C SER A 102 -8.93 6.21 0.06
N PRO A 103 -8.33 7.30 0.58
CA PRO A 103 -7.04 7.23 1.26
C PRO A 103 -7.14 6.52 2.61
N PHE A 104 -5.98 6.29 3.23
CA PHE A 104 -5.93 5.62 4.52
C PHE A 104 -5.36 6.55 5.60
N LYS A 105 -6.13 6.72 6.67
CA LYS A 105 -5.71 7.58 7.77
C LYS A 105 -5.22 6.76 8.96
N ALA A 106 -3.92 6.47 8.97
CA ALA A 106 -3.33 5.68 10.05
C ALA A 106 -2.62 6.58 11.06
N LYS A 107 -2.80 6.28 12.34
CA LYS A 107 -2.18 7.07 13.40
C LYS A 107 -0.96 6.34 13.97
N VAL A 108 0.17 7.05 14.01
CA VAL A 108 1.41 6.47 14.53
C VAL A 108 1.59 6.81 16.01
N THR A 109 2.11 5.85 16.77
CA THR A 109 2.33 6.05 18.19
C THR A 109 3.80 6.35 18.49
N GLY A 110 4.11 6.59 19.76
CA GLY A 110 5.48 6.88 20.14
C GLY A 110 5.75 8.37 20.22
N GLN A 111 6.98 8.74 20.56
CA GLN A 111 7.36 10.13 20.67
C GLN A 111 8.51 10.46 19.72
N ARG A 112 9.61 9.73 19.84
CA ARG A 112 10.78 9.95 19.01
C ARG A 112 11.83 8.87 19.24
N LEU A 113 12.17 8.14 18.18
CA LEU A 113 13.18 7.08 18.28
C LEU A 113 14.50 7.62 18.79
N VAL A 114 15.22 6.80 19.55
CA VAL A 114 16.52 7.19 20.10
C VAL A 114 17.60 7.15 19.02
N SER A 115 18.47 8.16 19.04
CA SER A 115 19.54 8.25 18.07
C SER A 115 20.28 6.91 17.94
N PRO A 116 20.87 6.67 16.77
CA PRO A 116 21.61 5.44 16.50
C PRO A 116 22.92 5.35 17.28
N GLY A 117 23.26 6.44 17.97
CA GLY A 117 24.48 6.48 18.75
C GLY A 117 24.31 5.85 20.12
N SER A 118 25.35 5.95 20.94
CA SER A 118 25.30 5.38 22.29
C SER A 118 26.28 6.11 23.21
N ALA A 119 26.09 5.95 24.51
CA ALA A 119 26.95 6.59 25.50
C ALA A 119 27.46 5.58 26.52
N ASN A 120 28.78 5.42 26.58
CA ASN A 120 29.39 4.48 27.50
C ASN A 120 30.88 4.79 27.69
N GLU A 121 31.28 4.96 28.94
CA GLU A 121 32.68 5.26 29.26
C GLU A 121 33.33 4.11 30.02
N THR A 122 34.37 3.54 29.44
CA THR A 122 35.09 2.42 30.06
C THR A 122 36.59 2.66 30.03
N SER A 123 37.20 2.66 31.22
CA SER A 123 38.64 2.86 31.33
C SER A 123 39.41 1.75 30.64
N SER A 124 40.56 2.10 30.06
CA SER A 124 41.39 1.12 29.37
C SER A 124 42.85 1.57 29.34
N ILE A 125 43.72 0.69 28.87
CA ILE A 125 45.15 1.00 28.79
C ILE A 125 45.59 1.90 29.93
N GLY A 1 -9.97 -45.03 1.07
CA GLY A 1 -9.15 -43.92 0.59
C GLY A 1 -8.79 -44.07 -0.88
N SER A 2 -9.24 -43.11 -1.69
CA SER A 2 -8.96 -43.14 -3.12
C SER A 2 -9.15 -41.75 -3.73
N SER A 3 -8.65 -41.59 -4.95
CA SER A 3 -8.76 -40.30 -5.64
C SER A 3 -9.17 -40.51 -7.10
N GLY A 4 -10.30 -39.91 -7.47
CA GLY A 4 -10.79 -40.04 -8.84
C GLY A 4 -11.58 -38.82 -9.28
N SER A 5 -11.04 -37.64 -9.00
CA SER A 5 -11.70 -36.39 -9.38
C SER A 5 -11.95 -36.34 -10.89
N SER A 6 -12.83 -35.44 -11.31
CA SER A 6 -13.14 -35.29 -12.72
C SER A 6 -12.33 -34.14 -13.33
N GLY A 7 -12.32 -33.00 -12.66
CA GLY A 7 -11.59 -31.86 -13.15
C GLY A 7 -12.30 -30.55 -12.90
N PHE A 8 -12.11 -29.99 -11.71
CA PHE A 8 -12.75 -28.73 -11.35
C PHE A 8 -12.19 -27.57 -12.16
N LYS A 9 -12.91 -27.19 -13.21
CA LYS A 9 -12.48 -26.09 -14.09
C LYS A 9 -12.55 -24.76 -13.35
N VAL A 10 -11.41 -24.09 -13.23
CA VAL A 10 -11.35 -22.81 -12.55
C VAL A 10 -10.58 -21.79 -13.39
N ARG A 11 -11.24 -20.67 -13.70
CA ARG A 11 -10.64 -19.61 -14.50
C ARG A 11 -10.41 -18.37 -13.65
N VAL A 12 -9.15 -18.08 -13.34
CA VAL A 12 -8.80 -16.91 -12.55
C VAL A 12 -8.42 -15.73 -13.44
N GLY A 13 -9.36 -14.81 -13.60
CA GLY A 13 -9.12 -13.64 -14.43
C GLY A 13 -9.04 -13.97 -15.91
N GLU A 14 -9.86 -13.29 -16.71
CA GLU A 14 -9.88 -13.53 -18.15
C GLU A 14 -8.99 -12.54 -18.88
N PRO A 15 -8.56 -12.90 -20.10
CA PRO A 15 -7.70 -12.06 -20.93
C PRO A 15 -8.42 -10.82 -21.45
N GLY A 16 -7.80 -9.66 -21.28
CA GLY A 16 -8.39 -8.42 -21.75
C GLY A 16 -7.68 -7.20 -21.20
N GLN A 17 -7.86 -6.07 -21.87
CA GLN A 17 -7.22 -4.82 -21.46
C GLN A 17 -8.13 -4.03 -20.53
N ALA A 18 -9.29 -4.59 -20.23
CA ALA A 18 -10.25 -3.93 -19.36
C ALA A 18 -9.99 -4.28 -17.89
N GLY A 19 -10.00 -3.26 -17.04
CA GLY A 19 -9.75 -3.47 -15.62
C GLY A 19 -10.74 -2.73 -14.74
N ASN A 20 -10.90 -3.19 -13.51
CA ASN A 20 -11.82 -2.57 -12.57
C ASN A 20 -11.14 -2.31 -11.23
N PRO A 21 -10.93 -1.03 -10.91
CA PRO A 21 -10.29 -0.63 -9.65
C PRO A 21 -11.18 -0.89 -8.44
N ALA A 22 -12.49 -0.84 -8.66
CA ALA A 22 -13.45 -1.08 -7.58
C ALA A 22 -13.22 -2.44 -6.93
N LEU A 23 -12.77 -3.41 -7.71
CA LEU A 23 -12.52 -4.75 -7.21
C LEU A 23 -11.17 -4.80 -6.48
N VAL A 24 -10.30 -3.84 -6.77
CA VAL A 24 -8.99 -3.78 -6.14
C VAL A 24 -9.12 -3.57 -4.63
N SER A 25 -8.33 -4.31 -3.86
CA SER A 25 -8.36 -4.21 -2.41
C SER A 25 -6.95 -4.13 -1.84
N ALA A 26 -6.82 -3.62 -0.62
CA ALA A 26 -5.54 -3.50 0.03
C ALA A 26 -5.58 -4.03 1.46
N TYR A 27 -4.60 -4.84 1.83
CA TYR A 27 -4.54 -5.41 3.17
C TYR A 27 -3.09 -5.55 3.63
N GLY A 28 -2.91 -5.65 4.94
CA GLY A 28 -1.57 -5.79 5.49
C GLY A 28 -1.52 -5.44 6.97
N THR A 29 -0.30 -5.27 7.50
CA THR A 29 -0.12 -4.94 8.90
C THR A 29 0.25 -3.47 9.07
N GLY A 30 0.63 -2.83 7.97
CA GLY A 30 0.99 -1.43 8.02
C GLY A 30 -0.22 -0.52 8.12
N LEU A 31 -1.35 -0.97 7.60
CA LEU A 31 -2.58 -0.20 7.62
C LEU A 31 -3.19 -0.19 9.02
N GLU A 32 -2.87 -1.22 9.80
CA GLU A 32 -3.39 -1.33 11.16
C GLU A 32 -3.04 -0.10 11.99
N GLY A 33 -1.82 0.40 11.80
CA GLY A 33 -1.38 1.57 12.53
C GLY A 33 0.06 1.94 12.21
N GLY A 34 0.61 2.89 12.98
CA GLY A 34 1.98 3.31 12.75
C GLY A 34 2.92 2.82 13.84
N THR A 35 3.71 1.81 13.51
CA THR A 35 4.66 1.24 14.45
C THR A 35 6.05 1.83 14.27
N THR A 36 6.45 2.71 15.18
CA THR A 36 7.76 3.35 15.11
C THR A 36 8.86 2.39 15.53
N GLY A 37 9.71 2.01 14.58
CA GLY A 37 10.80 1.09 14.87
C GLY A 37 10.66 -0.23 14.13
N ILE A 38 9.45 -0.52 13.68
CA ILE A 38 9.19 -1.76 12.96
C ILE A 38 8.94 -1.49 11.47
N GLN A 39 9.04 -2.54 10.67
CA GLN A 39 8.84 -2.42 9.23
C GLN A 39 7.60 -3.21 8.79
N SER A 40 6.53 -2.50 8.48
CA SER A 40 5.29 -3.13 8.05
C SER A 40 5.22 -3.22 6.54
N GLU A 41 4.34 -4.09 6.04
CA GLU A 41 4.19 -4.28 4.60
C GLU A 41 2.73 -4.61 4.25
N PHE A 42 2.18 -3.89 3.27
CA PHE A 42 0.81 -4.11 2.84
C PHE A 42 0.75 -4.42 1.35
N PHE A 43 0.20 -5.58 1.01
CA PHE A 43 0.08 -5.99 -0.38
C PHE A 43 -1.25 -5.53 -0.98
N ILE A 44 -1.23 -5.18 -2.26
CA ILE A 44 -2.43 -4.73 -2.95
C ILE A 44 -3.08 -5.86 -3.73
N ASN A 45 -4.22 -6.34 -3.23
CA ASN A 45 -4.94 -7.43 -3.89
C ASN A 45 -5.32 -7.04 -5.31
N THR A 46 -4.45 -7.36 -6.27
CA THR A 46 -4.69 -7.05 -7.66
C THR A 46 -4.48 -8.28 -8.55
N THR A 47 -5.13 -9.38 -8.18
CA THR A 47 -5.01 -10.62 -8.94
C THR A 47 -6.33 -10.97 -9.64
N ARG A 48 -7.37 -10.19 -9.34
CA ARG A 48 -8.68 -10.41 -9.94
C ARG A 48 -9.26 -9.11 -10.48
N ALA A 49 -8.52 -8.02 -10.30
CA ALA A 49 -8.96 -6.71 -10.76
C ALA A 49 -8.45 -6.44 -12.18
N GLY A 50 -7.20 -6.78 -12.44
CA GLY A 50 -6.62 -6.57 -13.75
C GLY A 50 -5.28 -5.86 -13.68
N PRO A 51 -4.51 -5.93 -14.78
CA PRO A 51 -3.20 -5.29 -14.87
C PRO A 51 -3.29 -3.77 -14.91
N GLY A 52 -2.14 -3.11 -15.04
CA GLY A 52 -2.11 -1.66 -15.09
C GLY A 52 -1.10 -1.07 -14.14
N THR A 53 -0.72 0.18 -14.38
CA THR A 53 0.25 0.87 -13.53
C THR A 53 -0.41 1.43 -12.29
N LEU A 54 0.36 1.55 -11.21
CA LEU A 54 -0.14 2.08 -9.95
C LEU A 54 0.76 3.18 -9.41
N SER A 55 0.22 4.00 -8.52
CA SER A 55 0.99 5.10 -7.93
C SER A 55 0.62 5.28 -6.46
N VAL A 56 1.63 5.28 -5.60
CA VAL A 56 1.43 5.46 -4.17
C VAL A 56 2.26 6.60 -3.62
N THR A 57 1.71 7.33 -2.66
CA THR A 57 2.40 8.46 -2.06
C THR A 57 2.11 8.55 -0.56
N ILE A 58 3.16 8.51 0.25
CA ILE A 58 3.01 8.58 1.70
C ILE A 58 3.39 9.97 2.21
N GLU A 59 2.57 10.50 3.12
CA GLU A 59 2.81 11.82 3.69
C GLU A 59 2.84 11.75 5.21
N GLY A 60 3.71 12.54 5.82
CA GLY A 60 3.81 12.56 7.27
C GLY A 60 4.84 13.55 7.77
N PRO A 61 4.93 13.72 9.10
CA PRO A 61 5.86 14.65 9.72
C PRO A 61 7.32 14.18 9.59
N SER A 62 7.50 12.88 9.43
CA SER A 62 8.84 12.31 9.30
C SER A 62 9.01 11.65 7.93
N LYS A 63 9.45 12.43 6.95
CA LYS A 63 9.66 11.93 5.60
C LYS A 63 10.17 10.49 5.63
N VAL A 64 9.24 9.54 5.54
CA VAL A 64 9.59 8.13 5.55
C VAL A 64 10.01 7.65 4.16
N LYS A 65 10.68 6.50 4.12
CA LYS A 65 11.14 5.94 2.85
C LYS A 65 10.24 4.80 2.40
N MET A 66 9.91 4.77 1.12
CA MET A 66 9.05 3.73 0.56
C MET A 66 9.82 2.86 -0.42
N ASP A 67 9.65 1.55 -0.31
CA ASP A 67 10.33 0.61 -1.19
C ASP A 67 9.36 -0.02 -2.18
N CYS A 68 9.87 -0.47 -3.32
CA CYS A 68 9.05 -1.08 -4.34
C CYS A 68 9.60 -2.45 -4.74
N GLN A 69 9.09 -3.49 -4.10
CA GLN A 69 9.54 -4.85 -4.39
C GLN A 69 8.47 -5.63 -5.16
N GLU A 70 8.84 -6.12 -6.34
CA GLU A 70 7.91 -6.87 -7.18
C GLU A 70 7.56 -8.21 -6.53
N THR A 71 6.26 -8.48 -6.42
CA THR A 71 5.79 -9.72 -5.81
C THR A 71 4.86 -10.47 -6.76
N PRO A 72 4.82 -11.80 -6.61
CA PRO A 72 3.97 -12.66 -7.45
C PRO A 72 2.49 -12.49 -7.14
N GLU A 73 2.18 -11.62 -6.18
CA GLU A 73 0.81 -11.36 -5.79
C GLU A 73 0.34 -10.01 -6.32
N GLY A 74 1.24 -9.03 -6.30
CA GLY A 74 0.89 -7.70 -6.78
C GLY A 74 1.98 -6.69 -6.49
N TYR A 75 1.70 -5.77 -5.58
CA TYR A 75 2.66 -4.74 -5.20
C TYR A 75 2.78 -4.62 -3.69
N LYS A 76 3.99 -4.79 -3.18
CA LYS A 76 4.25 -4.71 -1.75
C LYS A 76 5.02 -3.44 -1.41
N VAL A 77 4.47 -2.64 -0.50
CA VAL A 77 5.10 -1.40 -0.09
C VAL A 77 5.54 -1.46 1.37
N MET A 78 6.73 -0.94 1.66
CA MET A 78 7.26 -0.94 3.02
C MET A 78 7.61 0.47 3.46
N TYR A 79 7.36 0.78 4.73
CA TYR A 79 7.65 2.10 5.27
C TYR A 79 7.89 2.02 6.78
N THR A 80 9.08 2.45 7.21
CA THR A 80 9.43 2.43 8.62
C THR A 80 9.48 3.84 9.19
N PRO A 81 8.44 4.22 9.95
CA PRO A 81 8.34 5.54 10.56
C PRO A 81 9.35 5.73 11.70
N MET A 82 10.06 6.85 11.67
CA MET A 82 11.05 7.14 12.70
C MET A 82 10.43 7.93 13.84
N ALA A 83 9.46 8.77 13.52
CA ALA A 83 8.78 9.58 14.52
C ALA A 83 7.27 9.44 14.42
N PRO A 84 6.59 9.48 15.57
CA PRO A 84 5.13 9.35 15.64
C PRO A 84 4.41 10.57 15.07
N GLY A 85 3.09 10.49 14.99
CA GLY A 85 2.31 11.59 14.46
C GLY A 85 1.17 11.12 13.58
N ASN A 86 1.00 11.77 12.43
CA ASN A 86 -0.06 11.41 11.50
C ASN A 86 0.51 11.17 10.11
N TYR A 87 0.14 10.03 9.52
CA TYR A 87 0.62 9.67 8.18
C TYR A 87 -0.55 9.49 7.23
N LEU A 88 -0.27 9.63 5.94
CA LEU A 88 -1.31 9.47 4.91
C LEU A 88 -0.78 8.69 3.72
N ILE A 89 -1.47 7.61 3.37
CA ILE A 89 -1.08 6.78 2.24
C ILE A 89 -2.08 6.89 1.10
N SER A 90 -1.57 7.23 -0.09
CA SER A 90 -2.43 7.37 -1.26
C SER A 90 -2.24 6.18 -2.21
N VAL A 91 -3.30 5.86 -2.95
CA VAL A 91 -3.26 4.75 -3.90
C VAL A 91 -4.06 5.07 -5.15
N LYS A 92 -3.49 4.77 -6.31
CA LYS A 92 -4.16 5.01 -7.58
C LYS A 92 -3.93 3.85 -8.55
N TYR A 93 -5.01 3.30 -9.07
CA TYR A 93 -4.92 2.18 -10.00
C TYR A 93 -5.72 2.48 -11.27
N GLY A 94 -5.19 2.04 -12.42
CA GLY A 94 -5.86 2.26 -13.68
C GLY A 94 -6.38 3.68 -13.82
N GLY A 95 -5.48 4.62 -14.08
CA GLY A 95 -5.87 6.01 -14.24
C GLY A 95 -5.93 6.74 -12.90
N PRO A 96 -6.32 8.02 -12.95
CA PRO A 96 -6.43 8.86 -11.75
C PRO A 96 -7.58 8.43 -10.85
N ASN A 97 -8.29 7.38 -11.25
CA ASN A 97 -9.42 6.87 -10.48
C ASN A 97 -8.94 6.08 -9.28
N HIS A 98 -8.94 6.71 -8.11
CA HIS A 98 -8.52 6.05 -6.88
C HIS A 98 -9.37 4.82 -6.59
N ILE A 99 -8.98 4.06 -5.59
CA ILE A 99 -9.70 2.85 -5.21
C ILE A 99 -10.34 3.00 -3.84
N VAL A 100 -11.27 2.09 -3.52
CA VAL A 100 -11.96 2.13 -2.24
C VAL A 100 -10.98 2.02 -1.08
N GLY A 101 -11.31 2.69 0.03
CA GLY A 101 -10.44 2.66 1.19
C GLY A 101 -9.53 3.87 1.27
N SER A 102 -8.99 4.28 0.12
CA SER A 102 -8.10 5.42 0.06
C SER A 102 -8.88 6.73 -0.10
N PRO A 103 -8.29 7.84 0.37
CA PRO A 103 -6.97 7.82 1.02
C PRO A 103 -7.01 7.13 2.38
N PHE A 104 -5.93 6.43 2.71
CA PHE A 104 -5.83 5.72 3.98
C PHE A 104 -5.23 6.63 5.06
N LYS A 105 -5.97 6.82 6.15
CA LYS A 105 -5.50 7.65 7.24
C LYS A 105 -5.06 6.79 8.43
N ALA A 106 -3.75 6.73 8.66
CA ALA A 106 -3.21 5.95 9.76
C ALA A 106 -2.55 6.85 10.80
N LYS A 107 -2.49 6.37 12.03
CA LYS A 107 -1.90 7.13 13.13
C LYS A 107 -0.75 6.35 13.78
N VAL A 108 0.37 7.02 14.01
CA VAL A 108 1.53 6.39 14.63
C VAL A 108 1.53 6.61 16.14
N THR A 109 2.02 5.61 16.87
CA THR A 109 2.08 5.69 18.33
C THR A 109 3.33 5.01 18.87
N GLY A 110 4.06 5.70 19.74
CA GLY A 110 5.26 5.15 20.31
C GLY A 110 6.23 6.23 20.77
N GLN A 111 7.34 5.79 21.36
CA GLN A 111 8.35 6.73 21.84
C GLN A 111 9.32 7.10 20.73
N ARG A 112 9.62 8.39 20.61
CA ARG A 112 10.53 8.88 19.59
C ARG A 112 11.81 8.06 19.55
N LEU A 113 12.25 7.69 18.35
CA LEU A 113 13.47 6.89 18.19
C LEU A 113 14.64 7.77 17.78
N VAL A 114 14.98 8.73 18.64
CA VAL A 114 16.08 9.64 18.37
C VAL A 114 17.36 8.87 18.06
N SER A 115 17.61 7.81 18.82
CA SER A 115 18.80 6.98 18.62
C SER A 115 18.69 6.17 17.34
N PRO A 116 19.81 6.04 16.62
CA PRO A 116 19.86 5.27 15.37
C PRO A 116 19.70 3.77 15.59
N GLY A 117 20.18 3.29 16.74
CA GLY A 117 20.08 1.88 17.05
C GLY A 117 21.29 1.38 17.82
N SER A 118 21.57 0.08 17.68
CA SER A 118 22.70 -0.53 18.38
C SER A 118 23.11 -1.84 17.71
N ALA A 119 24.41 -2.03 17.54
CA ALA A 119 24.93 -3.23 16.90
C ALA A 119 26.25 -3.65 17.55
N ASN A 120 26.65 -4.91 17.29
CA ASN A 120 27.89 -5.43 17.85
C ASN A 120 29.05 -5.23 16.87
N GLU A 121 29.98 -4.36 17.24
CA GLU A 121 31.14 -4.08 16.40
C GLU A 121 31.86 -5.37 16.03
N THR A 122 32.39 -5.41 14.80
CA THR A 122 33.11 -6.58 14.33
C THR A 122 34.61 -6.43 14.53
N SER A 123 35.27 -7.53 14.90
CA SER A 123 36.72 -7.51 15.12
C SER A 123 37.48 -7.63 13.80
N SER A 124 37.12 -8.64 13.00
CA SER A 124 37.76 -8.86 11.72
C SER A 124 39.23 -9.23 11.91
N ILE A 125 39.49 -10.13 12.85
CA ILE A 125 40.86 -10.57 13.13
C ILE A 125 41.62 -10.83 11.85
N GLY A 1 -38.78 -17.50 -43.72
CA GLY A 1 -38.71 -17.24 -42.30
C GLY A 1 -38.38 -18.48 -41.49
N SER A 2 -38.27 -18.32 -40.18
CA SER A 2 -37.96 -19.43 -39.30
C SER A 2 -38.18 -19.05 -37.84
N SER A 3 -38.59 -20.04 -37.03
CA SER A 3 -38.85 -19.80 -35.61
C SER A 3 -39.04 -21.13 -34.87
N GLY A 4 -39.23 -21.04 -33.57
CA GLY A 4 -39.45 -22.23 -32.77
C GLY A 4 -39.29 -21.96 -31.28
N SER A 5 -39.19 -23.03 -30.50
CA SER A 5 -39.04 -22.92 -29.05
C SER A 5 -37.77 -22.14 -28.70
N SER A 6 -37.85 -21.36 -27.63
CA SER A 6 -36.71 -20.57 -27.18
C SER A 6 -35.73 -21.42 -26.39
N GLY A 7 -36.23 -22.07 -25.35
CA GLY A 7 -35.37 -22.92 -24.52
C GLY A 7 -35.39 -22.50 -23.06
N PHE A 8 -34.57 -23.16 -22.26
CA PHE A 8 -34.49 -22.86 -20.83
C PHE A 8 -33.04 -22.69 -20.39
N LYS A 9 -32.48 -21.52 -20.67
CA LYS A 9 -31.09 -21.23 -20.30
C LYS A 9 -30.78 -19.76 -20.49
N VAL A 10 -29.88 -19.24 -19.67
CA VAL A 10 -29.49 -17.83 -19.74
C VAL A 10 -27.99 -17.68 -19.57
N ARG A 11 -27.42 -16.67 -20.24
CA ARG A 11 -25.99 -16.41 -20.17
C ARG A 11 -25.58 -16.02 -18.75
N VAL A 12 -24.60 -16.74 -18.21
CA VAL A 12 -24.12 -16.48 -16.86
C VAL A 12 -23.29 -15.20 -16.82
N GLY A 13 -23.89 -14.12 -16.33
CA GLY A 13 -23.20 -12.86 -16.24
C GLY A 13 -22.91 -12.25 -17.60
N GLU A 14 -23.53 -11.11 -17.87
CA GLU A 14 -23.34 -10.43 -19.15
C GLU A 14 -21.86 -10.21 -19.44
N PRO A 15 -21.52 -10.10 -20.73
CA PRO A 15 -20.13 -9.89 -21.18
C PRO A 15 -19.63 -8.50 -20.82
N GLY A 16 -19.05 -8.38 -19.62
CA GLY A 16 -18.53 -7.10 -19.19
C GLY A 16 -17.32 -7.24 -18.29
N GLN A 17 -16.16 -7.48 -18.90
CA GLN A 17 -14.91 -7.65 -18.15
C GLN A 17 -13.89 -6.59 -18.56
N ALA A 18 -13.69 -5.61 -17.70
CA ALA A 18 -12.74 -4.54 -17.95
C ALA A 18 -12.09 -4.05 -16.67
N GLY A 19 -10.86 -3.55 -16.79
CA GLY A 19 -10.14 -3.06 -15.63
C GLY A 19 -11.04 -2.36 -14.63
N ASN A 20 -11.07 -2.86 -13.40
CA ASN A 20 -11.90 -2.29 -12.35
C ASN A 20 -11.07 -1.92 -11.13
N PRO A 21 -11.11 -0.63 -10.76
CA PRO A 21 -10.36 -0.11 -9.60
C PRO A 21 -10.92 -0.63 -8.28
N ALA A 22 -12.23 -0.81 -8.22
CA ALA A 22 -12.88 -1.30 -7.01
C ALA A 22 -12.19 -2.55 -6.49
N LEU A 23 -11.97 -3.52 -7.37
CA LEU A 23 -11.32 -4.76 -7.00
C LEU A 23 -10.00 -4.50 -6.27
N VAL A 24 -9.21 -3.57 -6.81
CA VAL A 24 -7.93 -3.21 -6.22
C VAL A 24 -8.11 -2.78 -4.77
N SER A 25 -7.43 -3.48 -3.86
CA SER A 25 -7.51 -3.17 -2.44
C SER A 25 -6.14 -3.33 -1.77
N ALA A 26 -5.95 -2.64 -0.65
CA ALA A 26 -4.70 -2.71 0.09
C ALA A 26 -4.94 -2.97 1.58
N TYR A 27 -4.11 -3.82 2.17
CA TYR A 27 -4.25 -4.15 3.58
C TYR A 27 -2.92 -4.65 4.14
N GLY A 28 -2.81 -4.63 5.47
CA GLY A 28 -1.58 -5.09 6.12
C GLY A 28 -1.48 -4.63 7.55
N THR A 29 -0.29 -4.73 8.12
CA THR A 29 -0.06 -4.32 9.50
C THR A 29 0.35 -2.85 9.58
N GLY A 30 0.89 -2.33 8.49
CA GLY A 30 1.30 -0.94 8.45
C GLY A 30 0.15 0.01 8.17
N LEU A 31 -0.87 -0.50 7.50
CA LEU A 31 -2.03 0.31 7.15
C LEU A 31 -3.02 0.37 8.33
N GLU A 32 -3.05 -0.71 9.11
CA GLU A 32 -3.95 -0.79 10.26
C GLU A 32 -3.46 0.14 11.38
N GLY A 33 -2.15 0.23 11.55
CA GLY A 33 -1.59 1.08 12.58
C GLY A 33 -0.15 1.48 12.28
N GLY A 34 0.33 2.50 12.98
CA GLY A 34 1.68 2.98 12.76
C GLY A 34 2.62 2.58 13.89
N THR A 35 3.45 1.58 13.63
CA THR A 35 4.40 1.11 14.64
C THR A 35 5.77 1.75 14.45
N THR A 36 6.09 2.71 15.31
CA THR A 36 7.37 3.41 15.23
C THR A 36 8.51 2.52 15.73
N GLY A 37 9.46 2.26 14.86
CA GLY A 37 10.59 1.43 15.23
C GLY A 37 10.58 0.08 14.52
N ILE A 38 9.39 -0.34 14.09
CA ILE A 38 9.24 -1.62 13.41
C ILE A 38 8.92 -1.41 11.93
N GLN A 39 9.47 -2.28 11.09
CA GLN A 39 9.24 -2.20 9.65
C GLN A 39 7.91 -2.86 9.27
N SER A 40 6.92 -2.05 8.92
CA SER A 40 5.62 -2.56 8.53
C SER A 40 5.59 -2.94 7.05
N GLU A 41 4.63 -3.78 6.69
CA GLU A 41 4.49 -4.23 5.31
C GLU A 41 3.04 -4.51 4.96
N PHE A 42 2.60 -4.03 3.81
CA PHE A 42 1.22 -4.23 3.36
C PHE A 42 1.17 -4.58 1.88
N PHE A 43 0.36 -5.57 1.54
CA PHE A 43 0.22 -6.00 0.15
C PHE A 43 -0.97 -5.32 -0.52
N ILE A 44 -1.09 -5.50 -1.83
CA ILE A 44 -2.19 -4.90 -2.58
C ILE A 44 -2.88 -5.94 -3.46
N ASN A 45 -4.11 -6.29 -3.11
CA ASN A 45 -4.88 -7.26 -3.87
C ASN A 45 -5.14 -6.77 -5.28
N THR A 46 -4.25 -7.15 -6.21
CA THR A 46 -4.40 -6.74 -7.60
C THR A 46 -4.31 -7.95 -8.54
N THR A 47 -4.99 -9.03 -8.16
CA THR A 47 -5.00 -10.24 -8.97
C THR A 47 -6.27 -10.36 -9.78
N ARG A 48 -7.40 -9.98 -9.17
CA ARG A 48 -8.69 -10.04 -9.84
C ARG A 48 -8.81 -8.94 -10.89
N ALA A 49 -8.20 -7.79 -10.61
CA ALA A 49 -8.24 -6.67 -11.54
C ALA A 49 -7.19 -6.81 -12.64
N GLY A 50 -5.93 -6.91 -12.23
CA GLY A 50 -4.85 -7.06 -13.19
C GLY A 50 -3.81 -5.97 -13.05
N PRO A 51 -2.60 -6.23 -13.59
CA PRO A 51 -1.49 -5.29 -13.53
C PRO A 51 -1.72 -4.06 -14.41
N GLY A 52 -0.78 -3.13 -14.38
CA GLY A 52 -0.91 -1.92 -15.20
C GLY A 52 -0.30 -0.71 -14.53
N THR A 53 -1.13 0.29 -14.24
CA THR A 53 -0.67 1.51 -13.59
C THR A 53 -0.49 1.31 -12.08
N LEU A 54 0.67 1.68 -11.57
CA LEU A 54 0.96 1.55 -10.15
C LEU A 54 1.43 2.88 -9.56
N SER A 55 0.61 3.44 -8.68
CA SER A 55 0.95 4.72 -8.05
C SER A 55 0.71 4.64 -6.54
N VAL A 56 1.76 4.93 -5.77
CA VAL A 56 1.66 4.90 -4.32
C VAL A 56 2.46 6.04 -3.69
N THR A 57 1.76 7.03 -3.15
CA THR A 57 2.41 8.17 -2.53
C THR A 57 2.07 8.26 -1.04
N ILE A 58 3.10 8.23 -0.20
CA ILE A 58 2.89 8.31 1.25
C ILE A 58 3.35 9.67 1.79
N GLU A 59 2.61 10.18 2.76
CA GLU A 59 2.93 11.47 3.37
C GLU A 59 2.93 11.36 4.90
N GLY A 60 3.80 12.12 5.53
CA GLY A 60 3.88 12.10 6.98
C GLY A 60 4.83 13.16 7.53
N PRO A 61 4.82 13.33 8.87
CA PRO A 61 5.68 14.30 9.54
C PRO A 61 7.16 13.92 9.48
N SER A 62 7.42 12.61 9.47
CA SER A 62 8.79 12.11 9.42
C SER A 62 9.07 11.42 8.09
N LYS A 63 9.99 11.98 7.32
CA LYS A 63 10.36 11.44 6.02
C LYS A 63 10.73 9.95 6.15
N VAL A 64 10.17 9.14 5.26
CA VAL A 64 10.44 7.71 5.28
C VAL A 64 10.65 7.18 3.86
N LYS A 65 11.59 6.25 3.72
CA LYS A 65 11.90 5.66 2.42
C LYS A 65 11.02 4.44 2.15
N MET A 66 10.35 4.44 1.01
CA MET A 66 9.48 3.33 0.64
C MET A 66 10.20 2.35 -0.29
N ASP A 67 10.12 1.06 0.04
CA ASP A 67 10.77 0.03 -0.77
C ASP A 67 9.75 -0.71 -1.63
N CYS A 68 10.22 -1.33 -2.70
CA CYS A 68 9.35 -2.07 -3.60
C CYS A 68 9.87 -3.49 -3.82
N GLN A 69 8.98 -4.38 -4.26
CA GLN A 69 9.36 -5.77 -4.50
C GLN A 69 8.34 -6.44 -5.41
N GLU A 70 8.77 -6.79 -6.62
CA GLU A 70 7.89 -7.45 -7.57
C GLU A 70 7.42 -8.81 -7.06
N THR A 71 6.13 -8.92 -6.80
CA THR A 71 5.55 -10.16 -6.29
C THR A 71 4.60 -10.78 -7.30
N PRO A 72 4.44 -12.11 -7.22
CA PRO A 72 3.55 -12.85 -8.12
C PRO A 72 2.08 -12.56 -7.86
N GLU A 73 1.82 -11.72 -6.86
CA GLU A 73 0.45 -11.37 -6.50
C GLU A 73 0.11 -9.96 -6.99
N GLY A 74 0.99 -9.00 -6.69
CA GLY A 74 0.78 -7.64 -7.10
C GLY A 74 1.97 -6.74 -6.81
N TYR A 75 1.93 -6.06 -5.67
CA TYR A 75 3.02 -5.17 -5.28
C TYR A 75 3.07 -5.01 -3.76
N LYS A 76 4.25 -5.23 -3.20
CA LYS A 76 4.44 -5.11 -1.76
C LYS A 76 5.12 -3.79 -1.41
N VAL A 77 4.54 -3.08 -0.44
CA VAL A 77 5.08 -1.80 0.00
C VAL A 77 5.39 -1.80 1.49
N MET A 78 6.62 -1.48 1.84
CA MET A 78 7.04 -1.45 3.25
C MET A 78 7.60 -0.08 3.61
N TYR A 79 7.40 0.32 4.87
CA TYR A 79 7.88 1.60 5.34
C TYR A 79 8.00 1.61 6.87
N THR A 80 9.04 2.27 7.36
CA THR A 80 9.28 2.35 8.80
C THR A 80 9.32 3.80 9.27
N PRO A 81 8.27 4.22 10.00
CA PRO A 81 8.16 5.58 10.53
C PRO A 81 9.18 5.86 11.63
N MET A 82 9.91 6.96 11.49
CA MET A 82 10.92 7.33 12.49
C MET A 82 10.26 7.98 13.70
N ALA A 83 9.23 8.79 13.46
CA ALA A 83 8.52 9.46 14.53
C ALA A 83 7.01 9.31 14.36
N PRO A 84 6.29 9.31 15.50
CA PRO A 84 4.83 9.18 15.51
C PRO A 84 4.13 10.41 14.95
N GLY A 85 2.88 10.25 14.53
CA GLY A 85 2.13 11.36 13.97
C GLY A 85 0.99 10.91 13.09
N ASN A 86 0.75 11.64 12.01
CA ASN A 86 -0.33 11.31 11.08
C ASN A 86 0.23 11.09 9.67
N TYR A 87 0.05 9.88 9.15
CA TYR A 87 0.53 9.54 7.83
C TYR A 87 -0.64 9.31 6.86
N LEU A 88 -0.46 9.76 5.62
CA LEU A 88 -1.50 9.62 4.60
C LEU A 88 -1.04 8.67 3.49
N ILE A 89 -1.84 7.65 3.24
CA ILE A 89 -1.52 6.67 2.19
C ILE A 89 -2.67 6.53 1.20
N SER A 90 -2.43 6.92 -0.04
CA SER A 90 -3.45 6.83 -1.09
C SER A 90 -3.03 5.84 -2.16
N VAL A 91 -3.98 5.47 -3.01
CA VAL A 91 -3.72 4.53 -4.09
C VAL A 91 -4.62 4.81 -5.30
N LYS A 92 -4.00 5.11 -6.43
CA LYS A 92 -4.73 5.39 -7.66
C LYS A 92 -4.55 4.28 -8.68
N TYR A 93 -5.63 3.59 -9.01
CA TYR A 93 -5.59 2.50 -9.98
C TYR A 93 -6.29 2.89 -11.28
N GLY A 94 -5.57 2.81 -12.39
CA GLY A 94 -6.15 3.16 -13.67
C GLY A 94 -5.82 4.57 -14.10
N GLY A 95 -5.94 5.51 -13.16
CA GLY A 95 -5.65 6.91 -13.46
C GLY A 95 -6.14 7.85 -12.38
N PRO A 96 -7.11 8.70 -12.73
CA PRO A 96 -7.69 9.67 -11.79
C PRO A 96 -8.52 9.00 -10.71
N ASN A 97 -9.35 8.05 -11.11
CA ASN A 97 -10.21 7.33 -10.16
C ASN A 97 -9.37 6.48 -9.21
N HIS A 98 -9.53 6.72 -7.91
CA HIS A 98 -8.79 5.98 -6.89
C HIS A 98 -9.50 4.67 -6.56
N ILE A 99 -8.96 3.95 -5.57
CA ILE A 99 -9.55 2.69 -5.16
C ILE A 99 -10.42 2.87 -3.91
N VAL A 100 -11.22 1.85 -3.62
CA VAL A 100 -12.11 1.89 -2.46
C VAL A 100 -11.31 1.84 -1.16
N GLY A 101 -11.78 2.56 -0.14
CA GLY A 101 -11.10 2.58 1.13
C GLY A 101 -10.20 3.79 1.29
N SER A 102 -9.48 4.13 0.23
CA SER A 102 -8.58 5.27 0.26
C SER A 102 -9.35 6.58 0.17
N PRO A 103 -8.72 7.67 0.63
CA PRO A 103 -7.36 7.63 1.19
C PRO A 103 -7.32 6.92 2.53
N PHE A 104 -6.14 6.41 2.89
CA PHE A 104 -5.95 5.72 4.15
C PHE A 104 -5.35 6.63 5.20
N LYS A 105 -5.91 6.60 6.41
CA LYS A 105 -5.43 7.44 7.50
C LYS A 105 -5.02 6.57 8.70
N ALA A 106 -3.71 6.32 8.82
CA ALA A 106 -3.19 5.52 9.91
C ALA A 106 -2.59 6.41 11.00
N LYS A 107 -2.51 5.86 12.22
CA LYS A 107 -1.96 6.60 13.34
C LYS A 107 -0.68 5.95 13.84
N VAL A 108 0.40 6.73 13.88
CA VAL A 108 1.69 6.22 14.34
C VAL A 108 2.01 6.74 15.73
N THR A 109 2.21 5.81 16.68
CA THR A 109 2.53 6.18 18.05
C THR A 109 3.90 5.66 18.45
N GLY A 110 4.50 6.29 19.46
CA GLY A 110 5.81 5.88 19.93
C GLY A 110 6.64 7.04 20.41
N GLN A 111 7.96 6.88 20.35
CA GLN A 111 8.87 7.94 20.80
C GLN A 111 9.90 8.25 19.72
N ARG A 112 10.32 9.51 19.66
CA ARG A 112 11.29 9.95 18.67
C ARG A 112 12.47 8.96 18.60
N LEU A 113 12.55 8.24 17.49
CA LEU A 113 13.61 7.26 17.29
C LEU A 113 14.78 7.88 16.54
N VAL A 114 15.12 9.13 16.89
CA VAL A 114 16.22 9.83 16.25
C VAL A 114 17.51 9.01 16.33
N SER A 115 17.83 8.33 15.23
CA SER A 115 19.03 7.51 15.19
C SER A 115 20.29 8.38 15.25
N PRO A 116 21.30 7.89 16.00
CA PRO A 116 22.56 8.61 16.16
C PRO A 116 23.39 8.64 14.89
N GLY A 117 23.59 7.48 14.28
CA GLY A 117 24.35 7.38 13.05
C GLY A 117 25.37 6.26 13.08
N SER A 118 26.57 6.53 12.58
CA SER A 118 27.62 5.53 12.55
C SER A 118 28.83 5.98 13.35
N ALA A 119 29.08 5.31 14.47
CA ALA A 119 30.20 5.65 15.34
C ALA A 119 30.99 4.40 15.71
N ASN A 120 32.32 4.50 15.64
CA ASN A 120 33.19 3.37 15.96
C ASN A 120 34.52 3.86 16.52
N GLU A 121 35.18 3.02 17.30
CA GLU A 121 36.46 3.36 17.90
C GLU A 121 37.41 2.16 17.91
N THR A 122 38.70 2.44 17.99
CA THR A 122 39.70 1.37 18.00
C THR A 122 40.60 1.48 19.23
N SER A 123 41.43 0.47 19.46
CA SER A 123 42.33 0.45 20.60
C SER A 123 43.52 -0.48 20.34
N SER A 124 44.68 0.11 20.12
CA SER A 124 45.89 -0.67 19.86
C SER A 124 46.41 -1.31 21.14
N ILE A 125 47.35 -2.24 20.99
CA ILE A 125 47.94 -2.93 22.13
C ILE A 125 48.64 -1.95 23.06
N GLY A 1 -44.06 17.72 6.80
CA GLY A 1 -43.98 16.30 7.08
C GLY A 1 -42.76 15.66 6.43
N SER A 2 -42.85 14.38 6.13
CA SER A 2 -41.76 13.64 5.52
C SER A 2 -42.23 12.30 4.97
N SER A 3 -41.41 11.69 4.13
CA SER A 3 -41.74 10.40 3.53
C SER A 3 -40.56 9.83 2.76
N GLY A 4 -40.72 8.62 2.25
CA GLY A 4 -39.65 7.97 1.49
C GLY A 4 -39.76 6.46 1.51
N SER A 5 -39.04 5.81 0.60
CA SER A 5 -39.06 4.36 0.51
C SER A 5 -37.68 3.81 0.18
N SER A 6 -37.05 3.17 1.16
CA SER A 6 -35.73 2.59 0.98
C SER A 6 -35.81 1.12 0.61
N GLY A 7 -35.19 0.77 -0.52
CA GLY A 7 -35.21 -0.61 -0.98
C GLY A 7 -35.62 -0.73 -2.43
N PHE A 8 -34.65 -0.64 -3.33
CA PHE A 8 -34.91 -0.74 -4.75
C PHE A 8 -34.00 -1.79 -5.40
N LYS A 9 -34.61 -2.76 -6.06
CA LYS A 9 -33.86 -3.81 -6.73
C LYS A 9 -33.20 -3.30 -8.00
N VAL A 10 -31.91 -2.97 -7.90
CA VAL A 10 -31.16 -2.47 -9.04
C VAL A 10 -29.77 -3.08 -9.10
N ARG A 11 -29.41 -3.62 -10.26
CA ARG A 11 -28.10 -4.23 -10.45
C ARG A 11 -27.07 -3.21 -10.88
N VAL A 12 -26.08 -2.98 -10.02
CA VAL A 12 -25.02 -2.01 -10.32
C VAL A 12 -24.36 -2.31 -11.66
N GLY A 13 -24.67 -1.49 -12.66
CA GLY A 13 -24.11 -1.68 -13.98
C GLY A 13 -22.81 -0.91 -14.17
N GLU A 14 -21.70 -1.65 -14.29
CA GLU A 14 -20.39 -1.03 -14.48
C GLU A 14 -20.32 -0.28 -15.80
N PRO A 15 -19.45 0.73 -15.86
CA PRO A 15 -19.27 1.56 -17.06
C PRO A 15 -18.61 0.79 -18.19
N GLY A 16 -17.66 -0.08 -17.85
CA GLY A 16 -16.97 -0.85 -18.85
C GLY A 16 -15.75 -0.15 -19.40
N GLN A 17 -14.72 -0.02 -18.56
CA GLN A 17 -13.48 0.64 -18.97
C GLN A 17 -12.27 -0.22 -18.67
N ALA A 18 -11.33 -0.28 -19.61
CA ALA A 18 -10.12 -1.08 -19.44
C ALA A 18 -9.56 -0.92 -18.03
N GLY A 19 -9.60 -2.01 -17.26
CA GLY A 19 -9.09 -1.97 -15.90
C GLY A 19 -10.02 -1.23 -14.95
N ASN A 20 -10.32 -1.86 -13.81
CA ASN A 20 -11.21 -1.26 -12.82
C ASN A 20 -10.51 -1.16 -11.47
N PRO A 21 -10.49 0.05 -10.90
CA PRO A 21 -9.86 0.31 -9.60
C PRO A 21 -10.63 -0.32 -8.45
N ALA A 22 -11.96 -0.16 -8.48
CA ALA A 22 -12.81 -0.72 -7.44
C ALA A 22 -12.35 -2.11 -7.02
N LEU A 23 -12.02 -2.93 -8.02
CA LEU A 23 -11.56 -4.29 -7.76
C LEU A 23 -10.31 -4.29 -6.90
N VAL A 24 -9.40 -3.36 -7.18
CA VAL A 24 -8.16 -3.25 -6.44
C VAL A 24 -8.42 -2.90 -4.98
N SER A 25 -7.74 -3.60 -4.08
CA SER A 25 -7.91 -3.36 -2.65
C SER A 25 -6.56 -3.40 -1.93
N ALA A 26 -6.54 -2.89 -0.70
CA ALA A 26 -5.31 -2.87 0.09
C ALA A 26 -5.55 -3.48 1.47
N TYR A 27 -4.65 -4.38 1.86
CA TYR A 27 -4.76 -5.04 3.16
C TYR A 27 -3.38 -5.39 3.71
N GLY A 28 -3.31 -5.62 5.02
CA GLY A 28 -2.06 -5.97 5.65
C GLY A 28 -2.06 -5.71 7.14
N THR A 29 -0.89 -5.37 7.69
CA THR A 29 -0.77 -5.10 9.11
C THR A 29 -0.26 -3.67 9.35
N GLY A 30 0.28 -3.06 8.31
CA GLY A 30 0.79 -1.71 8.44
C GLY A 30 -0.31 -0.69 8.62
N LEU A 31 -1.47 -0.96 8.03
CA LEU A 31 -2.61 -0.05 8.14
C LEU A 31 -3.17 -0.03 9.55
N GLU A 32 -2.99 -1.14 10.26
CA GLU A 32 -3.47 -1.25 11.63
C GLU A 32 -3.03 -0.05 12.47
N GLY A 33 -1.91 0.55 12.08
CA GLY A 33 -1.40 1.71 12.80
C GLY A 33 0.04 2.01 12.45
N GLY A 34 0.57 3.09 13.02
CA GLY A 34 1.94 3.47 12.75
C GLY A 34 2.91 2.97 13.81
N THR A 35 3.66 1.92 13.48
CA THR A 35 4.62 1.35 14.42
C THR A 35 6.03 1.87 14.15
N THR A 36 6.49 2.79 15.00
CA THR A 36 7.81 3.37 14.85
C THR A 36 8.89 2.38 15.28
N GLY A 37 9.97 2.33 14.50
CA GLY A 37 11.07 1.42 14.81
C GLY A 37 10.91 0.07 14.15
N ILE A 38 9.66 -0.29 13.82
CA ILE A 38 9.38 -1.56 13.17
C ILE A 38 9.03 -1.37 11.70
N GLN A 39 9.16 -2.43 10.92
CA GLN A 39 8.86 -2.38 9.49
C GLN A 39 7.62 -3.22 9.17
N SER A 40 6.59 -2.55 8.66
CA SER A 40 5.34 -3.24 8.30
C SER A 40 5.22 -3.38 6.79
N GLU A 41 4.35 -4.29 6.36
CA GLU A 41 4.13 -4.54 4.94
C GLU A 41 2.67 -4.86 4.67
N PHE A 42 2.11 -4.23 3.64
CA PHE A 42 0.73 -4.46 3.27
C PHE A 42 0.62 -4.93 1.81
N PHE A 43 -0.22 -5.94 1.59
CA PHE A 43 -0.41 -6.47 0.24
C PHE A 43 -1.59 -5.80 -0.45
N ILE A 44 -1.47 -5.62 -1.76
CA ILE A 44 -2.52 -4.99 -2.55
C ILE A 44 -3.23 -6.00 -3.44
N ASN A 45 -4.54 -6.17 -3.20
CA ASN A 45 -5.33 -7.10 -3.98
C ASN A 45 -5.52 -6.61 -5.41
N THR A 46 -4.54 -6.88 -6.26
CA THR A 46 -4.60 -6.45 -7.65
C THR A 46 -4.26 -7.60 -8.59
N THR A 47 -4.87 -8.76 -8.33
CA THR A 47 -4.63 -9.94 -9.16
C THR A 47 -5.83 -10.22 -10.06
N ARG A 48 -7.03 -9.95 -9.57
CA ARG A 48 -8.24 -10.16 -10.34
C ARG A 48 -8.62 -8.92 -11.13
N ALA A 49 -7.85 -7.85 -10.94
CA ALA A 49 -8.11 -6.59 -11.64
C ALA A 49 -7.49 -6.60 -13.03
N GLY A 50 -6.26 -7.12 -13.14
CA GLY A 50 -5.59 -7.18 -14.42
C GLY A 50 -4.13 -6.78 -14.32
N PRO A 51 -3.85 -5.49 -14.57
CA PRO A 51 -2.49 -4.94 -14.52
C PRO A 51 -1.94 -4.89 -13.10
N GLY A 52 -0.69 -4.46 -12.98
CA GLY A 52 -0.07 -4.36 -11.66
C GLY A 52 0.76 -3.11 -11.50
N THR A 53 0.29 -2.01 -12.08
CA THR A 53 1.01 -0.74 -12.00
C THR A 53 0.12 0.35 -11.42
N LEU A 54 0.38 0.72 -10.17
CA LEU A 54 -0.39 1.76 -9.49
C LEU A 54 0.52 2.84 -8.92
N SER A 55 -0.06 3.98 -8.60
CA SER A 55 0.72 5.10 -8.04
C SER A 55 0.45 5.24 -6.55
N VAL A 56 1.36 4.73 -5.74
CA VAL A 56 1.23 4.81 -4.28
C VAL A 56 2.09 5.94 -3.71
N THR A 57 1.46 6.79 -2.92
CA THR A 57 2.16 7.92 -2.31
C THR A 57 1.75 8.11 -0.86
N ILE A 58 2.71 8.43 -0.01
CA ILE A 58 2.44 8.64 1.41
C ILE A 58 2.69 10.09 1.81
N GLU A 59 1.92 10.57 2.79
CA GLU A 59 2.05 11.95 3.26
C GLU A 59 2.13 11.99 4.77
N GLY A 60 3.15 12.68 5.29
CA GLY A 60 3.32 12.79 6.72
C GLY A 60 4.35 13.83 7.11
N PRO A 61 4.62 13.95 8.42
CA PRO A 61 5.58 14.92 8.94
C PRO A 61 7.03 14.55 8.58
N SER A 62 7.39 13.29 8.80
CA SER A 62 8.73 12.82 8.50
C SER A 62 8.72 11.90 7.28
N LYS A 63 9.90 11.70 6.69
CA LYS A 63 10.03 10.84 5.52
C LYS A 63 9.89 9.38 5.90
N VAL A 64 9.42 8.56 4.95
CA VAL A 64 9.25 7.14 5.19
C VAL A 64 9.80 6.31 4.04
N LYS A 65 11.08 5.96 4.13
CA LYS A 65 11.73 5.17 3.09
C LYS A 65 10.77 4.14 2.50
N MET A 66 10.91 3.88 1.21
CA MET A 66 10.04 2.92 0.52
C MET A 66 10.87 1.98 -0.34
N ASP A 67 10.85 0.69 -0.01
CA ASP A 67 11.60 -0.32 -0.75
C ASP A 67 11.01 -0.49 -2.15
N CYS A 68 9.70 -0.40 -2.25
CA CYS A 68 9.02 -0.56 -3.53
C CYS A 68 9.35 -1.90 -4.17
N GLN A 69 9.26 -2.96 -3.38
CA GLN A 69 9.56 -4.30 -3.85
C GLN A 69 8.38 -4.87 -4.64
N GLU A 70 8.69 -5.52 -5.76
CA GLU A 70 7.65 -6.11 -6.61
C GLU A 70 7.55 -7.61 -6.39
N THR A 71 6.33 -8.12 -6.33
CA THR A 71 6.09 -9.54 -6.11
C THR A 71 5.40 -10.18 -7.32
N PRO A 72 5.53 -11.51 -7.44
CA PRO A 72 4.93 -12.25 -8.55
C PRO A 72 3.40 -12.32 -8.45
N GLU A 73 2.89 -11.94 -7.29
CA GLU A 73 1.44 -11.96 -7.05
C GLU A 73 0.82 -10.61 -7.40
N GLY A 74 1.37 -9.54 -6.82
CA GLY A 74 0.86 -8.22 -7.08
C GLY A 74 1.91 -7.14 -6.87
N TYR A 75 1.99 -6.61 -5.66
CA TYR A 75 2.96 -5.57 -5.33
C TYR A 75 3.01 -5.33 -3.83
N LYS A 76 4.14 -5.69 -3.22
CA LYS A 76 4.33 -5.51 -1.79
C LYS A 76 4.88 -4.11 -1.49
N VAL A 77 4.43 -3.53 -0.37
CA VAL A 77 4.89 -2.21 0.03
C VAL A 77 5.49 -2.24 1.43
N MET A 78 6.57 -1.49 1.61
CA MET A 78 7.24 -1.43 2.91
C MET A 78 7.62 0.00 3.26
N TYR A 79 7.32 0.40 4.49
CA TYR A 79 7.63 1.75 4.96
C TYR A 79 7.68 1.81 6.47
N THR A 80 8.71 2.46 7.00
CA THR A 80 8.89 2.59 8.45
C THR A 80 8.90 4.05 8.87
N PRO A 81 7.92 4.45 9.68
CA PRO A 81 7.79 5.82 10.18
C PRO A 81 8.88 6.18 11.18
N MET A 82 10.00 6.69 10.67
CA MET A 82 11.12 7.07 11.53
C MET A 82 10.64 7.90 12.72
N ALA A 83 9.57 8.65 12.51
CA ALA A 83 9.01 9.49 13.57
C ALA A 83 7.49 9.35 13.64
N PRO A 84 6.93 9.52 14.85
CA PRO A 84 5.49 9.42 15.07
C PRO A 84 4.72 10.57 14.45
N GLY A 85 3.39 10.47 14.46
CA GLY A 85 2.56 11.52 13.89
C GLY A 85 1.39 10.97 13.11
N ASN A 86 0.83 11.78 12.22
CA ASN A 86 -0.31 11.37 11.41
C ASN A 86 0.05 11.33 9.93
N TYR A 87 0.08 10.13 9.37
CA TYR A 87 0.41 9.96 7.96
C TYR A 87 -0.83 9.63 7.14
N LEU A 88 -0.70 9.74 5.83
CA LEU A 88 -1.82 9.46 4.92
C LEU A 88 -1.37 8.58 3.76
N ILE A 89 -2.05 7.46 3.57
CA ILE A 89 -1.73 6.54 2.48
C ILE A 89 -2.77 6.60 1.37
N SER A 90 -2.32 6.99 0.18
CA SER A 90 -3.21 7.10 -0.97
C SER A 90 -2.81 6.11 -2.06
N VAL A 91 -3.77 5.34 -2.54
CA VAL A 91 -3.52 4.36 -3.59
C VAL A 91 -4.34 4.67 -4.85
N LYS A 92 -3.64 4.83 -5.97
CA LYS A 92 -4.29 5.13 -7.24
C LYS A 92 -4.06 4.01 -8.25
N TYR A 93 -5.11 3.63 -8.97
CA TYR A 93 -5.01 2.58 -9.98
C TYR A 93 -5.83 2.93 -11.21
N GLY A 94 -5.22 2.76 -12.38
CA GLY A 94 -5.90 3.07 -13.63
C GLY A 94 -6.21 4.55 -13.78
N GLY A 95 -5.24 5.39 -13.44
CA GLY A 95 -5.44 6.83 -13.53
C GLY A 95 -5.55 7.49 -12.18
N PRO A 96 -6.13 8.70 -12.15
CA PRO A 96 -6.31 9.47 -10.92
C PRO A 96 -7.36 8.85 -9.99
N ASN A 97 -8.19 7.97 -10.55
CA ASN A 97 -9.22 7.31 -9.77
C ASN A 97 -8.61 6.47 -8.65
N HIS A 98 -9.08 6.69 -7.42
CA HIS A 98 -8.59 5.96 -6.27
C HIS A 98 -9.44 4.73 -5.99
N ILE A 99 -8.92 3.84 -5.16
CA ILE A 99 -9.64 2.61 -4.82
C ILE A 99 -10.45 2.79 -3.54
N VAL A 100 -11.34 1.83 -3.26
CA VAL A 100 -12.17 1.88 -2.07
C VAL A 100 -11.32 1.81 -0.81
N GLY A 101 -11.75 2.54 0.22
CA GLY A 101 -11.02 2.54 1.47
C GLY A 101 -10.01 3.68 1.57
N SER A 102 -9.33 3.95 0.46
CA SER A 102 -8.34 5.01 0.41
C SER A 102 -9.00 6.37 0.25
N PRO A 103 -8.34 7.42 0.76
CA PRO A 103 -7.05 7.29 1.45
C PRO A 103 -7.19 6.58 2.79
N PHE A 104 -6.05 6.43 3.49
CA PHE A 104 -6.04 5.77 4.78
C PHE A 104 -5.33 6.63 5.83
N LYS A 105 -6.07 7.06 6.84
CA LYS A 105 -5.51 7.89 7.89
C LYS A 105 -4.95 7.03 9.03
N ALA A 106 -3.64 6.86 9.04
CA ALA A 106 -2.99 6.05 10.06
C ALA A 106 -2.38 6.94 11.14
N LYS A 107 -2.39 6.45 12.37
CA LYS A 107 -1.85 7.20 13.50
C LYS A 107 -0.63 6.49 14.09
N VAL A 108 0.52 7.15 14.04
CA VAL A 108 1.76 6.58 14.56
C VAL A 108 2.00 7.05 16.00
N THR A 109 2.27 6.09 16.89
CA THR A 109 2.53 6.39 18.28
C THR A 109 3.69 5.56 18.82
N GLY A 110 4.37 6.10 19.83
CA GLY A 110 5.49 5.39 20.42
C GLY A 110 6.56 6.35 20.93
N GLN A 111 7.83 5.93 20.82
CA GLN A 111 8.94 6.74 21.29
C GLN A 111 9.80 7.20 20.12
N ARG A 112 9.93 8.51 19.95
CA ARG A 112 10.72 9.08 18.87
C ARG A 112 12.08 8.39 18.77
N LEU A 113 12.57 8.23 17.55
CA LEU A 113 13.86 7.58 17.33
C LEU A 113 14.94 8.62 17.02
N VAL A 114 16.12 8.42 17.60
CA VAL A 114 17.23 9.34 17.38
C VAL A 114 18.43 8.62 16.79
N SER A 115 19.02 9.21 15.75
CA SER A 115 20.18 8.62 15.09
C SER A 115 21.21 8.15 16.11
N PRO A 116 21.89 7.03 15.79
CA PRO A 116 22.91 6.45 16.67
C PRO A 116 24.17 7.30 16.74
N GLY A 117 25.18 6.81 17.45
CA GLY A 117 26.42 7.55 17.58
C GLY A 117 27.45 7.14 16.55
N SER A 118 28.57 7.85 16.51
CA SER A 118 29.63 7.56 15.55
C SER A 118 30.79 6.85 16.24
N ALA A 119 31.03 5.60 15.83
CA ALA A 119 32.12 4.81 16.40
C ALA A 119 33.23 4.59 15.38
N ASN A 120 34.26 5.44 15.43
CA ASN A 120 35.38 5.33 14.51
C ASN A 120 35.82 3.88 14.35
N GLU A 121 36.59 3.61 13.29
CA GLU A 121 37.07 2.26 13.04
C GLU A 121 38.37 2.29 12.25
N THR A 122 39.46 1.86 12.88
CA THR A 122 40.77 1.85 12.25
C THR A 122 40.84 0.81 11.15
N SER A 123 41.66 1.06 10.14
CA SER A 123 41.82 0.14 9.02
C SER A 123 43.12 -0.65 9.14
N SER A 124 43.16 -1.81 8.49
CA SER A 124 44.35 -2.66 8.53
C SER A 124 45.04 -2.67 7.17
N ILE A 125 46.37 -2.80 7.19
CA ILE A 125 47.15 -2.83 5.96
C ILE A 125 46.43 -3.62 4.87
#